data_2Q6T
#
_entry.id   2Q6T
#
_cell.length_a   104.707
_cell.length_b   104.707
_cell.length_c   363.258
_cell.angle_alpha   90.00
_cell.angle_beta   90.00
_cell.angle_gamma   120.00
#
_symmetry.space_group_name_H-M   'P 31 2 1'
#
loop_
_entity.id
_entity.type
_entity.pdbx_description
1 polymer 'DnaB replication fork helicase'
2 non-polymer 'SULFATE ION'
3 water water
#
_entity_poly.entity_id   1
_entity_poly.type   'polypeptide(L)'
_entity_poly.pdbx_seq_one_letter_code
;MEGPIPPHSLEAEQSVLGSILLDSDVMDEVEGLLPSPEAFYAEAHRKIYAAMQALRSQGRPVDLVTLSEELSRRGQLEEV
GGTAYLLQLSEATPTAAYAEHYARIVAEKWTLRRLIQAAGEAMRLAYEEAGSLDEILDTAGKKILEVALTKTDTEARPMR
ELVHETFEHIEALFQNKGEVAGVRTGFKELDQLIGTLGPGSLNIIAARPAMGKTAFALTIAQNAALKEGVGVGIYSLEMP
AAQLTLRMMCSEARIDMNRVRLGQLTDRDFSRLVDVASRLSEAPIYIDDTPDLTLMEVRARARRLVSQNQVGLIIIDYLQ
LMSGPGSGKSGENRQQEIAAISRGLKALARELGIPIIALSQLSRAVEARPNKRPMLSDLRESGSIEQDADLVMFIYRDEY
YNPHSEKAGIAEIIVGKQRNGPTGTVELQFHASHVRFNDLARDA
;
_entity_poly.pdbx_strand_id   A,B,C,D
#
# COMPACT_ATOMS: atom_id res chain seq x y z
N ILE A 5 -14.38 -34.50 14.20
CA ILE A 5 -15.68 -34.70 14.88
C ILE A 5 -16.67 -33.56 14.53
N PRO A 6 -16.49 -32.93 13.34
CA PRO A 6 -17.15 -31.66 12.96
C PRO A 6 -18.65 -31.55 13.20
N PRO A 7 -19.11 -30.33 13.59
CA PRO A 7 -20.52 -30.02 13.85
C PRO A 7 -21.40 -30.11 12.60
N HIS A 8 -22.50 -30.83 12.74
CA HIS A 8 -23.47 -31.01 11.66
C HIS A 8 -24.79 -31.50 12.24
N SER A 9 -25.79 -31.59 11.37
CA SER A 9 -27.11 -32.07 11.75
C SER A 9 -27.68 -32.85 10.58
N LEU A 10 -27.49 -34.17 10.63
CA LEU A 10 -27.94 -35.08 9.60
C LEU A 10 -29.46 -34.97 9.42
N GLU A 11 -30.17 -34.88 10.53
CA GLU A 11 -31.64 -34.76 10.53
C GLU A 11 -32.12 -33.49 9.82
N ALA A 12 -31.43 -32.39 10.06
CA ALA A 12 -31.79 -31.12 9.42
C ALA A 12 -31.50 -31.16 7.93
N GLU A 13 -30.39 -31.78 7.54
CA GLU A 13 -30.04 -31.91 6.13
C GLU A 13 -31.10 -32.72 5.39
N GLN A 14 -31.53 -33.81 6.00
CA GLN A 14 -32.57 -34.68 5.45
C GLN A 14 -33.90 -33.96 5.35
N SER A 15 -34.27 -33.25 6.40
CA SER A 15 -35.50 -32.47 6.39
C SER A 15 -35.52 -31.43 5.27
N VAL A 16 -34.38 -30.76 5.05
CA VAL A 16 -34.25 -29.76 3.99
C VAL A 16 -34.46 -30.41 2.62
N LEU A 17 -33.65 -31.41 2.31
CA LEU A 17 -33.76 -32.10 1.04
C LEU A 17 -35.17 -32.67 0.90
N GLY A 18 -35.63 -33.34 1.95
CA GLY A 18 -36.96 -33.94 1.98
C GLY A 18 -38.06 -32.95 1.73
N SER A 19 -37.99 -31.77 2.36
CA SER A 19 -39.05 -30.78 2.18
C SER A 19 -39.01 -30.10 0.81
N ILE A 20 -37.83 -30.08 0.19
CA ILE A 20 -37.71 -29.62 -1.20
C ILE A 20 -38.43 -30.60 -2.14
N LEU A 21 -38.32 -31.89 -1.86
CA LEU A 21 -38.99 -32.92 -2.65
C LEU A 21 -40.51 -32.82 -2.52
N LEU A 22 -40.99 -32.45 -1.33
CA LEU A 22 -42.42 -32.27 -1.08
C LEU A 22 -43.00 -31.08 -1.82
N ASP A 23 -42.18 -30.04 -2.00
CA ASP A 23 -42.62 -28.81 -2.65
C ASP A 23 -41.38 -28.05 -3.13
N SER A 24 -41.14 -28.08 -4.44
CA SER A 24 -39.94 -27.46 -5.01
C SER A 24 -39.95 -25.93 -4.95
N ASP A 25 -41.06 -25.33 -4.55
CA ASP A 25 -41.13 -23.87 -4.45
C ASP A 25 -40.37 -23.34 -3.23
N VAL A 26 -40.19 -24.20 -2.23
CA VAL A 26 -39.44 -23.85 -1.01
C VAL A 26 -37.96 -23.62 -1.36
N MET A 27 -37.56 -24.14 -2.51
CA MET A 27 -36.23 -24.00 -3.08
C MET A 27 -35.77 -22.54 -3.10
N ASP A 28 -36.71 -21.63 -3.36
CA ASP A 28 -36.45 -20.18 -3.31
C ASP A 28 -35.84 -19.81 -1.97
N GLU A 29 -36.63 -20.11 -0.94
CA GLU A 29 -36.32 -19.85 0.46
C GLU A 29 -35.01 -20.52 0.86
N VAL A 30 -34.93 -21.83 0.63
CA VAL A 30 -33.78 -22.65 1.02
C VAL A 30 -32.46 -22.20 0.39
N GLU A 31 -32.49 -21.87 -0.90
CA GLU A 31 -31.27 -21.40 -1.59
C GLU A 31 -30.74 -20.10 -1.00
N GLY A 32 -31.64 -19.29 -0.45
CA GLY A 32 -31.26 -18.07 0.24
C GLY A 32 -30.34 -18.38 1.40
N LEU A 33 -30.76 -19.30 2.27
CA LEU A 33 -29.97 -19.69 3.44
C LEU A 33 -28.86 -20.67 3.11
N LEU A 34 -29.04 -21.48 2.06
CA LEU A 34 -28.04 -22.46 1.65
C LEU A 34 -27.70 -22.28 0.18
N PRO A 35 -26.88 -21.25 -0.15
CA PRO A 35 -26.53 -20.98 -1.55
C PRO A 35 -25.61 -22.04 -2.15
N SER A 36 -24.68 -22.56 -1.36
CA SER A 36 -23.67 -23.50 -1.85
C SER A 36 -23.82 -24.89 -1.26
N PRO A 37 -23.78 -25.92 -2.12
CA PRO A 37 -23.86 -27.30 -1.66
C PRO A 37 -22.87 -27.64 -0.54
N GLU A 38 -21.73 -26.94 -0.50
CA GLU A 38 -20.68 -27.22 0.50
C GLU A 38 -21.20 -27.15 1.94
N ALA A 39 -22.37 -26.53 2.13
CA ALA A 39 -23.03 -26.43 3.42
C ALA A 39 -23.36 -27.81 3.98
N PHE A 40 -23.64 -28.75 3.09
CA PHE A 40 -23.99 -30.11 3.48
C PHE A 40 -22.75 -30.91 3.89
N TYR A 41 -22.83 -31.51 5.08
CA TYR A 41 -21.72 -32.27 5.63
C TYR A 41 -21.57 -33.61 4.95
N ALA A 42 -22.69 -34.28 4.69
CA ALA A 42 -22.68 -35.60 4.05
C ALA A 42 -22.36 -35.49 2.56
N GLU A 43 -21.35 -36.23 2.12
CA GLU A 43 -20.96 -36.26 0.71
C GLU A 43 -22.17 -36.49 -0.18
N ALA A 44 -23.01 -37.45 0.23
CA ALA A 44 -24.23 -37.80 -0.47
C ALA A 44 -25.13 -36.58 -0.67
N HIS A 45 -25.56 -35.97 0.44
CA HIS A 45 -26.43 -34.79 0.40
C HIS A 45 -25.88 -33.66 -0.46
N ARG A 46 -24.57 -33.54 -0.50
CA ARG A 46 -23.92 -32.49 -1.24
C ARG A 46 -24.12 -32.71 -2.74
N LYS A 47 -24.10 -33.97 -3.15
CA LYS A 47 -24.33 -34.36 -4.55
C LYS A 47 -25.80 -34.12 -4.88
N ILE A 48 -26.70 -34.57 -4.00
CA ILE A 48 -28.13 -34.36 -4.19
C ILE A 48 -28.41 -32.88 -4.41
N TYR A 49 -28.00 -32.06 -3.44
CA TYR A 49 -28.26 -30.63 -3.46
C TYR A 49 -27.75 -29.94 -4.73
N ALA A 50 -26.51 -30.24 -5.11
CA ALA A 50 -25.92 -29.67 -6.32
C ALA A 50 -26.76 -29.97 -7.57
N ALA A 51 -27.35 -31.16 -7.61
CA ALA A 51 -28.20 -31.58 -8.71
C ALA A 51 -29.56 -30.88 -8.66
N MET A 52 -30.07 -30.62 -7.44
CA MET A 52 -31.35 -29.94 -7.27
C MET A 52 -31.27 -28.50 -7.74
N GLN A 53 -30.08 -27.93 -7.60
CA GLN A 53 -29.81 -26.56 -8.04
C GLN A 53 -29.74 -26.51 -9.56
N ALA A 54 -28.97 -27.41 -10.15
CA ALA A 54 -28.87 -27.52 -11.59
C ALA A 54 -30.24 -27.67 -12.23
N LEU A 55 -31.13 -28.42 -11.57
CA LEU A 55 -32.49 -28.59 -12.07
C LEU A 55 -33.25 -27.25 -12.08
N ARG A 56 -32.97 -26.40 -11.11
CA ARG A 56 -33.51 -25.04 -11.10
C ARG A 56 -32.77 -24.16 -12.10
N SER A 57 -31.47 -24.41 -12.22
CA SER A 57 -30.58 -23.75 -13.18
C SER A 57 -31.00 -24.06 -14.64
N GLN A 58 -31.88 -25.05 -14.80
CA GLN A 58 -32.43 -25.42 -16.08
C GLN A 58 -33.93 -25.15 -16.08
N GLY A 59 -34.44 -24.69 -14.94
CA GLY A 59 -35.84 -24.33 -14.80
C GLY A 59 -36.84 -25.48 -14.76
N ARG A 60 -36.35 -26.71 -14.70
CA ARG A 60 -37.22 -27.88 -14.64
C ARG A 60 -37.54 -28.27 -13.20
N PRO A 61 -38.83 -28.45 -12.88
CA PRO A 61 -39.35 -28.77 -11.53
C PRO A 61 -38.51 -29.81 -10.80
N VAL A 62 -38.16 -29.50 -9.56
CA VAL A 62 -37.36 -30.41 -8.73
C VAL A 62 -38.25 -31.37 -7.94
N ASP A 63 -38.24 -32.63 -8.34
CA ASP A 63 -39.03 -33.67 -7.64
C ASP A 63 -38.30 -35.01 -7.63
N LEU A 64 -38.94 -36.02 -7.07
CA LEU A 64 -38.34 -37.33 -6.94
C LEU A 64 -37.92 -37.92 -8.28
N VAL A 65 -38.71 -37.64 -9.32
CA VAL A 65 -38.49 -38.17 -10.67
C VAL A 65 -37.32 -37.52 -11.41
N THR A 66 -37.33 -36.19 -11.50
CA THR A 66 -36.32 -35.44 -12.24
C THR A 66 -34.95 -35.50 -11.57
N LEU A 67 -34.94 -35.63 -10.25
CA LEU A 67 -33.69 -35.69 -9.49
C LEU A 67 -32.91 -36.95 -9.79
N SER A 68 -33.61 -38.09 -9.85
CA SER A 68 -33.00 -39.37 -10.18
C SER A 68 -32.42 -39.27 -11.59
N GLU A 69 -33.18 -38.64 -12.46
CA GLU A 69 -32.81 -38.43 -13.86
C GLU A 69 -31.49 -37.66 -13.93
N GLU A 70 -31.40 -36.56 -13.17
CA GLU A 70 -30.21 -35.73 -13.16
C GLU A 70 -29.02 -36.39 -12.47
N LEU A 71 -29.27 -37.06 -11.36
CA LEU A 71 -28.21 -37.73 -10.60
C LEU A 71 -27.57 -38.88 -11.36
N SER A 72 -28.40 -39.82 -11.81
CA SER A 72 -27.93 -41.00 -12.55
C SER A 72 -27.16 -40.62 -13.81
N ARG A 73 -27.48 -39.44 -14.35
CA ARG A 73 -26.76 -38.89 -15.50
C ARG A 73 -25.31 -38.62 -15.09
N ARG A 74 -25.14 -37.84 -14.03
CA ARG A 74 -23.82 -37.54 -13.48
C ARG A 74 -23.20 -38.82 -12.93
N GLY A 75 -24.07 -39.73 -12.46
CA GLY A 75 -23.66 -41.06 -12.03
C GLY A 75 -23.77 -41.43 -10.56
N GLN A 76 -24.13 -40.47 -9.72
CA GLN A 76 -24.16 -40.72 -8.27
C GLN A 76 -25.44 -41.33 -7.69
N LEU A 77 -26.40 -41.70 -8.54
CA LEU A 77 -27.69 -42.21 -8.06
C LEU A 77 -27.56 -43.31 -7.00
N GLU A 78 -26.51 -44.12 -7.12
CA GLU A 78 -26.23 -45.17 -6.15
C GLU A 78 -25.39 -44.63 -4.99
N GLU A 79 -24.45 -43.74 -5.28
CA GLU A 79 -23.62 -43.12 -4.26
C GLU A 79 -24.48 -42.46 -3.20
N VAL A 80 -25.52 -41.75 -3.66
CA VAL A 80 -26.40 -40.97 -2.79
C VAL A 80 -27.37 -41.83 -1.96
N GLY A 81 -27.48 -43.11 -2.31
CA GLY A 81 -28.32 -44.04 -1.57
C GLY A 81 -29.42 -44.68 -2.39
N GLY A 82 -29.38 -44.47 -3.70
CA GLY A 82 -30.41 -44.99 -4.59
C GLY A 82 -31.69 -44.19 -4.47
N THR A 83 -32.66 -44.49 -5.32
CA THR A 83 -33.95 -43.82 -5.28
C THR A 83 -34.69 -44.15 -3.98
N ALA A 84 -34.23 -45.19 -3.30
CA ALA A 84 -34.76 -45.58 -2.00
C ALA A 84 -34.43 -44.53 -0.93
N TYR A 85 -33.21 -43.97 -0.98
CA TYR A 85 -32.82 -42.91 -0.06
C TYR A 85 -33.65 -41.68 -0.38
N LEU A 86 -33.80 -41.42 -1.68
CA LEU A 86 -34.59 -40.31 -2.16
C LEU A 86 -36.02 -40.43 -1.62
N LEU A 87 -36.61 -41.62 -1.77
CA LEU A 87 -37.94 -41.91 -1.22
C LEU A 87 -38.02 -41.58 0.27
N GLN A 88 -37.02 -42.07 1.02
CA GLN A 88 -36.96 -41.85 2.47
C GLN A 88 -36.89 -40.39 2.87
N LEU A 89 -36.21 -39.58 2.07
CA LEU A 89 -36.16 -38.15 2.34
C LEU A 89 -37.55 -37.52 2.27
N SER A 90 -38.37 -38.00 1.32
CA SER A 90 -39.73 -37.50 1.13
C SER A 90 -40.60 -37.72 2.37
N GLU A 91 -40.75 -38.99 2.74
CA GLU A 91 -41.58 -39.42 3.88
C GLU A 91 -41.05 -39.00 5.26
N ALA A 92 -39.73 -38.90 5.40
CA ALA A 92 -39.10 -38.52 6.66
C ALA A 92 -39.53 -37.13 7.16
N THR A 93 -40.37 -36.46 6.37
CA THR A 93 -40.89 -35.14 6.74
C THR A 93 -42.32 -34.95 6.24
N PRO A 94 -43.22 -34.48 7.12
CA PRO A 94 -44.64 -34.35 6.77
C PRO A 94 -45.03 -33.07 6.03
N THR A 95 -44.17 -32.04 6.06
CA THR A 95 -44.51 -30.75 5.45
C THR A 95 -43.33 -30.14 4.68
N ALA A 96 -43.59 -28.97 4.12
CA ALA A 96 -42.59 -28.18 3.42
C ALA A 96 -42.55 -26.79 4.06
N ALA A 97 -43.57 -26.53 4.90
CA ALA A 97 -43.75 -25.25 5.56
C ALA A 97 -42.60 -24.85 6.50
N TYR A 98 -41.73 -25.80 6.84
CA TYR A 98 -40.63 -25.51 7.76
C TYR A 98 -39.27 -25.46 7.07
N ALA A 99 -39.27 -25.50 5.73
CA ALA A 99 -38.03 -25.43 4.95
C ALA A 99 -36.99 -24.48 5.55
N GLU A 100 -37.35 -23.20 5.64
CA GLU A 100 -36.49 -22.17 6.24
C GLU A 100 -35.84 -22.60 7.53
N HIS A 101 -36.66 -23.12 8.45
CA HIS A 101 -36.19 -23.53 9.77
C HIS A 101 -35.03 -24.52 9.72
N TYR A 102 -35.19 -25.62 8.97
CA TYR A 102 -34.15 -26.62 8.88
C TYR A 102 -32.91 -26.10 8.15
N ALA A 103 -33.12 -25.20 7.20
CA ALA A 103 -32.02 -24.62 6.43
C ALA A 103 -31.15 -23.75 7.32
N ARG A 104 -31.77 -23.02 8.22
CA ARG A 104 -31.04 -22.17 9.16
C ARG A 104 -30.13 -23.03 10.03
N ILE A 105 -30.62 -24.21 10.44
CA ILE A 105 -29.82 -25.15 11.22
C ILE A 105 -28.58 -25.55 10.41
N VAL A 106 -28.80 -26.04 9.19
CA VAL A 106 -27.72 -26.51 8.33
C VAL A 106 -26.71 -25.40 8.04
N ALA A 107 -27.22 -24.20 7.79
CA ALA A 107 -26.40 -23.03 7.51
C ALA A 107 -25.49 -22.76 8.68
N GLU A 108 -26.06 -22.72 9.88
CA GLU A 108 -25.30 -22.44 11.09
C GLU A 108 -24.25 -23.49 11.41
N LYS A 109 -24.59 -24.78 11.29
CA LYS A 109 -23.61 -25.84 11.52
C LYS A 109 -22.42 -25.70 10.59
N TRP A 110 -22.66 -25.21 9.38
CA TRP A 110 -21.60 -25.05 8.39
C TRP A 110 -20.61 -23.97 8.78
N THR A 111 -21.14 -22.82 9.17
CA THR A 111 -20.32 -21.71 9.65
C THR A 111 -19.33 -22.21 10.72
N LEU A 112 -19.81 -23.00 11.66
CA LEU A 112 -18.92 -23.59 12.67
C LEU A 112 -17.80 -24.40 12.03
N ARG A 113 -18.13 -25.18 11.00
CA ARG A 113 -17.11 -25.96 10.31
C ARG A 113 -16.20 -25.00 9.56
N ARG A 114 -16.78 -23.93 9.06
CA ARG A 114 -16.05 -22.93 8.28
C ARG A 114 -15.03 -22.23 9.19
N LEU A 115 -15.47 -21.93 10.41
CA LEU A 115 -14.61 -21.37 11.44
C LEU A 115 -13.51 -22.36 11.83
N ILE A 116 -13.89 -23.63 12.06
CA ILE A 116 -12.92 -24.65 12.43
C ILE A 116 -11.77 -24.68 11.44
N GLN A 117 -12.12 -24.66 10.15
CA GLN A 117 -11.14 -24.68 9.08
C GLN A 117 -10.28 -23.44 9.07
N ALA A 118 -10.91 -22.28 9.18
CA ALA A 118 -10.16 -21.03 9.15
C ALA A 118 -9.17 -21.01 10.29
N ALA A 119 -9.60 -21.40 11.48
CA ALA A 119 -8.74 -21.44 12.66
C ALA A 119 -7.58 -22.40 12.44
N GLY A 120 -7.89 -23.59 11.92
CA GLY A 120 -6.87 -24.58 11.59
C GLY A 120 -5.89 -24.09 10.55
N GLU A 121 -6.37 -23.23 9.65
CA GLU A 121 -5.52 -22.64 8.62
C GLU A 121 -4.50 -21.72 9.29
N ALA A 122 -4.99 -20.86 10.18
CA ALA A 122 -4.14 -19.97 10.96
C ALA A 122 -3.10 -20.77 11.73
N MET A 123 -3.57 -21.83 12.38
CA MET A 123 -2.69 -22.67 13.16
C MET A 123 -1.59 -23.27 12.30
N ARG A 124 -1.96 -23.71 11.10
CA ARG A 124 -0.99 -24.31 10.18
C ARG A 124 0.02 -23.27 9.66
N LEU A 125 -0.43 -22.04 9.49
CA LEU A 125 0.42 -20.95 9.01
C LEU A 125 1.48 -20.58 10.03
N ALA A 126 1.12 -20.62 11.31
CA ALA A 126 2.05 -20.28 12.38
C ALA A 126 3.15 -21.32 12.50
N TYR A 127 2.77 -22.59 12.42
CA TYR A 127 3.74 -23.68 12.46
C TYR A 127 4.76 -23.60 11.32
N GLU A 128 4.29 -23.37 10.10
CA GLU A 128 5.16 -23.28 8.93
C GLU A 128 6.29 -22.25 9.09
N GLU A 129 5.95 -21.07 9.60
CA GLU A 129 6.90 -19.98 9.79
C GLU A 129 7.46 -19.39 8.49
N ALA A 130 6.81 -19.69 7.38
CA ALA A 130 7.15 -19.10 6.10
C ALA A 130 6.46 -17.75 6.09
N GLY A 131 7.19 -16.71 5.71
CA GLY A 131 6.62 -15.36 5.70
C GLY A 131 6.82 -14.68 7.03
N SER A 132 6.97 -13.35 7.00
CA SER A 132 7.19 -12.56 8.20
C SER A 132 6.01 -12.65 9.15
N LEU A 133 6.24 -12.28 10.40
CA LEU A 133 5.20 -12.31 11.42
C LEU A 133 3.97 -11.50 10.98
N ASP A 134 4.22 -10.33 10.39
CA ASP A 134 3.15 -9.48 9.89
C ASP A 134 2.28 -10.20 8.85
N GLU A 135 2.92 -10.90 7.92
CA GLU A 135 2.20 -11.65 6.89
C GLU A 135 1.40 -12.83 7.46
N ILE A 136 1.95 -13.50 8.46
CA ILE A 136 1.26 -14.62 9.08
C ILE A 136 0.00 -14.09 9.75
N LEU A 137 0.17 -13.12 10.64
CA LEU A 137 -0.95 -12.53 11.36
C LEU A 137 -1.95 -11.91 10.44
N ASP A 138 -1.48 -11.34 9.33
CA ASP A 138 -2.39 -10.75 8.35
C ASP A 138 -3.31 -11.81 7.74
N THR A 139 -2.73 -12.93 7.29
CA THR A 139 -3.52 -13.98 6.65
C THR A 139 -4.43 -14.67 7.67
N ALA A 140 -3.88 -14.98 8.84
CA ALA A 140 -4.65 -15.57 9.94
C ALA A 140 -5.91 -14.77 10.24
N GLY A 141 -5.76 -13.45 10.33
CA GLY A 141 -6.89 -12.57 10.59
C GLY A 141 -7.84 -12.45 9.42
N LYS A 142 -7.32 -12.46 8.20
CA LYS A 142 -8.16 -12.37 7.02
C LYS A 142 -9.09 -13.60 6.90
N LYS A 143 -8.53 -14.79 7.16
CA LYS A 143 -9.27 -16.04 7.09
C LYS A 143 -10.41 -16.05 8.07
N ILE A 144 -10.10 -15.70 9.32
CA ILE A 144 -11.07 -15.71 10.40
C ILE A 144 -12.15 -14.70 10.15
N LEU A 145 -11.74 -13.50 9.73
CA LEU A 145 -12.72 -12.46 9.51
C LEU A 145 -13.62 -12.78 8.31
N GLU A 146 -13.10 -13.54 7.35
CA GLU A 146 -13.88 -13.99 6.18
C GLU A 146 -15.08 -14.86 6.53
N VAL A 147 -14.97 -15.61 7.62
CA VAL A 147 -16.05 -16.51 8.02
C VAL A 147 -17.31 -15.74 8.37
N ALA A 148 -17.13 -14.54 8.93
CA ALA A 148 -18.27 -13.73 9.33
C ALA A 148 -18.73 -12.76 8.23
N LEU A 149 -17.86 -12.45 7.28
CA LEU A 149 -18.19 -11.42 6.28
C LEU A 149 -18.61 -11.94 4.91
N THR A 150 -18.25 -13.19 4.61
CA THR A 150 -18.61 -13.79 3.33
C THR A 150 -19.61 -14.91 3.59
N LYS A 151 -20.60 -15.04 2.72
CA LYS A 151 -21.66 -16.00 2.93
C LYS A 151 -21.25 -17.41 2.52
N THR A 152 -20.36 -17.51 1.54
CA THR A 152 -19.84 -18.80 1.06
C THR A 152 -18.33 -18.77 0.86
N ASP A 153 -17.78 -19.89 0.41
CA ASP A 153 -16.37 -20.01 0.09
C ASP A 153 -16.19 -20.01 -1.41
N THR A 154 -17.30 -20.13 -2.15
CA THR A 154 -17.31 -20.24 -3.61
C THR A 154 -16.46 -19.17 -4.29
N GLU A 155 -15.49 -19.63 -5.10
CA GLU A 155 -14.61 -18.75 -5.86
C GLU A 155 -15.38 -17.90 -6.87
N ALA A 156 -16.15 -18.56 -7.74
CA ALA A 156 -16.99 -17.85 -8.69
C ALA A 156 -18.46 -17.98 -8.32
N ARG A 157 -19.05 -16.88 -7.82
CA ARG A 157 -20.44 -16.87 -7.40
C ARG A 157 -21.43 -16.82 -8.58
N PRO A 158 -22.46 -17.69 -8.56
CA PRO A 158 -23.49 -17.73 -9.60
C PRO A 158 -24.35 -16.47 -9.59
N MET A 159 -24.80 -16.06 -10.77
CA MET A 159 -25.60 -14.87 -10.94
C MET A 159 -26.88 -14.90 -10.11
N ARG A 160 -27.53 -16.06 -10.07
CA ARG A 160 -28.77 -16.28 -9.31
C ARG A 160 -28.61 -15.87 -7.86
N GLU A 161 -27.53 -16.34 -7.24
CA GLU A 161 -27.19 -15.98 -5.87
C GLU A 161 -26.98 -14.47 -5.78
N LEU A 162 -26.19 -13.92 -6.71
CA LEU A 162 -25.87 -12.49 -6.73
C LEU A 162 -27.10 -11.61 -6.93
N VAL A 163 -27.95 -11.97 -7.90
CA VAL A 163 -29.17 -11.21 -8.20
C VAL A 163 -30.11 -11.21 -7.00
N HIS A 164 -30.20 -12.35 -6.32
CA HIS A 164 -31.03 -12.51 -5.13
C HIS A 164 -30.63 -11.51 -4.05
N GLU A 165 -29.33 -11.30 -3.89
CA GLU A 165 -28.80 -10.44 -2.85
C GLU A 165 -28.86 -8.97 -3.18
N THR A 166 -28.64 -8.61 -4.44
CA THR A 166 -28.69 -7.22 -4.82
C THR A 166 -30.14 -6.76 -4.78
N PHE A 167 -31.04 -7.64 -5.22
CA PHE A 167 -32.47 -7.34 -5.23
C PHE A 167 -33.04 -7.27 -3.81
N GLU A 168 -32.53 -8.13 -2.93
CA GLU A 168 -32.93 -8.12 -1.55
C GLU A 168 -32.55 -6.77 -0.93
N HIS A 169 -31.41 -6.23 -1.35
CA HIS A 169 -30.90 -4.95 -0.86
C HIS A 169 -31.68 -3.73 -1.40
N ILE A 170 -32.12 -3.79 -2.65
CA ILE A 170 -32.83 -2.67 -3.28
C ILE A 170 -34.33 -2.60 -2.95
N GLU A 171 -34.83 -3.52 -2.14
CA GLU A 171 -36.19 -3.42 -1.61
C GLU A 171 -36.16 -2.59 -0.34
N ALA A 172 -35.03 -2.66 0.36
CA ALA A 172 -34.81 -1.89 1.58
C ALA A 172 -34.46 -0.44 1.25
N VAL A 183 -22.30 4.87 2.72
CA VAL A 183 -21.86 6.10 3.38
C VAL A 183 -21.89 7.29 2.42
N ARG A 184 -22.45 8.40 2.89
CA ARG A 184 -22.63 9.58 2.08
C ARG A 184 -21.76 10.71 2.65
N THR A 185 -21.32 11.63 1.79
CA THR A 185 -20.43 12.71 2.22
C THR A 185 -21.13 13.77 3.06
N GLY A 186 -22.44 13.86 2.92
CA GLY A 186 -23.22 14.83 3.66
C GLY A 186 -23.34 16.16 2.95
N PHE A 187 -22.53 16.38 1.92
CA PHE A 187 -22.63 17.60 1.10
C PHE A 187 -23.61 17.36 -0.06
N LYS A 188 -24.83 17.87 0.10
CA LYS A 188 -25.93 17.63 -0.85
C LYS A 188 -25.59 17.72 -2.34
N GLU A 189 -24.83 18.74 -2.72
CA GLU A 189 -24.50 18.94 -4.13
C GLU A 189 -23.40 17.99 -4.61
N LEU A 190 -22.47 17.65 -3.72
CA LEU A 190 -21.41 16.70 -4.05
C LEU A 190 -22.00 15.30 -4.20
N ASP A 191 -22.88 14.95 -3.27
CA ASP A 191 -23.57 13.65 -3.27
C ASP A 191 -24.36 13.41 -4.54
N GLN A 192 -24.90 14.48 -5.12
CA GLN A 192 -25.62 14.40 -6.39
C GLN A 192 -24.68 13.97 -7.51
N LEU A 193 -23.44 14.50 -7.47
CA LEU A 193 -22.43 14.24 -8.48
C LEU A 193 -21.76 12.88 -8.36
N ILE A 194 -21.54 12.41 -7.13
CA ILE A 194 -20.79 11.18 -6.91
C ILE A 194 -21.55 10.03 -6.25
N GLY A 195 -22.75 10.30 -5.76
CA GLY A 195 -23.52 9.28 -5.04
C GLY A 195 -22.88 8.98 -3.71
N THR A 196 -23.01 7.74 -3.25
CA THR A 196 -22.41 7.32 -1.99
C THR A 196 -21.01 6.80 -2.23
N LEU A 197 -20.20 6.73 -1.18
CA LEU A 197 -18.88 6.10 -1.26
C LEU A 197 -19.13 4.62 -1.07
N GLY A 198 -19.13 3.89 -2.18
CA GLY A 198 -19.47 2.46 -2.20
C GLY A 198 -18.69 1.51 -1.30
N PRO A 199 -19.31 0.38 -0.93
CA PRO A 199 -18.63 -0.66 -0.15
C PRO A 199 -17.45 -1.24 -0.89
N GLY A 200 -16.31 -1.34 -0.21
CA GLY A 200 -15.11 -1.92 -0.78
C GLY A 200 -14.37 -1.02 -1.74
N SER A 201 -14.41 0.29 -1.47
CA SER A 201 -13.79 1.28 -2.36
C SER A 201 -12.74 2.12 -1.68
N LEU A 202 -11.68 2.43 -2.41
CA LEU A 202 -10.64 3.32 -1.93
C LEU A 202 -10.96 4.69 -2.50
N ASN A 203 -11.08 5.67 -1.60
CA ASN A 203 -11.41 7.03 -1.99
C ASN A 203 -10.29 7.94 -1.57
N ILE A 204 -9.83 8.77 -2.50
CA ILE A 204 -8.69 9.60 -2.20
C ILE A 204 -8.98 11.08 -2.23
N ILE A 205 -8.62 11.74 -1.13
CA ILE A 205 -8.70 13.18 -1.02
C ILE A 205 -7.26 13.66 -1.05
N ALA A 206 -6.87 14.31 -2.14
CA ALA A 206 -5.51 14.83 -2.31
C ALA A 206 -5.52 16.34 -2.52
N ALA A 207 -4.58 17.01 -1.85
CA ALA A 207 -4.43 18.45 -1.93
C ALA A 207 -3.07 18.85 -1.42
N ARG A 208 -2.70 20.12 -1.60
CA ARG A 208 -1.48 20.65 -0.99
C ARG A 208 -1.71 20.76 0.52
N PRO A 209 -0.63 20.78 1.31
CA PRO A 209 -0.81 20.91 2.75
C PRO A 209 -1.54 22.21 3.11
N ALA A 210 -2.26 22.18 4.23
CA ALA A 210 -3.02 23.33 4.74
C ALA A 210 -4.26 23.70 3.91
N MET A 211 -4.52 22.95 2.84
CA MET A 211 -5.73 23.17 2.02
C MET A 211 -7.01 22.81 2.76
N GLY A 212 -6.90 21.93 3.76
CA GLY A 212 -8.05 21.54 4.58
C GLY A 212 -8.65 20.17 4.31
N LYS A 213 -7.79 19.20 3.99
CA LYS A 213 -8.24 17.83 3.76
C LYS A 213 -8.82 17.22 5.02
N THR A 214 -8.10 17.39 6.14
CA THR A 214 -8.55 16.88 7.42
C THR A 214 -9.90 17.48 7.80
N ALA A 215 -9.99 18.81 7.79
CA ALA A 215 -11.26 19.47 8.11
C ALA A 215 -12.35 18.86 7.25
N PHE A 216 -12.06 18.74 5.96
CA PHE A 216 -13.01 18.17 5.03
C PHE A 216 -13.40 16.74 5.41
N ALA A 217 -12.40 15.89 5.67
CA ALA A 217 -12.63 14.49 6.04
C ALA A 217 -13.45 14.35 7.33
N LEU A 218 -13.11 15.15 8.34
CA LEU A 218 -13.83 15.12 9.61
C LEU A 218 -15.28 15.55 9.47
N THR A 219 -15.57 16.43 8.51
CA THR A 219 -16.96 16.80 8.24
C THR A 219 -17.72 15.56 7.74
N ILE A 220 -17.12 14.81 6.82
CA ILE A 220 -17.73 13.57 6.32
C ILE A 220 -17.93 12.61 7.50
N ALA A 221 -16.89 12.47 8.33
CA ALA A 221 -16.96 11.61 9.50
C ALA A 221 -18.13 11.96 10.40
N GLN A 222 -18.34 13.25 10.65
CA GLN A 222 -19.46 13.71 11.47
C GLN A 222 -20.80 13.49 10.81
N ASN A 223 -20.93 13.87 9.54
CA ASN A 223 -22.17 13.63 8.79
C ASN A 223 -22.58 12.17 8.75
N ALA A 224 -21.60 11.28 8.55
CA ALA A 224 -21.85 9.85 8.55
C ALA A 224 -22.22 9.33 9.94
N ALA A 225 -21.40 9.62 10.94
CA ALA A 225 -21.63 9.11 12.31
C ALA A 225 -22.82 9.74 13.03
N LEU A 226 -22.92 11.07 13.02
CA LEU A 226 -24.01 11.76 13.70
C LEU A 226 -25.33 11.77 12.94
N LYS A 227 -25.29 11.93 11.62
CA LYS A 227 -26.53 11.97 10.84
C LYS A 227 -27.00 10.61 10.35
N GLU A 228 -26.15 9.89 9.62
CA GLU A 228 -26.52 8.57 9.09
C GLU A 228 -26.42 7.48 10.17
N GLY A 229 -25.65 7.74 11.22
CA GLY A 229 -25.50 6.76 12.31
C GLY A 229 -24.59 5.59 12.01
N VAL A 230 -23.60 5.80 11.15
CA VAL A 230 -22.63 4.76 10.79
C VAL A 230 -21.29 4.96 11.51
N GLY A 231 -20.77 3.88 12.11
CA GLY A 231 -19.49 3.90 12.81
C GLY A 231 -18.34 4.21 11.87
N VAL A 232 -17.43 5.07 12.33
CA VAL A 232 -16.31 5.53 11.52
C VAL A 232 -15.00 5.56 12.32
N GLY A 233 -14.00 4.82 11.83
CA GLY A 233 -12.69 4.75 12.47
C GLY A 233 -11.69 5.67 11.78
N ILE A 234 -10.93 6.42 12.56
CA ILE A 234 -9.95 7.38 12.05
C ILE A 234 -8.53 6.99 12.45
N TYR A 235 -7.66 6.90 11.46
CA TYR A 235 -6.25 6.68 11.70
C TYR A 235 -5.58 8.05 11.57
N SER A 236 -5.51 8.71 12.72
CA SER A 236 -4.95 10.04 12.83
C SER A 236 -3.45 9.89 13.04
N LEU A 237 -2.73 9.72 11.94
CA LEU A 237 -1.29 9.52 11.98
C LEU A 237 -0.50 10.78 12.36
N GLU A 238 -1.05 11.95 12.06
CA GLU A 238 -0.36 13.20 12.32
C GLU A 238 -0.63 13.76 13.71
N MET A 239 -1.88 14.07 14.01
CA MET A 239 -2.17 14.68 15.29
C MET A 239 -2.71 13.68 16.31
N PRO A 240 -2.43 13.91 17.60
CA PRO A 240 -2.89 12.99 18.62
C PRO A 240 -4.41 13.10 18.80
N ALA A 241 -5.04 11.98 19.13
CA ALA A 241 -6.49 11.89 19.25
C ALA A 241 -7.09 13.02 20.08
N ALA A 242 -6.49 13.31 21.24
CA ALA A 242 -6.96 14.35 22.15
C ALA A 242 -7.19 15.69 21.46
N GLN A 243 -6.26 16.05 20.58
CA GLN A 243 -6.30 17.30 19.85
C GLN A 243 -7.33 17.30 18.75
N LEU A 244 -7.42 16.20 18.01
CA LEU A 244 -8.40 16.05 16.96
C LEU A 244 -9.79 16.26 17.54
N THR A 245 -9.97 15.78 18.78
CA THR A 245 -11.23 15.89 19.49
C THR A 245 -11.52 17.35 19.86
N LEU A 246 -10.50 18.06 20.33
CA LEU A 246 -10.64 19.47 20.68
C LEU A 246 -11.06 20.28 19.47
N ARG A 247 -10.44 20.00 18.32
CA ARG A 247 -10.72 20.70 17.07
C ARG A 247 -12.16 20.53 16.62
N MET A 248 -12.70 19.31 16.78
CA MET A 248 -14.08 19.05 16.39
C MET A 248 -15.06 19.77 17.29
N MET A 249 -14.76 19.78 18.59
CA MET A 249 -15.59 20.46 19.57
C MET A 249 -15.59 21.95 19.32
N CYS A 250 -14.39 22.53 19.28
CA CYS A 250 -14.21 23.96 19.12
C CYS A 250 -14.71 24.50 17.79
N SER A 251 -14.50 23.74 16.72
CA SER A 251 -14.96 24.16 15.40
C SER A 251 -16.46 24.30 15.41
N GLU A 252 -17.13 23.20 15.78
CA GLU A 252 -18.58 23.14 15.87
C GLU A 252 -19.13 24.27 16.73
N ALA A 253 -18.56 24.44 17.91
CA ALA A 253 -18.98 25.46 18.88
C ALA A 253 -18.52 26.87 18.54
N ARG A 254 -17.93 27.05 17.36
CA ARG A 254 -17.36 28.34 16.94
C ARG A 254 -16.46 28.99 18.01
N ILE A 255 -15.37 28.30 18.34
CA ILE A 255 -14.38 28.80 19.30
C ILE A 255 -12.98 28.51 18.76
N ASP A 256 -12.20 29.56 18.56
CA ASP A 256 -10.83 29.42 18.08
C ASP A 256 -9.93 29.09 19.28
N MET A 257 -9.70 27.80 19.48
CA MET A 257 -8.88 27.30 20.58
C MET A 257 -7.43 27.73 20.52
N ASN A 258 -7.00 28.14 19.33
CA ASN A 258 -5.64 28.63 19.09
C ASN A 258 -5.44 30.08 19.53
N ARG A 259 -6.52 30.86 19.57
CA ARG A 259 -6.48 32.23 20.06
C ARG A 259 -7.04 32.27 21.47
N VAL A 260 -8.30 31.87 21.59
CA VAL A 260 -9.05 31.96 22.83
C VAL A 260 -8.52 30.98 23.89
N ARG A 261 -8.14 31.52 25.04
CA ARG A 261 -7.69 30.73 26.17
C ARG A 261 -8.87 30.25 26.99
N LEU A 262 -8.60 29.46 28.01
CA LEU A 262 -9.65 28.92 28.88
C LEU A 262 -10.29 30.01 29.75
N GLY A 263 -9.47 30.75 30.49
CA GLY A 263 -9.95 31.82 31.37
C GLY A 263 -10.56 33.00 30.62
N GLN A 264 -10.69 32.84 29.31
CA GLN A 264 -11.25 33.89 28.45
C GLN A 264 -12.61 33.50 27.86
N LEU A 265 -13.09 32.32 28.23
CA LEU A 265 -14.39 31.83 27.77
C LEU A 265 -15.54 32.44 28.57
N THR A 266 -16.61 32.79 27.86
CA THR A 266 -17.82 33.30 28.50
C THR A 266 -18.49 32.08 29.10
N ASP A 267 -19.12 32.26 30.25
CA ASP A 267 -19.92 31.19 30.86
C ASP A 267 -20.90 30.55 29.85
N ARG A 268 -21.40 31.37 28.92
CA ARG A 268 -22.34 30.93 27.89
C ARG A 268 -21.72 30.01 26.84
N ASP A 269 -20.71 30.51 26.12
CA ASP A 269 -20.05 29.68 25.11
C ASP A 269 -19.25 28.53 25.71
N PHE A 270 -19.09 28.52 27.03
CA PHE A 270 -18.49 27.37 27.69
C PHE A 270 -19.50 26.22 27.72
N SER A 271 -20.71 26.50 28.20
CA SER A 271 -21.78 25.49 28.22
C SER A 271 -22.08 25.07 26.79
N ARG A 272 -21.88 26.01 25.87
CA ARG A 272 -22.09 25.80 24.46
C ARG A 272 -21.18 24.68 23.92
N LEU A 273 -19.91 24.66 24.33
CA LEU A 273 -19.05 23.59 23.87
C LEU A 273 -19.28 22.30 24.66
N VAL A 274 -19.84 22.41 25.87
CA VAL A 274 -20.24 21.23 26.64
C VAL A 274 -21.42 20.56 25.94
N ASP A 275 -22.29 21.36 25.33
CA ASP A 275 -23.40 20.84 24.53
C ASP A 275 -22.92 20.29 23.20
N VAL A 276 -21.98 20.99 22.56
CA VAL A 276 -21.37 20.47 21.34
C VAL A 276 -20.62 19.18 21.68
N ALA A 277 -20.01 19.16 22.86
CA ALA A 277 -19.28 17.98 23.34
C ALA A 277 -20.23 16.83 23.69
N SER A 278 -21.47 17.16 24.06
CA SER A 278 -22.46 16.14 24.35
C SER A 278 -22.85 15.38 23.09
N ARG A 279 -23.19 16.11 22.02
CA ARG A 279 -23.58 15.49 20.75
C ARG A 279 -22.47 14.65 20.15
N LEU A 280 -21.24 15.14 20.26
CA LEU A 280 -20.09 14.45 19.74
C LEU A 280 -19.85 13.15 20.50
N SER A 281 -20.02 13.19 21.81
CA SER A 281 -19.77 12.03 22.66
C SER A 281 -20.63 10.79 22.35
N GLU A 282 -21.77 11.00 21.70
CA GLU A 282 -22.67 9.91 21.34
C GLU A 282 -22.37 9.37 19.95
N ALA A 283 -21.50 10.05 19.22
CA ALA A 283 -21.16 9.63 17.87
C ALA A 283 -20.28 8.38 17.90
N PRO A 284 -20.58 7.39 17.05
CA PRO A 284 -19.74 6.20 16.96
C PRO A 284 -18.51 6.48 16.10
N ILE A 285 -17.63 7.35 16.60
CA ILE A 285 -16.37 7.65 15.92
C ILE A 285 -15.24 7.14 16.80
N TYR A 286 -14.36 6.35 16.20
CA TYR A 286 -13.25 5.76 16.91
C TYR A 286 -11.98 6.29 16.30
N ILE A 287 -11.09 6.84 17.12
CA ILE A 287 -9.85 7.43 16.62
C ILE A 287 -8.64 6.69 17.14
N ASP A 288 -7.80 6.21 16.23
CA ASP A 288 -6.54 5.57 16.57
C ASP A 288 -5.44 6.52 16.15
N ASP A 289 -4.62 6.96 17.10
CA ASP A 289 -3.58 7.92 16.80
C ASP A 289 -2.15 7.40 16.88
N THR A 290 -1.96 6.07 16.81
CA THR A 290 -0.63 5.46 16.78
C THR A 290 0.14 6.02 15.57
N PRO A 291 1.26 6.69 15.83
CA PRO A 291 1.88 7.63 14.88
C PRO A 291 2.60 7.15 13.60
N ASP A 292 2.94 5.88 13.47
CA ASP A 292 3.88 5.52 12.40
C ASP A 292 3.54 4.19 11.73
N LEU A 293 2.25 3.91 11.65
CA LEU A 293 1.75 2.60 11.23
C LEU A 293 2.17 2.10 9.85
N THR A 294 2.48 0.81 9.77
CA THR A 294 2.75 0.15 8.51
C THR A 294 1.41 -0.24 7.91
N LEU A 295 1.41 -0.65 6.64
CA LEU A 295 0.20 -1.13 5.99
C LEU A 295 -0.36 -2.33 6.74
N MET A 296 0.49 -3.33 6.96
CA MET A 296 0.09 -4.52 7.70
C MET A 296 -0.54 -4.15 9.05
N GLU A 297 0.05 -3.20 9.77
CA GLU A 297 -0.49 -2.78 11.06
C GLU A 297 -1.88 -2.17 10.90
N VAL A 298 -2.06 -1.31 9.91
CA VAL A 298 -3.37 -0.70 9.70
C VAL A 298 -4.41 -1.78 9.44
N ARG A 299 -4.05 -2.77 8.63
CA ARG A 299 -4.93 -3.89 8.36
C ARG A 299 -5.30 -4.62 9.65
N ALA A 300 -4.28 -5.00 10.42
CA ALA A 300 -4.50 -5.77 11.65
C ALA A 300 -5.42 -5.03 12.61
N ARG A 301 -5.19 -3.73 12.73
CA ARG A 301 -5.99 -2.89 13.59
C ARG A 301 -7.39 -2.75 13.05
N ALA A 302 -7.51 -2.59 11.72
CA ALA A 302 -8.81 -2.41 11.10
C ALA A 302 -9.74 -3.57 11.43
N ARG A 303 -9.23 -4.79 11.27
CA ARG A 303 -10.00 -5.99 11.57
C ARG A 303 -10.48 -6.02 13.02
N ARG A 304 -9.60 -5.69 13.97
CA ARG A 304 -10.00 -5.65 15.37
C ARG A 304 -11.09 -4.62 15.56
N LEU A 305 -10.90 -3.44 14.97
CA LEU A 305 -11.87 -2.35 15.09
C LEU A 305 -13.22 -2.77 14.53
N VAL A 306 -13.21 -3.20 13.28
CA VAL A 306 -14.42 -3.59 12.55
C VAL A 306 -15.24 -4.69 13.21
N SER A 307 -14.57 -5.60 13.92
CA SER A 307 -15.23 -6.72 14.56
C SER A 307 -15.76 -6.35 15.95
N GLN A 308 -15.06 -5.45 16.64
CA GLN A 308 -15.48 -4.99 17.95
C GLN A 308 -16.61 -3.97 17.85
N ASN A 309 -16.73 -3.31 16.70
CA ASN A 309 -17.70 -2.23 16.54
C ASN A 309 -18.33 -2.19 15.17
N GLN A 310 -19.56 -1.70 15.11
CA GLN A 310 -20.24 -1.48 13.85
C GLN A 310 -19.51 -0.32 13.20
N VAL A 311 -18.80 -0.62 12.11
CA VAL A 311 -17.99 0.39 11.42
C VAL A 311 -18.17 0.30 9.91
N GLY A 312 -18.65 1.38 9.33
CA GLY A 312 -18.87 1.43 7.88
C GLY A 312 -17.96 2.37 7.13
N LEU A 313 -17.00 2.97 7.82
CA LEU A 313 -16.07 3.92 7.20
C LEU A 313 -14.73 4.02 7.91
N ILE A 314 -13.65 4.03 7.14
CA ILE A 314 -12.32 4.20 7.68
C ILE A 314 -11.63 5.37 6.99
N ILE A 315 -10.91 6.19 7.77
CA ILE A 315 -10.15 7.32 7.25
C ILE A 315 -8.68 7.24 7.67
N ILE A 316 -7.77 7.30 6.69
CA ILE A 316 -6.34 7.30 6.92
C ILE A 316 -5.83 8.72 6.68
N ASP A 317 -5.34 9.35 7.74
CA ASP A 317 -4.85 10.73 7.69
C ASP A 317 -3.40 10.83 8.21
N TYR A 318 -2.41 10.87 7.33
CA TYR A 318 -2.56 10.78 5.87
C TYR A 318 -1.53 9.80 5.31
N LEU A 319 -1.71 9.39 4.05
CA LEU A 319 -0.86 8.37 3.40
C LEU A 319 0.64 8.49 3.59
N GLN A 320 1.17 9.70 3.42
CA GLN A 320 2.62 9.90 3.38
C GLN A 320 3.29 9.68 4.72
N LEU A 321 2.51 9.56 5.78
CA LEU A 321 3.08 9.30 7.10
C LEU A 321 3.16 7.82 7.45
N MET A 322 2.64 6.95 6.58
CA MET A 322 2.70 5.51 6.81
C MET A 322 4.10 4.95 6.53
N SER A 323 4.49 3.89 7.24
CA SER A 323 5.79 3.24 7.02
C SER A 323 5.70 2.11 6.02
N GLY A 324 6.86 1.68 5.54
CA GLY A 324 6.96 0.53 4.67
C GLY A 324 7.48 -0.63 5.50
N PRO A 325 7.53 -1.83 4.89
CA PRO A 325 8.14 -2.98 5.57
C PRO A 325 9.67 -2.88 5.59
N ASN A 333 11.38 4.60 -4.95
CA ASN A 333 11.01 3.62 -3.93
C ASN A 333 10.04 4.14 -2.86
N ARG A 334 10.10 5.44 -2.56
CA ARG A 334 9.15 6.07 -1.63
C ARG A 334 7.80 6.09 -2.36
N GLN A 335 7.86 6.22 -3.68
CA GLN A 335 6.69 6.11 -4.57
C GLN A 335 6.15 4.69 -4.50
N GLN A 336 7.08 3.74 -4.60
CA GLN A 336 6.77 2.31 -4.62
C GLN A 336 6.20 1.81 -3.30
N GLU A 337 6.66 2.40 -2.20
CA GLU A 337 6.11 2.11 -0.87
C GLU A 337 4.69 2.61 -0.82
N ILE A 338 4.49 3.86 -1.28
CA ILE A 338 3.17 4.48 -1.29
C ILE A 338 2.19 3.73 -2.21
N ALA A 339 2.70 3.23 -3.33
CA ALA A 339 1.91 2.45 -4.28
C ALA A 339 1.54 1.09 -3.72
N ALA A 340 2.43 0.52 -2.90
CA ALA A 340 2.16 -0.75 -2.26
C ALA A 340 1.14 -0.56 -1.13
N ILE A 341 1.21 0.58 -0.48
CA ILE A 341 0.28 0.94 0.58
C ILE A 341 -1.12 1.12 0.01
N SER A 342 -1.26 1.95 -1.03
CA SER A 342 -2.58 2.23 -1.60
C SER A 342 -3.21 0.96 -2.14
N ARG A 343 -2.38 0.08 -2.69
CA ARG A 343 -2.82 -1.22 -3.20
C ARG A 343 -3.39 -2.06 -2.04
N GLY A 344 -2.65 -2.07 -0.92
CA GLY A 344 -3.05 -2.80 0.28
C GLY A 344 -4.33 -2.26 0.90
N LEU A 345 -4.54 -0.95 0.80
CA LEU A 345 -5.74 -0.33 1.32
C LEU A 345 -6.95 -0.65 0.43
N LYS A 346 -6.72 -0.67 -0.89
CA LYS A 346 -7.76 -1.06 -1.84
C LYS A 346 -8.22 -2.45 -1.48
N ALA A 347 -7.25 -3.35 -1.26
CA ALA A 347 -7.52 -4.71 -0.85
C ALA A 347 -8.30 -4.75 0.45
N LEU A 348 -7.86 -3.98 1.44
CA LEU A 348 -8.53 -3.96 2.73
C LEU A 348 -9.99 -3.57 2.60
N ALA A 349 -10.24 -2.48 1.87
CA ALA A 349 -11.60 -2.01 1.62
C ALA A 349 -12.48 -3.15 1.12
N ARG A 350 -12.00 -3.83 0.08
CA ARG A 350 -12.69 -4.99 -0.50
C ARG A 350 -12.97 -6.08 0.53
N GLU A 351 -11.94 -6.41 1.31
CA GLU A 351 -12.04 -7.46 2.31
C GLU A 351 -13.09 -7.16 3.39
N LEU A 352 -13.24 -5.88 3.75
CA LEU A 352 -14.21 -5.49 4.75
C LEU A 352 -15.56 -5.09 4.18
N GLY A 353 -15.60 -4.78 2.88
CA GLY A 353 -16.83 -4.34 2.24
C GLY A 353 -17.33 -2.98 2.70
N ILE A 354 -16.40 -2.07 3.00
CA ILE A 354 -16.75 -0.71 3.42
C ILE A 354 -15.85 0.25 2.66
N PRO A 355 -16.26 1.53 2.51
CA PRO A 355 -15.37 2.46 1.83
C PRO A 355 -14.22 2.92 2.75
N ILE A 356 -13.05 3.16 2.16
CA ILE A 356 -11.94 3.74 2.90
C ILE A 356 -11.52 5.04 2.24
N ILE A 357 -11.43 6.10 3.05
CA ILE A 357 -10.90 7.38 2.60
C ILE A 357 -9.42 7.42 2.99
N ALA A 358 -8.57 7.75 2.02
CA ALA A 358 -7.18 7.99 2.31
C ALA A 358 -6.89 9.42 1.89
N LEU A 359 -6.31 10.20 2.79
CA LEU A 359 -5.90 11.57 2.48
C LEU A 359 -4.48 11.51 1.94
N SER A 360 -4.21 12.36 0.95
CA SER A 360 -2.89 12.41 0.34
C SER A 360 -2.38 13.83 0.14
N GLN A 361 -1.08 14.01 0.35
CA GLN A 361 -0.41 15.28 0.13
C GLN A 361 0.07 15.32 -1.30
N LEU A 362 0.28 16.52 -1.82
CA LEU A 362 0.77 16.66 -3.16
C LEU A 362 2.11 17.39 -3.16
N SER A 363 2.90 17.13 -4.20
CA SER A 363 4.20 17.75 -4.37
C SER A 363 4.08 19.26 -4.58
N ARG A 364 5.20 19.97 -4.42
CA ARG A 364 5.29 21.39 -4.77
C ARG A 364 5.18 21.57 -6.29
N ALA A 365 5.38 20.46 -7.00
CA ALA A 365 5.29 20.39 -8.45
C ALA A 365 3.99 21.00 -8.96
N VAL A 366 2.90 20.69 -8.27
CA VAL A 366 1.57 21.23 -8.57
C VAL A 366 1.60 22.77 -8.64
N GLU A 367 2.43 23.40 -7.81
CA GLU A 367 2.50 24.85 -7.68
C GLU A 367 3.44 25.54 -8.67
N ALA A 368 4.27 24.75 -9.37
CA ALA A 368 5.22 25.29 -10.34
C ALA A 368 4.60 25.48 -11.72
N ARG A 369 3.35 25.97 -11.74
CA ARG A 369 2.62 26.24 -12.97
C ARG A 369 1.54 27.31 -12.73
N PRO A 370 1.19 28.08 -13.79
CA PRO A 370 0.14 29.10 -13.68
C PRO A 370 -1.13 28.59 -12.99
N ASN A 371 -1.79 27.61 -13.60
CA ASN A 371 -3.00 27.03 -13.03
C ASN A 371 -2.70 26.07 -11.86
N LYS A 372 -2.60 26.64 -10.66
CA LYS A 372 -2.19 25.91 -9.46
C LYS A 372 -3.19 24.93 -8.84
N ARG A 373 -4.15 24.44 -9.63
CA ARG A 373 -5.10 23.47 -9.10
C ARG A 373 -4.79 22.04 -9.58
N PRO A 374 -4.98 21.04 -8.70
CA PRO A 374 -4.60 19.67 -9.04
C PRO A 374 -5.44 19.05 -10.15
N MET A 375 -4.92 17.98 -10.73
CA MET A 375 -5.59 17.19 -11.76
C MET A 375 -5.04 15.77 -11.65
N LEU A 376 -5.80 14.78 -12.11
CA LEU A 376 -5.37 13.38 -11.99
C LEU A 376 -3.88 13.11 -12.29
N SER A 377 -3.37 13.70 -13.36
CA SER A 377 -1.97 13.50 -13.74
C SER A 377 -1.00 13.68 -12.56
N ASP A 378 -1.22 14.72 -11.76
CA ASP A 378 -0.37 15.03 -10.59
C ASP A 378 -0.13 13.85 -9.66
N LEU A 379 -1.05 12.88 -9.65
CA LEU A 379 -0.94 11.73 -8.77
C LEU A 379 0.10 10.68 -9.19
N ARG A 380 0.34 10.54 -10.49
CA ARG A 380 1.32 9.54 -10.98
C ARG A 380 2.73 9.81 -10.45
N GLU A 381 2.89 10.96 -9.79
CA GLU A 381 4.13 11.36 -9.12
C GLU A 381 4.30 10.56 -7.82
N SER A 382 3.19 10.09 -7.25
CA SER A 382 3.22 9.26 -6.05
C SER A 382 2.86 7.78 -6.35
N GLY A 383 3.30 7.31 -7.52
CA GLY A 383 3.13 5.91 -7.94
C GLY A 383 1.82 5.53 -8.60
N SER A 384 1.65 4.22 -8.80
CA SER A 384 0.41 3.67 -9.37
C SER A 384 -0.70 3.62 -8.29
N ILE A 385 -1.13 4.82 -7.91
CA ILE A 385 -2.14 5.01 -6.89
C ILE A 385 -3.49 5.33 -7.53
N GLU A 386 -3.46 6.05 -8.64
CA GLU A 386 -4.65 6.38 -9.39
C GLU A 386 -5.39 5.11 -9.84
N GLN A 387 -4.62 4.11 -10.28
CA GLN A 387 -5.19 2.83 -10.72
C GLN A 387 -6.03 2.11 -9.68
N ASP A 388 -5.65 2.21 -8.41
CA ASP A 388 -6.40 1.53 -7.37
C ASP A 388 -7.41 2.38 -6.57
N ALA A 389 -7.53 3.65 -6.92
CA ALA A 389 -8.55 4.50 -6.29
C ALA A 389 -9.81 4.52 -7.14
N ASP A 390 -10.96 4.27 -6.51
CA ASP A 390 -12.25 4.28 -7.19
C ASP A 390 -12.75 5.72 -7.36
N LEU A 391 -12.48 6.55 -6.35
CA LEU A 391 -12.82 7.96 -6.39
C LEU A 391 -11.59 8.80 -6.08
N VAL A 392 -11.41 9.90 -6.82
CA VAL A 392 -10.32 10.85 -6.56
C VAL A 392 -10.86 12.28 -6.54
N MET A 393 -10.71 12.92 -5.38
CA MET A 393 -11.19 14.27 -5.16
C MET A 393 -10.07 15.18 -4.72
N PHE A 394 -9.90 16.29 -5.40
CA PHE A 394 -8.90 17.28 -5.06
C PHE A 394 -9.51 18.47 -4.32
N ILE A 395 -8.69 19.21 -3.58
CA ILE A 395 -9.16 20.40 -2.90
C ILE A 395 -8.31 21.60 -3.28
N TYR A 396 -8.96 22.60 -3.87
CA TYR A 396 -8.31 23.84 -4.25
C TYR A 396 -9.07 25.03 -3.71
N ARG A 397 -8.33 25.98 -3.15
CA ARG A 397 -8.90 27.22 -2.67
C ARG A 397 -8.10 28.36 -3.27
N ASP A 398 -8.81 29.40 -3.71
CA ASP A 398 -8.19 30.54 -4.38
C ASP A 398 -7.41 31.42 -3.41
N GLU A 399 -7.86 31.44 -2.15
CA GLU A 399 -7.22 32.21 -1.08
C GLU A 399 -5.82 31.73 -0.79
N TYR A 400 -5.54 30.48 -1.13
CA TYR A 400 -4.26 29.86 -0.85
C TYR A 400 -3.13 30.49 -1.67
N TYR A 401 -3.41 30.84 -2.92
CA TYR A 401 -2.39 31.39 -3.79
C TYR A 401 -2.64 32.82 -4.20
N ASN A 402 -3.69 33.41 -3.63
CA ASN A 402 -4.08 34.79 -3.91
C ASN A 402 -4.76 35.45 -2.72
N PRO A 403 -3.96 36.04 -1.81
CA PRO A 403 -4.47 36.68 -0.60
C PRO A 403 -5.67 37.56 -0.89
N HIS A 404 -5.64 38.30 -1.99
CA HIS A 404 -6.75 39.16 -2.38
C HIS A 404 -7.84 38.38 -3.09
N SER A 405 -7.53 37.94 -4.32
CA SER A 405 -8.50 37.31 -5.25
C SER A 405 -9.85 36.84 -4.68
N GLU A 406 -10.89 37.53 -5.15
CA GLU A 406 -12.28 37.48 -4.67
C GLU A 406 -12.98 36.15 -4.28
N LYS A 407 -12.45 35.00 -4.67
CA LYS A 407 -13.10 33.73 -4.31
C LYS A 407 -12.80 33.31 -2.86
N ALA A 408 -12.86 34.28 -1.95
CA ALA A 408 -12.52 34.07 -0.53
C ALA A 408 -13.20 32.88 0.15
N GLY A 409 -14.46 33.06 0.57
CA GLY A 409 -15.20 32.00 1.28
C GLY A 409 -15.40 30.70 0.53
N ILE A 410 -15.18 30.71 -0.77
CA ILE A 410 -15.41 29.55 -1.63
C ILE A 410 -14.20 28.64 -1.77
N ALA A 411 -14.45 27.33 -1.65
CA ALA A 411 -13.47 26.28 -1.84
C ALA A 411 -13.99 25.36 -2.92
N GLU A 412 -13.11 24.83 -3.77
CA GLU A 412 -13.58 23.95 -4.85
C GLU A 412 -13.06 22.51 -4.76
N ILE A 413 -13.98 21.56 -4.89
CA ILE A 413 -13.66 20.14 -4.84
C ILE A 413 -13.76 19.53 -6.23
N ILE A 414 -12.60 19.21 -6.79
CA ILE A 414 -12.48 18.69 -8.13
C ILE A 414 -12.46 17.18 -8.15
N VAL A 415 -13.55 16.58 -8.62
CA VAL A 415 -13.61 15.13 -8.77
C VAL A 415 -12.81 14.82 -10.03
N GLY A 416 -11.62 14.25 -9.83
CA GLY A 416 -10.74 13.89 -10.93
C GLY A 416 -11.13 12.55 -11.53
N LYS A 417 -11.65 11.65 -10.70
CA LYS A 417 -12.03 10.31 -11.12
C LYS A 417 -13.11 9.70 -10.24
N GLN A 418 -14.13 9.10 -10.87
CA GLN A 418 -15.20 8.38 -10.17
C GLN A 418 -15.88 7.39 -11.11
N ARG A 419 -16.78 6.56 -10.60
CA ARG A 419 -17.52 5.65 -11.47
C ARG A 419 -19.04 5.84 -11.56
N ASN A 420 -19.58 6.76 -10.76
CA ASN A 420 -21.03 6.99 -10.76
C ASN A 420 -21.48 8.17 -11.61
N GLY A 421 -20.53 8.87 -12.22
CA GLY A 421 -20.84 10.02 -13.06
C GLY A 421 -19.62 10.63 -13.69
N PRO A 422 -19.75 11.87 -14.19
CA PRO A 422 -18.61 12.49 -14.86
C PRO A 422 -17.68 13.23 -13.90
N THR A 423 -16.56 13.71 -14.44
CA THR A 423 -15.61 14.57 -13.75
C THR A 423 -16.36 15.88 -13.46
N GLY A 424 -15.78 16.73 -12.63
CA GLY A 424 -16.41 18.01 -12.35
C GLY A 424 -15.96 18.64 -11.05
N THR A 425 -15.98 19.96 -11.04
CA THR A 425 -15.63 20.73 -9.86
C THR A 425 -16.92 21.14 -9.17
N VAL A 426 -17.05 20.78 -7.90
CA VAL A 426 -18.17 21.21 -7.08
C VAL A 426 -17.61 22.17 -6.04
N GLU A 427 -18.36 23.22 -5.72
CA GLU A 427 -17.88 24.24 -4.80
C GLU A 427 -18.66 24.29 -3.48
N LEU A 428 -17.92 24.56 -2.40
CA LEU A 428 -18.47 24.63 -1.04
C LEU A 428 -17.95 25.87 -0.31
N GLN A 429 -18.56 26.18 0.83
CA GLN A 429 -18.13 27.31 1.65
C GLN A 429 -17.07 26.89 2.66
N PHE A 430 -16.04 27.72 2.77
CA PHE A 430 -14.95 27.49 3.71
C PHE A 430 -14.70 28.74 4.52
N HIS A 431 -14.95 28.63 5.83
CA HIS A 431 -14.71 29.73 6.74
C HIS A 431 -13.42 29.44 7.47
N ALA A 432 -12.36 30.15 7.10
CA ALA A 432 -11.02 29.99 7.67
C ALA A 432 -10.99 30.15 9.19
N SER A 433 -11.93 30.93 9.72
CA SER A 433 -12.05 31.20 11.15
C SER A 433 -11.96 29.94 12.02
N HIS A 434 -12.97 29.08 11.95
CA HIS A 434 -13.01 27.87 12.76
C HIS A 434 -12.82 26.61 11.92
N VAL A 435 -12.32 26.81 10.70
CA VAL A 435 -12.01 25.76 9.71
C VAL A 435 -13.18 24.79 9.51
N ARG A 436 -14.19 25.24 8.75
CA ARG A 436 -15.36 24.41 8.46
C ARG A 436 -15.70 24.37 6.96
N PHE A 437 -16.45 23.36 6.56
CA PHE A 437 -16.94 23.24 5.19
C PHE A 437 -18.45 23.13 5.24
N ASN A 438 -19.14 24.00 4.50
CA ASN A 438 -20.60 23.98 4.43
C ASN A 438 -21.09 23.94 2.99
N ASP A 439 -22.36 23.56 2.81
CA ASP A 439 -22.98 23.55 1.48
C ASP A 439 -23.10 24.97 0.95
N LEU A 440 -23.15 25.09 -0.38
CA LEU A 440 -23.22 26.39 -1.04
C LEU A 440 -24.67 26.82 -1.26
N GLU B 2 28.94 -10.99 8.33
CA GLU B 2 29.36 -10.61 9.71
C GLU B 2 28.19 -10.04 10.53
N GLY B 3 28.22 -10.26 11.84
CA GLY B 3 27.20 -9.74 12.72
C GLY B 3 26.57 -10.84 13.57
N PRO B 4 25.24 -10.92 13.57
CA PRO B 4 24.51 -11.90 14.37
C PRO B 4 24.83 -13.34 13.96
N ILE B 5 24.51 -14.30 14.83
CA ILE B 5 24.70 -15.71 14.53
C ILE B 5 23.86 -16.03 13.30
N PRO B 6 24.50 -16.55 12.23
CA PRO B 6 23.81 -16.86 10.98
C PRO B 6 22.57 -17.72 11.22
N PRO B 7 21.47 -17.45 10.51
CA PRO B 7 20.19 -18.14 10.69
C PRO B 7 20.26 -19.65 10.52
N HIS B 8 19.78 -20.36 11.55
CA HIS B 8 19.69 -21.81 11.56
C HIS B 8 18.74 -22.23 12.67
N SER B 9 18.30 -23.49 12.63
CA SER B 9 17.45 -24.02 13.68
C SER B 9 17.98 -25.38 14.15
N LEU B 10 18.77 -25.37 15.22
CA LEU B 10 19.32 -26.59 15.79
C LEU B 10 18.17 -27.55 16.12
N GLU B 11 17.14 -27.00 16.75
CA GLU B 11 15.92 -27.71 17.13
C GLU B 11 15.29 -28.43 15.93
N ALA B 12 15.42 -27.85 14.74
CA ALA B 12 14.88 -28.45 13.51
C ALA B 12 15.85 -29.40 12.83
N GLU B 13 17.14 -29.09 12.89
CA GLU B 13 18.18 -29.96 12.32
C GLU B 13 18.15 -31.33 12.98
N GLN B 14 18.04 -31.34 14.31
CA GLN B 14 17.96 -32.57 15.09
C GLN B 14 16.70 -33.35 14.74
N SER B 15 15.60 -32.61 14.61
CA SER B 15 14.29 -33.21 14.28
C SER B 15 14.28 -33.93 12.95
N VAL B 16 15.09 -33.46 12.00
CA VAL B 16 15.20 -34.13 10.71
C VAL B 16 16.03 -35.39 10.90
N LEU B 17 17.22 -35.24 11.51
CA LEU B 17 18.10 -36.36 11.77
C LEU B 17 17.40 -37.38 12.68
N GLY B 18 16.65 -36.89 13.66
CA GLY B 18 15.89 -37.73 14.58
C GLY B 18 14.81 -38.51 13.86
N SER B 19 14.21 -37.90 12.84
CA SER B 19 13.17 -38.55 12.05
C SER B 19 13.76 -39.66 11.20
N ILE B 20 14.87 -39.35 10.54
CA ILE B 20 15.59 -40.30 9.70
C ILE B 20 16.06 -41.47 10.55
N LEU B 21 16.29 -41.19 11.83
CA LEU B 21 16.74 -42.18 12.80
C LEU B 21 15.60 -43.11 13.22
N LEU B 22 14.38 -42.58 13.28
CA LEU B 22 13.19 -43.39 13.63
C LEU B 22 12.71 -44.24 12.46
N ASP B 23 12.20 -43.58 11.42
CA ASP B 23 11.73 -44.27 10.23
C ASP B 23 12.53 -43.78 9.03
N SER B 24 13.35 -44.67 8.46
CA SER B 24 14.24 -44.29 7.36
C SER B 24 13.57 -44.05 6.00
N ASP B 25 12.29 -44.41 5.88
CA ASP B 25 11.54 -44.20 4.64
C ASP B 25 11.27 -42.72 4.37
N VAL B 26 11.30 -41.91 5.43
CA VAL B 26 11.09 -40.47 5.34
C VAL B 26 12.28 -39.75 4.69
N MET B 27 13.43 -40.41 4.69
CA MET B 27 14.66 -39.86 4.11
C MET B 27 14.56 -39.63 2.60
N ASP B 28 13.80 -40.49 1.93
CA ASP B 28 13.56 -40.40 0.50
C ASP B 28 12.97 -39.03 0.11
N GLU B 29 12.10 -38.50 0.97
CA GLU B 29 11.43 -37.22 0.78
C GLU B 29 12.35 -36.07 1.20
N VAL B 30 12.92 -36.23 2.40
CA VAL B 30 13.86 -35.27 2.99
C VAL B 30 15.06 -34.98 2.09
N GLU B 31 15.49 -35.99 1.33
CA GLU B 31 16.65 -35.84 0.45
C GLU B 31 16.38 -34.92 -0.74
N GLY B 32 15.10 -34.79 -1.10
CA GLY B 32 14.68 -33.87 -2.16
C GLY B 32 14.82 -32.43 -1.72
N LEU B 33 14.49 -32.18 -0.46
CA LEU B 33 14.60 -30.85 0.14
C LEU B 33 16.02 -30.56 0.62
N LEU B 34 16.77 -31.62 0.95
CA LEU B 34 18.14 -31.49 1.42
C LEU B 34 19.11 -32.40 0.67
N PRO B 35 19.56 -31.97 -0.53
CA PRO B 35 20.53 -32.75 -1.31
C PRO B 35 21.89 -32.86 -0.61
N SER B 36 22.68 -31.79 -0.60
CA SER B 36 24.00 -31.82 0.03
C SER B 36 23.91 -31.52 1.53
N PRO B 37 24.75 -32.18 2.35
CA PRO B 37 24.76 -31.97 3.81
C PRO B 37 25.18 -30.57 4.24
N GLU B 38 25.54 -29.73 3.27
CA GLU B 38 25.99 -28.37 3.55
C GLU B 38 24.89 -27.52 4.20
N ALA B 39 23.64 -27.90 3.95
CA ALA B 39 22.49 -27.20 4.53
C ALA B 39 22.51 -27.20 6.05
N PHE B 40 23.12 -28.22 6.64
CA PHE B 40 23.26 -28.33 8.08
C PHE B 40 24.31 -27.35 8.59
N TYR B 41 23.93 -26.58 9.60
CA TYR B 41 24.82 -25.57 10.18
C TYR B 41 25.78 -26.18 11.19
N ALA B 42 25.25 -26.96 12.12
CA ALA B 42 26.06 -27.64 13.13
C ALA B 42 27.02 -28.61 12.44
N GLU B 43 28.30 -28.52 12.79
CA GLU B 43 29.34 -29.31 12.14
C GLU B 43 29.11 -30.82 12.28
N ALA B 44 28.75 -31.26 13.48
CA ALA B 44 28.47 -32.68 13.75
C ALA B 44 27.33 -33.18 12.86
N HIS B 45 26.25 -32.41 12.80
CA HIS B 45 25.07 -32.72 11.97
C HIS B 45 25.48 -32.93 10.51
N ARG B 46 26.32 -32.02 10.02
CA ARG B 46 26.83 -32.08 8.64
C ARG B 46 27.50 -33.43 8.40
N LYS B 47 28.39 -33.83 9.33
CA LYS B 47 29.03 -35.14 9.26
C LYS B 47 28.01 -36.27 9.28
N ILE B 48 27.07 -36.21 10.22
CA ILE B 48 26.04 -37.25 10.38
C ILE B 48 25.24 -37.44 9.09
N TYR B 49 24.63 -36.37 8.60
CA TYR B 49 23.82 -36.43 7.38
C TYR B 49 24.60 -36.94 6.17
N ALA B 50 25.86 -36.51 6.06
CA ALA B 50 26.73 -36.95 4.98
C ALA B 50 26.96 -38.45 5.06
N ALA B 51 26.96 -38.99 6.28
CA ALA B 51 27.16 -40.42 6.51
C ALA B 51 25.91 -41.24 6.21
N MET B 52 24.75 -40.76 6.64
CA MET B 52 23.47 -41.43 6.41
C MET B 52 23.17 -41.44 4.92
N GLN B 53 23.49 -40.32 4.27
CA GLN B 53 23.25 -40.14 2.85
C GLN B 53 24.06 -41.10 1.99
N ALA B 54 25.33 -41.27 2.34
CA ALA B 54 26.20 -42.19 1.65
C ALA B 54 25.85 -43.64 2.00
N LEU B 55 25.31 -43.83 3.21
CA LEU B 55 24.94 -45.15 3.74
C LEU B 55 23.81 -45.80 2.95
N ARG B 56 22.77 -45.04 2.65
CA ARG B 56 21.65 -45.55 1.85
C ARG B 56 21.93 -45.45 0.34
N SER B 57 22.94 -44.65 -0.01
CA SER B 57 23.36 -44.47 -1.40
C SER B 57 23.98 -45.75 -1.94
N GLN B 58 24.85 -46.38 -1.14
CA GLN B 58 25.46 -47.66 -1.52
C GLN B 58 24.45 -48.80 -1.46
N GLY B 59 23.36 -48.59 -0.72
CA GLY B 59 22.23 -49.54 -0.72
C GLY B 59 21.80 -50.24 0.56
N ARG B 60 22.21 -49.71 1.72
CA ARG B 60 21.79 -50.32 2.99
C ARG B 60 20.98 -49.35 3.88
N PRO B 61 20.13 -49.90 4.77
CA PRO B 61 19.25 -49.06 5.59
C PRO B 61 19.98 -48.24 6.66
N VAL B 62 19.52 -47.00 6.86
CA VAL B 62 20.12 -46.11 7.87
C VAL B 62 19.52 -46.33 9.27
N ASP B 63 20.21 -47.15 10.05
CA ASP B 63 19.82 -47.46 11.43
C ASP B 63 20.73 -46.78 12.44
N LEU B 64 20.32 -46.81 13.70
CA LEU B 64 21.10 -46.24 14.79
C LEU B 64 22.46 -46.94 14.91
N VAL B 65 22.47 -48.25 14.62
CA VAL B 65 23.70 -49.06 14.67
C VAL B 65 24.53 -48.92 13.39
N THR B 66 23.88 -49.04 12.23
CA THR B 66 24.55 -48.95 10.92
C THR B 66 25.22 -47.58 10.77
N LEU B 67 24.55 -46.55 11.29
CA LEU B 67 25.08 -45.19 11.31
C LEU B 67 26.40 -45.19 12.07
N SER B 68 26.33 -45.52 13.36
CA SER B 68 27.50 -45.52 14.25
C SER B 68 28.67 -46.38 13.79
N GLU B 69 28.39 -47.46 13.07
CA GLU B 69 29.43 -48.35 12.57
C GLU B 69 30.14 -47.64 11.41
N GLU B 70 29.35 -46.99 10.55
CA GLU B 70 29.87 -46.29 9.39
C GLU B 70 30.41 -44.90 9.79
N LEU B 71 29.95 -44.39 10.93
CA LEU B 71 30.40 -43.09 11.46
C LEU B 71 31.78 -43.27 12.08
N SER B 72 31.97 -44.39 12.78
CA SER B 72 33.25 -44.75 13.39
C SER B 72 34.26 -45.04 12.29
N ARG B 73 33.75 -45.59 11.18
CA ARG B 73 34.53 -45.92 9.99
C ARG B 73 35.27 -44.70 9.41
N ARG B 74 34.67 -43.52 9.53
CA ARG B 74 35.30 -42.27 9.08
C ARG B 74 36.18 -41.65 10.18
N GLY B 75 36.27 -42.34 11.32
CA GLY B 75 36.99 -41.85 12.49
C GLY B 75 36.37 -40.58 13.02
N GLN B 76 35.03 -40.53 13.01
CA GLN B 76 34.28 -39.33 13.39
C GLN B 76 33.19 -39.57 14.45
N LEU B 77 33.06 -40.81 14.95
CA LEU B 77 31.99 -41.15 15.89
C LEU B 77 32.10 -40.36 17.19
N GLU B 78 33.19 -40.57 17.92
CA GLU B 78 33.46 -39.86 19.17
C GLU B 78 33.68 -38.37 18.93
N GLU B 79 34.10 -38.04 17.71
CA GLU B 79 34.33 -36.67 17.27
C GLU B 79 32.99 -35.95 17.05
N VAL B 80 31.95 -36.70 16.67
CA VAL B 80 30.59 -36.16 16.48
C VAL B 80 29.87 -35.95 17.82
N GLY B 81 30.21 -36.78 18.80
CA GLY B 81 29.61 -36.71 20.13
C GLY B 81 29.15 -38.07 20.63
N GLY B 82 29.71 -39.12 20.04
CA GLY B 82 29.39 -40.50 20.41
C GLY B 82 27.99 -40.93 20.03
N THR B 83 27.66 -42.18 20.32
CA THR B 83 26.32 -42.72 20.07
C THR B 83 25.33 -42.21 21.12
N ALA B 84 25.88 -41.68 22.22
CA ALA B 84 25.08 -41.09 23.30
C ALA B 84 24.30 -39.89 22.77
N TYR B 85 24.87 -39.22 21.76
CA TYR B 85 24.22 -38.10 21.12
C TYR B 85 23.26 -38.55 20.00
N LEU B 86 23.51 -39.73 19.44
CA LEU B 86 22.62 -40.29 18.41
C LEU B 86 21.33 -40.75 19.08
N LEU B 87 21.46 -41.40 20.23
CA LEU B 87 20.31 -41.85 21.04
C LEU B 87 19.47 -40.67 21.53
N GLN B 88 20.16 -39.58 21.87
CA GLN B 88 19.53 -38.35 22.34
C GLN B 88 18.65 -37.76 21.24
N LEU B 89 19.05 -37.99 19.98
CA LEU B 89 18.27 -37.58 18.81
C LEU B 89 17.11 -38.53 18.51
N SER B 90 17.33 -39.82 18.74
CA SER B 90 16.29 -40.83 18.52
C SER B 90 15.03 -40.48 19.33
N GLU B 91 15.24 -40.02 20.56
CA GLU B 91 14.14 -39.68 21.46
C GLU B 91 13.83 -38.18 21.51
N ALA B 92 14.56 -37.38 20.73
CA ALA B 92 14.29 -35.95 20.64
C ALA B 92 12.94 -35.70 19.96
N THR B 93 12.56 -36.61 19.07
CA THR B 93 11.30 -36.52 18.34
C THR B 93 10.31 -37.61 18.75
N PRO B 94 9.02 -37.24 18.91
CA PRO B 94 7.99 -38.20 19.28
C PRO B 94 7.49 -39.10 18.14
N THR B 95 7.23 -38.53 16.96
CA THR B 95 6.61 -39.31 15.87
C THR B 95 7.42 -39.48 14.58
N ALA B 96 8.20 -38.46 14.20
CA ALA B 96 8.94 -38.45 12.93
C ALA B 96 8.00 -38.12 11.75
N ALA B 97 6.75 -37.82 12.07
CA ALA B 97 5.71 -37.52 11.08
C ALA B 97 5.88 -36.17 10.38
N TYR B 98 6.72 -35.29 10.92
CA TYR B 98 6.93 -33.96 10.33
C TYR B 98 8.28 -33.78 9.64
N ALA B 99 8.88 -34.89 9.22
CA ALA B 99 10.17 -34.86 8.53
C ALA B 99 10.16 -33.88 7.36
N GLU B 100 9.05 -33.85 6.63
CA GLU B 100 8.85 -32.95 5.48
C GLU B 100 8.90 -31.50 5.95
N HIS B 101 8.20 -31.22 7.05
CA HIS B 101 8.12 -29.89 7.64
C HIS B 101 9.47 -29.39 8.11
N TYR B 102 10.15 -30.15 8.97
CA TYR B 102 11.45 -29.77 9.50
C TYR B 102 12.54 -29.67 8.43
N ALA B 103 12.42 -30.47 7.37
CA ALA B 103 13.40 -30.46 6.29
C ALA B 103 13.40 -29.13 5.55
N ARG B 104 12.19 -28.61 5.30
CA ARG B 104 12.01 -27.36 4.59
C ARG B 104 12.58 -26.19 5.37
N ILE B 105 12.39 -26.19 6.70
CA ILE B 105 12.96 -25.19 7.59
C ILE B 105 14.48 -25.15 7.41
N VAL B 106 15.13 -26.30 7.60
CA VAL B 106 16.59 -26.39 7.47
C VAL B 106 17.04 -25.92 6.09
N ALA B 107 16.31 -26.33 5.06
CA ALA B 107 16.60 -25.94 3.67
C ALA B 107 16.58 -24.42 3.48
N GLU B 108 15.48 -23.79 3.90
CA GLU B 108 15.32 -22.35 3.76
C GLU B 108 16.34 -21.57 4.58
N LYS B 109 16.68 -22.06 5.77
CA LYS B 109 17.69 -21.40 6.60
C LYS B 109 19.05 -21.39 5.91
N TRP B 110 19.30 -22.39 5.06
CA TRP B 110 20.57 -22.49 4.35
C TRP B 110 20.69 -21.42 3.27
N THR B 111 19.65 -21.30 2.45
CA THR B 111 19.61 -20.28 1.40
C THR B 111 19.86 -18.91 2.03
N LEU B 112 19.12 -18.59 3.11
CA LEU B 112 19.31 -17.34 3.85
C LEU B 112 20.75 -17.18 4.31
N ARG B 113 21.34 -18.25 4.82
CA ARG B 113 22.73 -18.25 5.25
C ARG B 113 23.68 -18.00 4.09
N ARG B 114 23.41 -18.59 2.94
CA ARG B 114 24.31 -18.38 1.80
C ARG B 114 24.00 -17.11 1.01
N LEU B 115 22.91 -16.44 1.39
CA LEU B 115 22.62 -15.11 0.87
C LEU B 115 23.44 -14.11 1.67
N ILE B 116 23.55 -14.33 2.98
CA ILE B 116 24.42 -13.50 3.85
C ILE B 116 25.86 -13.59 3.35
N GLN B 117 26.25 -14.78 2.90
CA GLN B 117 27.57 -15.01 2.38
C GLN B 117 27.80 -14.19 1.11
N ALA B 118 26.89 -14.34 0.14
CA ALA B 118 27.02 -13.63 -1.13
C ALA B 118 27.15 -12.12 -0.91
N ALA B 119 26.18 -11.54 -0.20
CA ALA B 119 26.17 -10.10 0.10
C ALA B 119 27.43 -9.67 0.82
N GLY B 120 27.91 -10.49 1.74
CA GLY B 120 29.13 -10.18 2.49
C GLY B 120 30.31 -10.10 1.55
N GLU B 121 30.36 -11.02 0.57
CA GLU B 121 31.42 -11.00 -0.42
C GLU B 121 31.29 -9.77 -1.31
N ALA B 122 30.07 -9.49 -1.76
CA ALA B 122 29.78 -8.34 -2.62
C ALA B 122 30.27 -7.05 -1.98
N MET B 123 30.08 -6.91 -0.68
CA MET B 123 30.54 -5.75 0.07
C MET B 123 32.06 -5.63 0.07
N ARG B 124 32.73 -6.73 0.37
CA ARG B 124 34.18 -6.74 0.47
C ARG B 124 34.82 -6.29 -0.84
N LEU B 125 34.24 -6.75 -1.94
CA LEU B 125 34.72 -6.37 -3.28
C LEU B 125 34.60 -4.88 -3.51
N ALA B 126 33.53 -4.28 -2.99
CA ALA B 126 33.31 -2.84 -3.09
C ALA B 126 34.30 -2.05 -2.23
N TYR B 127 34.59 -2.53 -1.01
CA TYR B 127 35.61 -1.90 -0.17
C TYR B 127 37.01 -2.09 -0.74
N GLU B 128 37.42 -3.34 -0.94
CA GLU B 128 38.75 -3.67 -1.50
C GLU B 128 39.04 -2.85 -2.74
N GLU B 129 38.04 -2.72 -3.61
CA GLU B 129 38.09 -1.82 -4.76
C GLU B 129 39.10 -2.24 -5.83
N ALA B 130 39.33 -3.54 -5.97
CA ALA B 130 40.24 -4.04 -6.98
C ALA B 130 39.49 -4.27 -8.29
N GLY B 131 39.97 -3.62 -9.36
CA GLY B 131 39.36 -3.74 -10.69
C GLY B 131 38.42 -2.60 -11.04
N SER B 132 38.01 -2.55 -12.31
CA SER B 132 37.11 -1.51 -12.82
C SER B 132 35.79 -1.51 -12.08
N LEU B 133 35.01 -0.45 -12.27
CA LEU B 133 33.70 -0.35 -11.62
C LEU B 133 32.80 -1.46 -12.12
N ASP B 134 32.87 -1.74 -13.41
CA ASP B 134 32.06 -2.77 -14.05
C ASP B 134 32.42 -4.17 -13.57
N GLU B 135 33.71 -4.49 -13.54
CA GLU B 135 34.17 -5.80 -13.06
C GLU B 135 33.63 -6.08 -11.66
N ILE B 136 33.77 -5.10 -10.76
CA ILE B 136 33.27 -5.24 -9.40
C ILE B 136 31.77 -5.50 -9.42
N LEU B 137 31.01 -4.59 -10.03
CA LEU B 137 29.55 -4.70 -10.12
C LEU B 137 29.07 -6.00 -10.70
N ASP B 138 29.65 -6.42 -11.81
CA ASP B 138 29.25 -7.67 -12.45
C ASP B 138 29.52 -8.87 -11.53
N THR B 139 30.67 -8.87 -10.86
CA THR B 139 31.04 -9.97 -9.98
C THR B 139 30.11 -10.01 -8.76
N ALA B 140 30.02 -8.90 -8.06
CA ALA B 140 29.13 -8.77 -6.89
C ALA B 140 27.69 -9.10 -7.29
N GLY B 141 27.31 -8.68 -8.49
CA GLY B 141 26.00 -8.98 -9.04
C GLY B 141 25.82 -10.48 -9.19
N LYS B 142 26.70 -11.09 -10.00
CA LYS B 142 26.71 -12.55 -10.20
C LYS B 142 26.59 -13.29 -8.88
N LYS B 143 27.44 -12.96 -7.92
CA LYS B 143 27.47 -13.65 -6.63
C LYS B 143 26.12 -13.70 -5.94
N ILE B 144 25.41 -12.58 -5.94
CA ILE B 144 24.10 -12.49 -5.30
C ILE B 144 22.97 -13.09 -6.12
N LEU B 145 23.01 -12.94 -7.43
CA LEU B 145 21.95 -13.50 -8.27
C LEU B 145 21.99 -15.03 -8.32
N GLU B 146 23.13 -15.61 -7.96
CA GLU B 146 23.25 -17.07 -7.92
C GLU B 146 22.37 -17.66 -6.82
N VAL B 147 22.40 -17.02 -5.65
CA VAL B 147 21.61 -17.47 -4.50
C VAL B 147 20.14 -17.10 -4.70
N ALA B 148 19.91 -15.94 -5.31
CA ALA B 148 18.56 -15.40 -5.56
C ALA B 148 17.69 -16.25 -6.48
N LEU B 149 18.29 -17.23 -7.14
CA LEU B 149 17.57 -18.12 -8.07
C LEU B 149 17.67 -19.58 -7.64
N ALA B 156 13.17 -21.77 -19.45
CA ALA B 156 13.51 -22.94 -20.25
C ALA B 156 12.49 -24.03 -20.00
N ARG B 157 12.21 -24.84 -21.02
CA ARG B 157 11.14 -25.83 -20.93
C ARG B 157 11.41 -27.01 -21.88
N PRO B 158 11.65 -28.22 -21.32
CA PRO B 158 12.04 -29.41 -22.08
C PRO B 158 11.02 -29.80 -23.15
N MET B 159 11.49 -30.52 -24.17
CA MET B 159 10.62 -30.95 -25.25
C MET B 159 9.64 -32.02 -24.76
N ARG B 160 10.14 -32.93 -23.91
CA ARG B 160 9.34 -34.00 -23.31
C ARG B 160 7.96 -33.57 -22.86
N GLU B 161 7.91 -32.58 -21.96
CA GLU B 161 6.65 -32.11 -21.40
C GLU B 161 5.86 -31.28 -22.40
N LEU B 162 6.57 -30.62 -23.33
CA LEU B 162 5.91 -29.84 -24.37
C LEU B 162 5.13 -30.72 -25.36
N VAL B 163 5.71 -31.85 -25.74
CA VAL B 163 5.04 -32.79 -26.65
C VAL B 163 3.93 -33.51 -25.91
N HIS B 164 4.17 -33.80 -24.63
CA HIS B 164 3.19 -34.46 -23.78
C HIS B 164 1.92 -33.63 -23.63
N GLU B 165 2.11 -32.33 -23.39
CA GLU B 165 1.00 -31.39 -23.26
C GLU B 165 0.27 -31.19 -24.59
N THR B 166 1.04 -31.03 -25.67
CA THR B 166 0.48 -30.84 -27.02
C THR B 166 -0.31 -32.05 -27.51
N PHE B 167 0.31 -33.23 -27.45
CA PHE B 167 -0.33 -34.46 -27.91
C PHE B 167 -1.68 -34.69 -27.23
N GLU B 168 -1.72 -34.45 -25.92
CA GLU B 168 -2.95 -34.61 -25.13
C GLU B 168 -4.03 -33.60 -25.53
N HIS B 169 -3.61 -32.41 -25.94
CA HIS B 169 -4.51 -31.36 -26.41
C HIS B 169 -5.20 -31.74 -27.73
N ILE B 170 -4.46 -32.45 -28.58
CA ILE B 170 -4.98 -32.93 -29.86
C ILE B 170 -6.09 -33.96 -29.64
N GLU B 171 -5.87 -34.89 -28.70
CA GLU B 171 -6.87 -35.89 -28.34
C GLU B 171 -8.19 -35.26 -27.90
N ALA B 172 -8.10 -34.06 -27.33
CA ALA B 172 -9.27 -33.30 -26.92
C ALA B 172 -10.07 -32.83 -28.14
N LEU B 173 -9.37 -32.66 -29.26
CA LEU B 173 -9.98 -32.23 -30.53
C LEU B 173 -10.29 -33.41 -31.46
N VAL B 183 -18.51 -18.67 -29.67
CA VAL B 183 -19.32 -17.66 -29.00
C VAL B 183 -19.38 -16.35 -29.78
N ARG B 184 -20.57 -15.77 -29.90
CA ARG B 184 -20.73 -14.49 -30.59
C ARG B 184 -21.07 -13.37 -29.61
N THR B 185 -20.81 -12.12 -30.02
CA THR B 185 -20.94 -10.98 -29.11
C THR B 185 -22.36 -10.57 -28.76
N GLY B 186 -23.26 -10.66 -29.74
CA GLY B 186 -24.63 -10.20 -29.55
C GLY B 186 -24.89 -8.91 -30.31
N PHE B 187 -23.82 -8.22 -30.71
CA PHE B 187 -23.95 -7.02 -31.52
C PHE B 187 -23.93 -7.42 -32.99
N LYS B 188 -25.13 -7.58 -33.55
CA LYS B 188 -25.34 -8.02 -34.93
C LYS B 188 -24.30 -7.50 -35.93
N GLU B 189 -24.11 -6.19 -35.97
CA GLU B 189 -23.18 -5.61 -36.93
C GLU B 189 -21.72 -5.91 -36.65
N LEU B 190 -21.37 -6.01 -35.38
CA LEU B 190 -20.01 -6.38 -34.99
C LEU B 190 -19.76 -7.86 -35.31
N ASP B 191 -20.76 -8.70 -35.01
CA ASP B 191 -20.70 -10.13 -35.31
C ASP B 191 -20.62 -10.36 -36.80
N GLN B 192 -21.18 -9.43 -37.56
CA GLN B 192 -21.14 -9.52 -39.01
C GLN B 192 -19.69 -9.41 -39.48
N LEU B 193 -18.92 -8.56 -38.80
CA LEU B 193 -17.52 -8.35 -39.13
C LEU B 193 -16.62 -9.45 -38.55
N ILE B 194 -16.59 -9.57 -37.23
CA ILE B 194 -15.67 -10.52 -36.56
C ILE B 194 -16.11 -11.99 -36.57
N GLY B 195 -17.39 -12.24 -36.82
CA GLY B 195 -17.93 -13.59 -36.81
C GLY B 195 -18.13 -14.08 -35.39
N THR B 196 -17.28 -15.00 -34.96
CA THR B 196 -17.38 -15.61 -33.63
C THR B 196 -16.07 -15.45 -32.86
N LEU B 197 -16.17 -15.36 -31.53
CA LEU B 197 -14.97 -15.41 -30.70
C LEU B 197 -14.65 -16.90 -30.52
N GLY B 198 -13.79 -17.41 -31.39
CA GLY B 198 -13.42 -18.83 -31.44
C GLY B 198 -12.81 -19.39 -30.16
N PRO B 199 -12.78 -20.73 -30.04
CA PRO B 199 -12.18 -21.34 -28.85
C PRO B 199 -10.66 -21.22 -28.86
N GLY B 200 -10.07 -21.06 -27.68
CA GLY B 200 -8.63 -20.95 -27.52
C GLY B 200 -8.07 -19.59 -27.91
N SER B 201 -8.96 -18.64 -28.17
CA SER B 201 -8.56 -17.31 -28.62
C SER B 201 -8.47 -16.28 -27.50
N LEU B 202 -7.54 -15.36 -27.67
CA LEU B 202 -7.37 -14.24 -26.76
C LEU B 202 -7.92 -13.00 -27.47
N ASN B 203 -8.92 -12.39 -26.85
CA ASN B 203 -9.61 -11.25 -27.41
C ASN B 203 -9.40 -10.05 -26.52
N ILE B 204 -9.08 -8.91 -27.12
CA ILE B 204 -8.81 -7.73 -26.33
C ILE B 204 -9.67 -6.53 -26.66
N ILE B 205 -10.43 -6.09 -25.66
CA ILE B 205 -11.19 -4.86 -25.73
C ILE B 205 -10.33 -3.83 -25.02
N ALA B 206 -9.78 -2.89 -25.78
CA ALA B 206 -8.92 -1.85 -25.22
C ALA B 206 -9.50 -0.48 -25.47
N ALA B 207 -9.59 0.31 -24.40
CA ALA B 207 -10.08 1.67 -24.48
C ALA B 207 -9.58 2.42 -23.26
N ARG B 208 -9.79 3.73 -23.24
CA ARG B 208 -9.40 4.52 -22.08
C ARG B 208 -10.41 4.41 -20.93
N PRO B 209 -10.01 4.80 -19.71
CA PRO B 209 -10.96 4.75 -18.60
C PRO B 209 -12.27 5.50 -18.91
N ALA B 210 -13.39 4.95 -18.44
CA ALA B 210 -14.74 5.48 -18.65
C ALA B 210 -15.24 5.42 -20.11
N MET B 211 -14.61 4.60 -20.95
CA MET B 211 -15.03 4.46 -22.34
C MET B 211 -16.19 3.50 -22.55
N GLY B 212 -16.44 2.63 -21.57
CA GLY B 212 -17.52 1.67 -21.66
C GLY B 212 -17.11 0.20 -21.69
N LYS B 213 -15.82 -0.07 -21.73
CA LYS B 213 -15.29 -1.44 -21.73
C LYS B 213 -16.11 -2.43 -20.90
N THR B 214 -16.23 -2.16 -19.59
CA THR B 214 -16.96 -3.06 -18.68
C THR B 214 -18.44 -3.19 -19.07
N ALA B 215 -19.08 -2.05 -19.33
CA ALA B 215 -20.47 -2.02 -19.77
C ALA B 215 -20.60 -2.84 -21.04
N PHE B 216 -19.63 -2.67 -21.94
CA PHE B 216 -19.60 -3.36 -23.21
C PHE B 216 -19.38 -4.86 -23.01
N ALA B 217 -18.42 -5.20 -22.16
CA ALA B 217 -18.10 -6.58 -21.87
C ALA B 217 -19.31 -7.32 -21.26
N LEU B 218 -19.95 -6.71 -20.27
CA LEU B 218 -21.14 -7.31 -19.65
C LEU B 218 -22.28 -7.51 -20.65
N THR B 219 -22.40 -6.62 -21.64
CA THR B 219 -23.43 -6.80 -22.66
C THR B 219 -23.13 -8.09 -23.42
N ILE B 220 -21.86 -8.33 -23.70
CA ILE B 220 -21.44 -9.57 -24.36
C ILE B 220 -21.76 -10.75 -23.44
N ALA B 221 -21.44 -10.61 -22.15
CA ALA B 221 -21.66 -11.65 -21.17
C ALA B 221 -23.12 -12.06 -21.10
N GLN B 222 -24.00 -11.08 -20.94
CA GLN B 222 -25.45 -11.31 -20.87
C GLN B 222 -25.95 -12.00 -22.13
N ASN B 223 -25.46 -11.53 -23.28
CA ASN B 223 -25.82 -12.10 -24.58
C ASN B 223 -25.45 -13.56 -24.73
N ALA B 224 -24.19 -13.88 -24.45
CA ALA B 224 -23.71 -15.26 -24.52
C ALA B 224 -24.51 -16.20 -23.62
N ALA B 225 -24.73 -15.78 -22.37
CA ALA B 225 -25.39 -16.61 -21.36
C ALA B 225 -26.91 -16.74 -21.49
N LEU B 226 -27.58 -15.66 -21.85
CA LEU B 226 -29.04 -15.65 -21.95
C LEU B 226 -29.57 -15.91 -23.35
N LYS B 227 -28.74 -15.66 -24.36
CA LYS B 227 -29.14 -15.84 -25.74
C LYS B 227 -28.68 -17.21 -26.23
N GLU B 228 -27.42 -17.53 -25.97
CA GLU B 228 -26.82 -18.76 -26.49
C GLU B 228 -26.64 -19.88 -25.48
N GLY B 229 -27.01 -19.63 -24.22
CA GLY B 229 -26.94 -20.63 -23.16
C GLY B 229 -25.55 -21.03 -22.70
N VAL B 230 -24.52 -20.37 -23.23
CA VAL B 230 -23.14 -20.67 -22.83
C VAL B 230 -22.77 -19.93 -21.53
N GLY B 231 -22.24 -20.67 -20.56
CA GLY B 231 -21.83 -20.08 -19.29
C GLY B 231 -20.61 -19.20 -19.43
N VAL B 232 -20.62 -18.06 -18.74
CA VAL B 232 -19.48 -17.13 -18.78
C VAL B 232 -18.92 -16.90 -17.37
N GLY B 233 -17.61 -16.79 -17.29
CA GLY B 233 -16.93 -16.55 -16.03
C GLY B 233 -16.25 -15.21 -16.07
N ILE B 234 -16.57 -14.35 -15.12
CA ILE B 234 -16.00 -13.02 -15.07
C ILE B 234 -15.07 -12.83 -13.88
N TYR B 235 -13.85 -12.40 -14.18
CA TYR B 235 -12.91 -12.06 -13.14
C TYR B 235 -12.94 -10.56 -12.89
N SER B 236 -13.79 -10.15 -11.96
CA SER B 236 -13.95 -8.76 -11.63
C SER B 236 -12.89 -8.36 -10.64
N LEU B 237 -11.85 -7.73 -11.15
CA LEU B 237 -10.74 -7.29 -10.33
C LEU B 237 -10.93 -5.85 -9.85
N GLU B 238 -11.64 -5.05 -10.66
CA GLU B 238 -11.83 -3.63 -10.35
C GLU B 238 -12.84 -3.40 -9.22
N MET B 239 -14.05 -3.92 -9.39
CA MET B 239 -15.10 -3.71 -8.39
C MET B 239 -15.66 -5.03 -7.82
N PRO B 240 -16.23 -4.97 -6.59
CA PRO B 240 -16.86 -6.16 -6.01
C PRO B 240 -18.02 -6.72 -6.85
N ALA B 241 -18.19 -8.04 -6.81
CA ALA B 241 -19.21 -8.78 -7.57
C ALA B 241 -20.63 -8.26 -7.42
N ALA B 242 -21.03 -7.97 -6.18
CA ALA B 242 -22.37 -7.47 -5.88
C ALA B 242 -22.61 -6.11 -6.52
N GLN B 243 -21.58 -5.28 -6.54
CA GLN B 243 -21.66 -3.95 -7.17
C GLN B 243 -21.77 -4.05 -8.68
N LEU B 244 -20.92 -4.88 -9.27
CA LEU B 244 -20.94 -5.11 -10.72
C LEU B 244 -22.34 -5.50 -11.17
N THR B 245 -23.00 -6.33 -10.37
CA THR B 245 -24.37 -6.81 -10.62
C THR B 245 -25.36 -5.66 -10.60
N LEU B 246 -25.30 -4.84 -9.56
CA LEU B 246 -26.18 -3.68 -9.41
C LEU B 246 -26.09 -2.76 -10.62
N ARG B 247 -24.87 -2.43 -11.03
CA ARG B 247 -24.64 -1.59 -12.21
C ARG B 247 -25.33 -2.17 -13.44
N MET B 248 -25.08 -3.46 -13.66
CA MET B 248 -25.62 -4.21 -14.79
C MET B 248 -27.15 -4.32 -14.78
N MET B 249 -27.74 -4.47 -13.59
CA MET B 249 -29.19 -4.52 -13.44
C MET B 249 -29.82 -3.16 -13.72
N CYS B 250 -29.13 -2.09 -13.33
CA CYS B 250 -29.63 -0.73 -13.50
C CYS B 250 -29.52 -0.24 -14.93
N SER B 251 -28.63 -0.86 -15.69
CA SER B 251 -28.44 -0.54 -17.09
C SER B 251 -29.61 -1.05 -17.90
N GLU B 252 -29.90 -2.33 -17.74
CA GLU B 252 -30.98 -2.99 -18.47
C GLU B 252 -32.31 -2.36 -18.14
N ALA B 253 -32.55 -2.13 -16.84
CA ALA B 253 -33.77 -1.48 -16.38
C ALA B 253 -33.86 -0.03 -16.87
N ARG B 254 -32.82 0.41 -17.58
CA ARG B 254 -32.75 1.74 -18.19
C ARG B 254 -32.91 2.86 -17.14
N ILE B 255 -32.28 2.66 -15.99
CA ILE B 255 -32.34 3.62 -14.89
C ILE B 255 -31.20 4.63 -15.01
N ASP B 256 -31.54 5.91 -15.14
CA ASP B 256 -30.56 6.98 -15.29
C ASP B 256 -29.66 7.08 -14.06
N MET B 257 -28.38 7.33 -14.31
CA MET B 257 -27.40 7.44 -13.24
C MET B 257 -27.72 8.52 -12.21
N ASN B 258 -28.39 9.57 -12.67
CA ASN B 258 -28.79 10.68 -11.80
C ASN B 258 -29.64 10.24 -10.62
N ARG B 259 -30.62 9.36 -10.87
CA ARG B 259 -31.49 8.84 -9.80
C ARG B 259 -31.01 7.52 -9.19
N VAL B 260 -29.85 7.04 -9.62
CA VAL B 260 -29.22 5.87 -8.98
C VAL B 260 -28.46 6.37 -7.76
N ARG B 261 -27.55 7.32 -7.99
CA ARG B 261 -26.73 7.93 -6.94
C ARG B 261 -27.45 9.07 -6.20
N LEU B 265 -35.19 6.79 -6.17
CA LEU B 265 -35.46 6.20 -7.48
C LEU B 265 -36.95 6.00 -7.78
N THR B 266 -37.32 6.18 -9.05
CA THR B 266 -38.71 6.13 -9.55
C THR B 266 -39.37 4.75 -9.40
N ASP B 267 -40.67 4.76 -9.11
CA ASP B 267 -41.47 3.54 -9.00
C ASP B 267 -41.60 2.79 -10.34
N ARG B 268 -41.54 3.54 -11.45
CA ARG B 268 -41.57 2.96 -12.79
C ARG B 268 -40.34 2.09 -13.00
N ASP B 269 -39.23 2.51 -12.41
CA ASP B 269 -37.95 1.82 -12.51
C ASP B 269 -37.97 0.47 -11.80
N PHE B 270 -38.60 0.45 -10.62
CA PHE B 270 -38.66 -0.76 -9.80
C PHE B 270 -39.25 -1.95 -10.54
N SER B 271 -40.39 -1.74 -11.19
CA SER B 271 -41.03 -2.80 -11.98
C SER B 271 -40.13 -3.28 -13.13
N ARG B 272 -39.38 -2.36 -13.74
CA ARG B 272 -38.43 -2.72 -14.79
C ARG B 272 -37.31 -3.56 -14.18
N LEU B 273 -36.92 -3.18 -12.96
CA LEU B 273 -35.85 -3.83 -12.23
C LEU B 273 -36.27 -5.24 -11.79
N VAL B 274 -37.56 -5.42 -11.50
CA VAL B 274 -38.09 -6.74 -11.14
C VAL B 274 -37.99 -7.70 -12.33
N ASP B 275 -38.39 -7.23 -13.51
CA ASP B 275 -38.29 -8.01 -14.74
C ASP B 275 -36.85 -8.39 -14.99
N VAL B 276 -35.98 -7.39 -14.99
CA VAL B 276 -34.55 -7.56 -15.23
C VAL B 276 -33.96 -8.59 -14.27
N ALA B 277 -34.28 -8.45 -12.99
CA ALA B 277 -33.82 -9.39 -11.96
C ALA B 277 -34.31 -10.79 -12.28
N SER B 278 -35.57 -10.90 -12.68
CA SER B 278 -36.19 -12.18 -13.00
C SER B 278 -35.53 -12.92 -14.17
N ARG B 279 -35.13 -12.17 -15.21
CA ARG B 279 -34.50 -12.76 -16.39
C ARG B 279 -33.06 -13.14 -16.14
N LEU B 280 -32.37 -12.33 -15.33
CA LEU B 280 -30.94 -12.48 -15.06
C LEU B 280 -30.61 -13.59 -14.06
N SER B 281 -31.60 -13.98 -13.25
CA SER B 281 -31.45 -15.10 -12.32
C SER B 281 -31.21 -16.42 -13.06
N GLU B 282 -31.68 -16.47 -14.31
CA GLU B 282 -31.57 -17.63 -15.18
C GLU B 282 -30.20 -17.73 -15.83
N ALA B 283 -29.51 -16.60 -15.94
CA ALA B 283 -28.23 -16.50 -16.62
C ALA B 283 -27.05 -17.22 -15.94
N PRO B 284 -26.45 -18.21 -16.64
CA PRO B 284 -25.23 -18.83 -16.12
C PRO B 284 -24.02 -17.89 -16.24
N ILE B 285 -23.94 -16.94 -15.31
CA ILE B 285 -22.80 -16.03 -15.25
C ILE B 285 -22.22 -16.14 -13.85
N TYR B 286 -20.94 -16.54 -13.78
CA TYR B 286 -20.25 -16.73 -12.51
C TYR B 286 -19.16 -15.68 -12.38
N ILE B 287 -19.17 -14.97 -11.25
CA ILE B 287 -18.28 -13.84 -11.04
C ILE B 287 -17.33 -14.04 -9.86
N ASP B 288 -16.04 -14.05 -10.17
CA ASP B 288 -14.97 -14.17 -9.19
C ASP B 288 -14.43 -12.76 -8.98
N ASP B 289 -14.69 -12.20 -7.80
CA ASP B 289 -14.26 -10.84 -7.50
C ASP B 289 -13.00 -10.73 -6.64
N THR B 290 -12.21 -11.81 -6.57
CA THR B 290 -10.96 -11.82 -5.81
C THR B 290 -10.01 -10.68 -6.27
N PRO B 291 -9.69 -9.75 -5.35
CA PRO B 291 -8.94 -8.49 -5.54
C PRO B 291 -7.77 -8.43 -6.54
N ASP B 292 -6.61 -9.01 -6.25
CA ASP B 292 -5.52 -8.93 -7.23
C ASP B 292 -4.73 -10.22 -7.49
N LEU B 293 -5.28 -11.02 -8.39
CA LEU B 293 -4.73 -12.33 -8.71
C LEU B 293 -3.56 -12.25 -9.66
N THR B 294 -2.60 -13.14 -9.44
CA THR B 294 -1.48 -13.31 -10.35
C THR B 294 -1.98 -14.19 -11.50
N LEU B 295 -1.16 -14.35 -12.54
CA LEU B 295 -1.53 -15.17 -13.69
C LEU B 295 -1.70 -16.63 -13.27
N MET B 296 -0.79 -17.10 -12.41
CA MET B 296 -0.82 -18.45 -11.87
C MET B 296 -2.13 -18.77 -11.15
N GLU B 297 -2.62 -17.78 -10.39
CA GLU B 297 -3.87 -17.93 -9.63
C GLU B 297 -5.10 -17.93 -10.52
N VAL B 298 -5.11 -17.09 -11.54
CA VAL B 298 -6.22 -17.06 -12.51
C VAL B 298 -6.29 -18.41 -13.23
N ARG B 299 -5.13 -18.94 -13.61
CA ARG B 299 -5.05 -20.24 -14.26
C ARG B 299 -5.76 -21.31 -13.43
N ALA B 300 -5.36 -21.43 -12.16
CA ALA B 300 -5.95 -22.42 -11.24
C ALA B 300 -7.44 -22.25 -11.01
N ARG B 301 -7.91 -21.01 -11.05
CA ARG B 301 -9.34 -20.71 -10.84
C ARG B 301 -10.17 -20.97 -12.07
N ALA B 302 -9.66 -20.57 -13.23
CA ALA B 302 -10.35 -20.79 -14.49
C ALA B 302 -10.49 -22.28 -14.77
N ARG B 303 -9.49 -23.06 -14.34
CA ARG B 303 -9.48 -24.51 -14.55
C ARG B 303 -10.56 -25.20 -13.75
N ARG B 304 -10.69 -24.81 -12.48
CA ARG B 304 -11.75 -25.31 -11.60
C ARG B 304 -13.12 -24.87 -12.09
N LEU B 305 -13.17 -23.62 -12.59
CA LEU B 305 -14.41 -23.04 -13.12
C LEU B 305 -14.92 -23.83 -14.32
N VAL B 306 -14.08 -23.98 -15.35
CA VAL B 306 -14.42 -24.77 -16.55
C VAL B 306 -14.77 -26.21 -16.20
N SER B 307 -14.02 -26.79 -15.25
CA SER B 307 -14.25 -28.15 -14.80
C SER B 307 -15.64 -28.34 -14.22
N GLN B 308 -15.98 -27.52 -13.21
CA GLN B 308 -17.24 -27.63 -12.50
C GLN B 308 -18.45 -27.06 -13.26
N ASN B 309 -18.48 -25.74 -13.39
CA ASN B 309 -19.62 -25.04 -14.01
C ASN B 309 -19.69 -25.07 -15.53
N GLN B 310 -18.72 -25.73 -16.16
CA GLN B 310 -18.68 -25.89 -17.62
C GLN B 310 -19.01 -24.58 -18.33
N VAL B 311 -18.01 -23.72 -18.33
CA VAL B 311 -18.09 -22.37 -18.88
C VAL B 311 -17.42 -22.31 -20.24
N GLY B 312 -18.00 -21.50 -21.13
CA GLY B 312 -17.49 -21.36 -22.50
C GLY B 312 -16.97 -19.98 -22.87
N LEU B 313 -16.83 -19.08 -21.89
CA LEU B 313 -16.28 -17.73 -22.11
C LEU B 313 -15.78 -17.13 -20.80
N ILE B 314 -14.60 -16.51 -20.84
CA ILE B 314 -14.07 -15.84 -19.65
C ILE B 314 -13.69 -14.39 -19.96
N ILE B 315 -14.05 -13.49 -19.04
CA ILE B 315 -13.75 -12.08 -19.17
C ILE B 315 -12.88 -11.63 -18.01
N ILE B 316 -11.69 -11.11 -18.32
CA ILE B 316 -10.80 -10.54 -17.31
C ILE B 316 -10.96 -9.03 -17.33
N ASP B 317 -11.33 -8.45 -16.18
CA ASP B 317 -11.52 -7.01 -16.08
C ASP B 317 -10.87 -6.43 -14.83
N TYR B 318 -9.73 -5.78 -15.02
CA TYR B 318 -9.07 -5.67 -16.33
C TYR B 318 -7.60 -6.08 -16.21
N LEU B 319 -6.93 -6.18 -17.35
CA LEU B 319 -5.56 -6.71 -17.42
C LEU B 319 -4.52 -6.08 -16.48
N GLN B 320 -4.46 -4.76 -16.43
CA GLN B 320 -3.41 -4.06 -15.68
C GLN B 320 -3.54 -4.20 -14.15
N LEU B 321 -4.57 -4.91 -13.69
CA LEU B 321 -4.75 -5.14 -12.26
C LEU B 321 -4.11 -6.43 -11.79
N MET B 322 -3.71 -7.26 -12.75
CA MET B 322 -3.07 -8.53 -12.46
C MET B 322 -1.60 -8.33 -12.16
N SER B 323 -1.07 -9.20 -11.30
CA SER B 323 0.36 -9.21 -11.00
C SER B 323 0.97 -10.51 -11.54
N GLY B 324 2.26 -10.71 -11.28
CA GLY B 324 2.94 -11.91 -11.76
C GLY B 324 3.93 -12.42 -10.74
N PRO B 325 5.09 -12.90 -11.22
CA PRO B 325 6.15 -13.40 -10.34
C PRO B 325 6.84 -12.26 -9.58
N ASN B 333 9.86 -2.63 -17.38
CA ASN B 333 9.70 -3.76 -16.48
C ASN B 333 8.25 -4.24 -16.36
N ARG B 334 7.33 -3.31 -16.10
CA ARG B 334 5.89 -3.64 -16.02
C ARG B 334 5.30 -3.95 -17.39
N GLN B 335 5.97 -3.50 -18.45
CA GLN B 335 5.57 -3.80 -19.82
C GLN B 335 5.77 -5.30 -20.09
N GLN B 336 6.95 -5.81 -19.73
CA GLN B 336 7.27 -7.22 -19.90
C GLN B 336 6.35 -8.11 -19.10
N GLU B 337 6.07 -7.70 -17.86
CA GLU B 337 5.21 -8.48 -16.96
C GLU B 337 3.81 -8.63 -17.54
N ILE B 338 3.29 -7.57 -18.14
CA ILE B 338 1.98 -7.60 -18.77
C ILE B 338 2.02 -8.48 -20.02
N ALA B 339 3.11 -8.40 -20.77
CA ALA B 339 3.30 -9.23 -21.97
C ALA B 339 3.30 -10.71 -21.58
N ALA B 340 4.01 -11.04 -20.50
CA ALA B 340 4.05 -12.40 -19.96
C ALA B 340 2.67 -12.82 -19.46
N ILE B 341 1.90 -11.87 -18.95
CA ILE B 341 0.54 -12.13 -18.49
C ILE B 341 -0.38 -12.35 -19.69
N SER B 342 -0.19 -11.54 -20.75
CA SER B 342 -0.94 -11.72 -21.99
C SER B 342 -0.78 -13.12 -22.51
N ARG B 343 0.48 -13.57 -22.65
CA ARG B 343 0.77 -14.92 -23.12
C ARG B 343 0.17 -16.00 -22.24
N GLY B 344 0.43 -15.94 -20.95
CA GLY B 344 -0.14 -16.89 -20.02
C GLY B 344 -1.61 -17.06 -20.37
N LEU B 345 -2.30 -15.92 -20.55
CA LEU B 345 -3.72 -15.90 -20.87
C LEU B 345 -4.06 -16.58 -22.19
N LYS B 346 -3.27 -16.29 -23.21
CA LYS B 346 -3.42 -16.93 -24.52
C LYS B 346 -3.19 -18.43 -24.39
N ALA B 347 -2.11 -18.82 -23.71
CA ALA B 347 -1.84 -20.24 -23.44
C ALA B 347 -2.99 -20.88 -22.67
N LEU B 348 -3.57 -20.14 -21.72
CA LEU B 348 -4.71 -20.61 -20.94
C LEU B 348 -5.93 -20.84 -21.82
N ALA B 349 -6.25 -19.87 -22.67
CA ALA B 349 -7.40 -20.00 -23.58
C ALA B 349 -7.31 -21.30 -24.37
N ARG B 350 -6.13 -21.59 -24.92
CA ARG B 350 -5.90 -22.82 -25.66
C ARG B 350 -6.15 -24.03 -24.77
N GLU B 351 -5.57 -24.00 -23.57
CA GLU B 351 -5.65 -25.12 -22.63
C GLU B 351 -7.08 -25.48 -22.26
N LEU B 352 -7.93 -24.46 -22.10
CA LEU B 352 -9.32 -24.65 -21.74
C LEU B 352 -10.24 -24.60 -22.96
N GLY B 353 -9.64 -24.44 -24.13
CA GLY B 353 -10.36 -24.45 -25.41
C GLY B 353 -11.59 -23.56 -25.51
N ILE B 354 -11.48 -22.34 -24.99
CA ILE B 354 -12.58 -21.36 -24.98
C ILE B 354 -12.06 -19.95 -25.26
N PRO B 355 -12.93 -19.03 -25.72
CA PRO B 355 -12.46 -17.66 -25.89
C PRO B 355 -12.25 -16.95 -24.56
N ILE B 356 -11.24 -16.08 -24.51
CA ILE B 356 -11.00 -15.22 -23.35
C ILE B 356 -10.99 -13.75 -23.77
N ILE B 357 -11.85 -12.96 -23.14
CA ILE B 357 -11.87 -11.53 -23.35
C ILE B 357 -10.97 -10.97 -22.27
N ALA B 358 -10.05 -10.09 -22.65
CA ALA B 358 -9.20 -9.40 -21.69
C ALA B 358 -9.34 -7.91 -21.91
N LEU B 359 -9.84 -7.19 -20.90
CA LEU B 359 -10.00 -5.75 -21.02
C LEU B 359 -8.67 -5.08 -20.72
N SER B 360 -8.35 -4.06 -21.51
CA SER B 360 -7.07 -3.37 -21.35
C SER B 360 -7.26 -1.87 -21.39
N GLN B 361 -6.42 -1.17 -20.63
CA GLN B 361 -6.48 0.27 -20.57
C GLN B 361 -5.38 0.85 -21.41
N LEU B 362 -5.65 2.02 -21.97
CA LEU B 362 -4.65 2.69 -22.78
C LEU B 362 -4.10 3.89 -22.02
N SER B 363 -2.82 4.14 -22.19
CA SER B 363 -2.16 5.26 -21.51
C SER B 363 -2.55 6.58 -22.16
N ARG B 364 -2.32 7.68 -21.44
CA ARG B 364 -2.69 9.03 -21.90
C ARG B 364 -2.07 9.44 -23.23
N ALA B 365 -1.07 8.69 -23.67
CA ALA B 365 -0.38 8.93 -24.95
C ALA B 365 -1.34 8.94 -26.14
N VAL B 366 -2.48 8.29 -25.95
CA VAL B 366 -3.52 8.16 -26.97
C VAL B 366 -4.29 9.48 -27.18
N GLU B 367 -4.25 10.36 -26.18
CA GLU B 367 -4.98 11.63 -26.21
C GLU B 367 -4.11 12.82 -26.60
N ALA B 368 -2.83 12.58 -26.84
CA ALA B 368 -1.87 13.63 -27.18
C ALA B 368 -1.90 14.05 -28.66
N ARG B 369 -2.53 13.23 -29.49
CA ARG B 369 -2.64 13.52 -30.93
C ARG B 369 -3.93 14.29 -31.23
N PRO B 370 -4.00 14.97 -32.40
CA PRO B 370 -5.27 15.58 -32.79
C PRO B 370 -6.36 14.52 -32.82
N ASN B 371 -6.12 13.42 -33.54
CA ASN B 371 -7.03 12.28 -33.59
C ASN B 371 -6.78 11.37 -32.37
N LYS B 372 -7.83 11.16 -31.57
CA LYS B 372 -7.68 10.45 -30.31
C LYS B 372 -8.29 9.04 -30.26
N ARG B 373 -8.59 8.46 -31.41
CA ARG B 373 -9.09 7.10 -31.43
C ARG B 373 -7.91 6.12 -31.54
N PRO B 374 -7.92 5.03 -30.75
CA PRO B 374 -6.82 4.08 -30.62
C PRO B 374 -6.43 3.37 -31.91
N MET B 375 -5.21 2.83 -31.91
CA MET B 375 -4.65 2.07 -33.03
C MET B 375 -3.86 0.91 -32.46
N LEU B 376 -3.47 -0.04 -33.30
CA LEU B 376 -2.62 -1.14 -32.83
C LEU B 376 -1.29 -0.61 -32.28
N SER B 377 -0.67 0.30 -33.03
CA SER B 377 0.60 0.90 -32.62
C SER B 377 0.56 1.31 -31.15
N ASP B 378 -0.60 1.75 -30.68
CA ASP B 378 -0.79 2.20 -29.30
C ASP B 378 -0.59 1.11 -28.24
N LEU B 379 -0.81 -0.14 -28.61
CA LEU B 379 -0.63 -1.23 -27.66
C LEU B 379 0.83 -1.47 -27.29
N ARG B 380 1.76 -1.11 -28.17
CA ARG B 380 3.20 -1.28 -27.91
C ARG B 380 3.61 -0.79 -26.50
N GLU B 381 2.92 0.24 -26.01
CA GLU B 381 3.21 0.82 -24.69
C GLU B 381 2.86 -0.06 -23.50
N SER B 382 1.92 -0.98 -23.68
CA SER B 382 1.56 -1.90 -22.61
C SER B 382 2.20 -3.28 -22.85
N GLY B 383 3.40 -3.26 -23.45
CA GLY B 383 4.12 -4.48 -23.82
C GLY B 383 3.61 -4.99 -25.15
N SER B 384 4.13 -6.12 -25.60
CA SER B 384 3.64 -6.71 -26.84
C SER B 384 2.35 -7.47 -26.57
N ILE B 385 1.35 -6.76 -26.04
CA ILE B 385 0.02 -7.31 -25.76
C ILE B 385 -0.60 -7.83 -27.05
N GLU B 386 -0.50 -7.00 -28.09
CA GLU B 386 -1.03 -7.30 -29.41
C GLU B 386 -0.50 -8.64 -29.93
N GLN B 387 0.79 -8.87 -29.72
CA GLN B 387 1.50 -10.06 -30.23
C GLN B 387 0.73 -11.39 -30.20
N ASP B 388 0.07 -11.68 -29.08
CA ASP B 388 -0.57 -12.99 -28.93
C ASP B 388 -2.09 -12.95 -28.93
N ALA B 389 -2.64 -11.75 -29.11
CA ALA B 389 -4.07 -11.57 -29.19
C ALA B 389 -4.57 -11.91 -30.57
N ASP B 390 -5.66 -12.65 -30.64
CA ASP B 390 -6.24 -13.03 -31.91
C ASP B 390 -7.17 -11.93 -32.41
N LEU B 391 -7.82 -11.27 -31.47
CA LEU B 391 -8.74 -10.17 -31.77
C LEU B 391 -8.42 -8.95 -30.92
N VAL B 392 -8.33 -7.79 -31.57
CA VAL B 392 -8.10 -6.53 -30.87
C VAL B 392 -9.21 -5.53 -31.22
N MET B 393 -9.98 -5.14 -30.21
CA MET B 393 -11.08 -4.20 -30.36
C MET B 393 -10.89 -2.94 -29.52
N PHE B 394 -11.11 -1.80 -30.14
CA PHE B 394 -10.99 -0.52 -29.46
C PHE B 394 -12.33 0.19 -29.35
N ILE B 395 -12.57 0.82 -28.20
CA ILE B 395 -13.77 1.61 -28.02
C ILE B 395 -13.40 3.08 -28.03
N TYR B 396 -14.14 3.85 -28.81
CA TYR B 396 -13.96 5.30 -28.90
C TYR B 396 -15.29 5.98 -29.17
N ARG B 397 -15.46 7.19 -28.65
CA ARG B 397 -16.66 8.00 -28.95
C ARG B 397 -16.42 9.51 -28.79
N ASP B 398 -16.82 10.28 -29.80
CA ASP B 398 -16.66 11.74 -29.82
C ASP B 398 -17.20 12.45 -28.58
N GLU B 399 -18.40 12.08 -28.18
CA GLU B 399 -19.10 12.71 -27.04
C GLU B 399 -18.23 12.88 -25.80
N TYR B 400 -17.28 11.94 -25.62
CA TYR B 400 -16.35 11.93 -24.50
C TYR B 400 -15.35 13.08 -24.54
N TYR B 401 -14.80 13.36 -25.72
CA TYR B 401 -13.78 14.40 -25.88
C TYR B 401 -14.37 15.80 -26.08
N ASN B 402 -15.24 15.95 -27.08
CA ASN B 402 -16.00 17.19 -27.24
C ASN B 402 -17.50 16.90 -27.07
N PRO B 403 -18.10 17.42 -25.98
CA PRO B 403 -19.50 17.11 -25.67
C PRO B 403 -20.54 17.86 -26.52
N HIS B 404 -20.09 18.49 -27.61
CA HIS B 404 -21.02 19.17 -28.53
C HIS B 404 -21.30 18.33 -29.78
N SER B 405 -20.56 18.60 -30.85
CA SER B 405 -20.68 17.87 -32.11
C SER B 405 -19.95 16.52 -31.94
N GLU B 406 -20.31 15.48 -32.68
CA GLU B 406 -21.38 15.45 -33.68
C GLU B 406 -22.16 14.16 -33.47
N LYS B 407 -21.45 13.13 -33.00
CA LYS B 407 -22.01 11.81 -32.73
C LYS B 407 -22.70 11.81 -31.37
N ALA B 408 -23.98 12.20 -31.37
CA ALA B 408 -24.79 12.33 -30.16
C ALA B 408 -24.47 11.31 -29.07
N GLY B 409 -24.94 10.08 -29.25
CA GLY B 409 -24.67 8.99 -28.32
C GLY B 409 -24.18 7.81 -29.11
N ILE B 410 -23.16 8.06 -29.92
CA ILE B 410 -22.64 7.05 -30.84
C ILE B 410 -21.22 6.63 -30.47
N ALA B 411 -21.05 5.33 -30.22
CA ALA B 411 -19.77 4.72 -29.90
C ALA B 411 -19.24 3.97 -31.11
N GLU B 412 -17.93 4.05 -31.34
CA GLU B 412 -17.29 3.35 -32.43
C GLU B 412 -16.54 2.14 -31.89
N ILE B 413 -16.70 1.00 -32.53
CA ILE B 413 -15.90 -0.17 -32.18
C ILE B 413 -14.91 -0.42 -33.30
N ILE B 414 -13.65 -0.15 -32.98
CA ILE B 414 -12.58 -0.26 -33.94
C ILE B 414 -11.93 -1.62 -33.80
N VAL B 415 -12.04 -2.42 -34.85
CA VAL B 415 -11.38 -3.71 -34.90
C VAL B 415 -10.03 -3.47 -35.54
N GLY B 416 -8.99 -3.42 -34.73
CA GLY B 416 -7.64 -3.15 -35.21
C GLY B 416 -6.96 -4.39 -35.73
N LYS B 417 -7.28 -5.52 -35.12
CA LYS B 417 -6.72 -6.80 -35.51
C LYS B 417 -7.79 -7.88 -35.41
N GLN B 418 -7.75 -8.82 -36.35
CA GLN B 418 -8.70 -9.94 -36.41
C GLN B 418 -8.01 -11.01 -37.24
N ARG B 419 -8.33 -12.28 -36.99
CA ARG B 419 -7.63 -13.35 -37.70
C ARG B 419 -8.18 -13.60 -39.11
N ASN B 420 -9.50 -13.75 -39.22
CA ASN B 420 -10.13 -13.91 -40.53
C ASN B 420 -11.24 -12.89 -40.73
N GLY B 421 -10.98 -11.93 -41.60
CA GLY B 421 -11.92 -10.84 -41.86
C GLY B 421 -11.11 -9.55 -41.83
N PRO B 422 -11.63 -8.50 -42.48
CA PRO B 422 -10.89 -7.24 -42.52
C PRO B 422 -10.96 -6.48 -41.20
N THR B 423 -10.02 -5.54 -41.04
CA THR B 423 -10.05 -4.62 -39.93
C THR B 423 -11.09 -3.57 -40.29
N GLY B 424 -11.71 -2.94 -39.30
CA GLY B 424 -12.71 -1.92 -39.58
C GLY B 424 -13.44 -1.40 -38.36
N THR B 425 -14.28 -0.39 -38.59
CA THR B 425 -15.06 0.20 -37.50
C THR B 425 -16.52 -0.18 -37.64
N VAL B 426 -17.13 -0.56 -36.51
CA VAL B 426 -18.55 -0.87 -36.46
C VAL B 426 -19.16 0.06 -35.41
N GLU B 427 -20.13 0.84 -35.84
CA GLU B 427 -20.74 1.88 -35.03
C GLU B 427 -21.93 1.35 -34.20
N LEU B 428 -21.99 1.73 -32.94
CA LEU B 428 -23.07 1.30 -32.05
C LEU B 428 -23.69 2.47 -31.30
N GLN B 429 -24.82 2.20 -30.64
CA GLN B 429 -25.47 3.19 -29.77
C GLN B 429 -24.91 3.08 -28.36
N PHE B 430 -24.63 4.22 -27.76
CA PHE B 430 -24.23 4.24 -26.36
C PHE B 430 -25.05 5.28 -25.64
N HIS B 431 -25.99 4.82 -24.82
CA HIS B 431 -26.75 5.73 -23.99
C HIS B 431 -25.88 6.15 -22.80
N ALA B 432 -25.27 7.33 -22.90
CA ALA B 432 -24.49 7.89 -21.81
C ALA B 432 -25.40 7.96 -20.58
N SER B 433 -26.65 8.36 -20.84
CA SER B 433 -27.73 8.45 -19.85
C SER B 433 -27.61 7.43 -18.72
N HIS B 434 -27.72 6.14 -19.07
CA HIS B 434 -27.73 5.05 -18.11
C HIS B 434 -26.72 3.95 -18.41
N VAL B 435 -25.67 4.31 -19.16
CA VAL B 435 -24.53 3.42 -19.50
C VAL B 435 -24.96 2.07 -20.09
N ARG B 436 -25.26 2.07 -21.39
CA ARG B 436 -25.72 0.86 -22.06
C ARG B 436 -25.41 0.91 -23.54
N PHE B 437 -24.95 -0.22 -24.07
CA PHE B 437 -24.71 -0.34 -25.51
C PHE B 437 -25.83 -1.11 -26.19
N ASN B 438 -26.11 -0.76 -27.44
CA ASN B 438 -27.11 -1.48 -28.26
C ASN B 438 -26.95 -1.14 -29.72
N ASP B 439 -27.46 -2.03 -30.59
CA ASP B 439 -27.33 -1.86 -32.04
C ASP B 439 -27.91 -0.54 -32.54
N LEU B 440 -27.37 -0.05 -33.65
CA LEU B 440 -27.75 1.23 -34.23
C LEU B 440 -28.72 1.05 -35.40
N PRO C 4 36.38 0.18 8.63
CA PRO C 4 36.06 -0.15 7.23
C PRO C 4 35.62 1.08 6.44
N ILE C 5 36.59 1.85 5.95
CA ILE C 5 36.36 3.13 5.23
C ILE C 5 35.62 2.97 3.90
N PRO C 6 34.44 3.61 3.75
CA PRO C 6 33.70 3.49 2.49
C PRO C 6 34.40 4.23 1.33
N PRO C 7 34.34 3.66 0.11
CA PRO C 7 34.98 4.26 -1.08
C PRO C 7 34.54 5.69 -1.33
N HIS C 8 35.50 6.61 -1.30
CA HIS C 8 35.23 8.01 -1.55
C HIS C 8 36.54 8.65 -1.92
N SER C 9 36.49 9.88 -2.43
CA SER C 9 37.70 10.62 -2.73
C SER C 9 37.54 12.08 -2.34
N LEU C 10 38.22 12.47 -1.25
CA LEU C 10 38.15 13.85 -0.78
C LEU C 10 38.72 14.81 -1.82
N GLU C 11 39.83 14.44 -2.44
CA GLU C 11 40.47 15.30 -3.44
C GLU C 11 39.65 15.46 -4.71
N ALA C 12 38.95 14.40 -5.12
CA ALA C 12 38.12 14.48 -6.31
C ALA C 12 36.94 15.42 -6.06
N GLU C 13 36.32 15.28 -4.89
CA GLU C 13 35.18 16.12 -4.50
C GLU C 13 35.59 17.58 -4.46
N GLN C 14 36.73 17.84 -3.81
CA GLN C 14 37.23 19.20 -3.67
C GLN C 14 37.50 19.78 -5.05
N SER C 15 38.15 19.00 -5.90
CA SER C 15 38.46 19.41 -7.26
C SER C 15 37.22 19.77 -8.07
N VAL C 16 36.17 18.95 -7.95
CA VAL C 16 34.91 19.21 -8.65
C VAL C 16 34.28 20.54 -8.23
N LEU C 17 34.06 20.71 -6.94
CA LEU C 17 33.47 21.94 -6.44
C LEU C 17 34.40 23.09 -6.76
N GLY C 18 35.70 22.84 -6.65
CA GLY C 18 36.69 23.85 -6.95
C GLY C 18 36.57 24.35 -8.37
N SER C 19 36.35 23.41 -9.29
CA SER C 19 36.24 23.72 -10.71
C SER C 19 34.98 24.51 -11.04
N ILE C 20 33.88 24.17 -10.37
CA ILE C 20 32.61 24.88 -10.51
C ILE C 20 32.78 26.34 -10.08
N LEU C 21 33.57 26.54 -9.02
CA LEU C 21 33.85 27.89 -8.55
C LEU C 21 34.71 28.66 -9.51
N LEU C 22 35.57 27.95 -10.25
CA LEU C 22 36.41 28.60 -11.26
C LEU C 22 35.63 28.89 -12.55
N ASP C 23 34.59 28.11 -12.83
CA ASP C 23 33.77 28.31 -14.02
C ASP C 23 32.35 27.77 -13.86
N SER C 24 31.40 28.68 -13.72
CA SER C 24 29.99 28.33 -13.53
C SER C 24 29.45 27.45 -14.66
N ASP C 25 29.85 27.75 -15.90
CA ASP C 25 29.42 26.99 -17.08
C ASP C 25 29.68 25.49 -17.01
N VAL C 26 30.78 25.10 -16.37
CA VAL C 26 31.17 23.70 -16.21
C VAL C 26 30.14 22.82 -15.51
N MET C 27 29.28 23.42 -14.68
CA MET C 27 28.32 22.66 -13.90
C MET C 27 27.31 21.84 -14.72
N ASP C 28 27.01 22.32 -15.92
CA ASP C 28 26.10 21.62 -16.83
C ASP C 28 26.53 20.17 -17.01
N GLU C 29 27.79 19.97 -17.38
CA GLU C 29 28.31 18.62 -17.63
C GLU C 29 28.50 17.82 -16.36
N VAL C 30 28.94 18.50 -15.29
CA VAL C 30 29.14 17.85 -14.00
C VAL C 30 27.82 17.31 -13.47
N GLU C 31 26.73 18.04 -13.69
CA GLU C 31 25.42 17.63 -13.18
C GLU C 31 24.90 16.40 -13.89
N GLY C 32 25.34 16.20 -15.12
CA GLY C 32 25.00 15.00 -15.88
C GLY C 32 25.56 13.77 -15.20
N LEU C 33 26.80 13.90 -14.69
CA LEU C 33 27.46 12.83 -13.95
C LEU C 33 27.09 12.80 -12.48
N LEU C 34 26.78 13.96 -11.89
CA LEU C 34 26.45 14.02 -10.47
C LEU C 34 25.09 14.68 -10.29
N PRO C 35 24.00 13.93 -10.55
CA PRO C 35 22.66 14.48 -10.43
C PRO C 35 22.27 14.93 -9.03
N SER C 36 22.79 14.28 -7.99
CA SER C 36 22.37 14.66 -6.62
C SER C 36 23.52 14.82 -5.62
N PRO C 37 23.35 15.74 -4.65
CA PRO C 37 24.36 15.94 -3.62
C PRO C 37 24.74 14.66 -2.87
N GLU C 38 23.87 13.65 -2.92
CA GLU C 38 24.15 12.37 -2.27
C GLU C 38 25.47 11.75 -2.75
N ALA C 39 25.89 12.11 -3.96
CA ALA C 39 27.14 11.60 -4.52
C ALA C 39 28.35 11.98 -3.69
N PHE C 40 28.26 13.12 -3.01
CA PHE C 40 29.37 13.63 -2.20
C PHE C 40 29.42 12.97 -0.84
N TYR C 41 30.59 12.50 -0.46
CA TYR C 41 30.77 11.80 0.80
C TYR C 41 30.80 12.74 2.00
N ALA C 42 31.58 13.81 1.90
CA ALA C 42 31.69 14.81 2.96
C ALA C 42 30.36 15.53 3.16
N GLU C 43 29.96 15.68 4.42
CA GLU C 43 28.71 16.34 4.73
C GLU C 43 28.75 17.79 4.29
N ALA C 44 29.92 18.41 4.43
CA ALA C 44 30.12 19.78 3.99
C ALA C 44 29.90 19.87 2.49
N HIS C 45 30.56 18.97 1.75
CA HIS C 45 30.49 18.98 0.30
C HIS C 45 29.10 18.79 -0.24
N ARG C 46 28.29 17.95 0.40
CA ARG C 46 26.93 17.76 -0.09
C ARG C 46 26.05 18.96 0.20
N LYS C 47 26.32 19.66 1.31
CA LYS C 47 25.59 20.88 1.59
C LYS C 47 26.01 21.95 0.58
N ILE C 48 27.28 21.96 0.21
CA ILE C 48 27.78 22.92 -0.76
C ILE C 48 27.14 22.67 -2.13
N TYR C 49 27.18 21.41 -2.57
CA TYR C 49 26.68 21.04 -3.88
C TYR C 49 25.18 21.28 -4.00
N ALA C 50 24.46 21.07 -2.88
CA ALA C 50 23.03 21.32 -2.84
C ALA C 50 22.73 22.82 -3.01
N ALA C 51 23.58 23.65 -2.42
CA ALA C 51 23.41 25.09 -2.50
C ALA C 51 23.66 25.55 -3.94
N MET C 52 24.68 24.95 -4.58
CA MET C 52 25.01 25.25 -5.97
C MET C 52 23.84 24.90 -6.89
N GLN C 53 23.22 23.76 -6.63
CA GLN C 53 22.09 23.31 -7.42
C GLN C 53 20.89 24.23 -7.20
N ALA C 54 20.72 24.68 -5.96
CA ALA C 54 19.65 25.61 -5.61
C ALA C 54 19.81 26.90 -6.40
N LEU C 55 21.06 27.34 -6.56
CA LEU C 55 21.36 28.55 -7.31
C LEU C 55 21.08 28.34 -8.79
N ARG C 56 21.68 27.28 -9.33
CA ARG C 56 21.54 26.96 -10.74
C ARG C 56 20.05 26.88 -11.09
N SER C 57 19.28 26.31 -10.17
CA SER C 57 17.84 26.19 -10.27
C SER C 57 17.10 27.53 -10.31
N GLN C 58 17.58 28.51 -9.55
CA GLN C 58 16.92 29.82 -9.52
C GLN C 58 17.47 30.79 -10.57
N GLY C 59 18.30 30.28 -11.47
CA GLY C 59 18.83 31.05 -12.59
C GLY C 59 20.06 31.88 -12.28
N ARG C 60 20.54 31.80 -11.04
CA ARG C 60 21.72 32.54 -10.64
C ARG C 60 23.02 31.76 -10.91
N PRO C 61 24.10 32.47 -11.28
CA PRO C 61 25.36 31.80 -11.55
C PRO C 61 26.02 31.33 -10.26
N VAL C 62 26.81 30.28 -10.37
CA VAL C 62 27.51 29.73 -9.22
C VAL C 62 28.93 30.25 -9.14
N ASP C 63 29.20 31.05 -8.11
CA ASP C 63 30.54 31.56 -7.84
C ASP C 63 30.69 31.71 -6.31
N LEU C 64 31.85 32.18 -5.85
CA LEU C 64 32.08 32.35 -4.42
C LEU C 64 31.03 33.21 -3.72
N VAL C 65 30.66 34.33 -4.34
CA VAL C 65 29.70 35.26 -3.73
C VAL C 65 28.30 34.65 -3.64
N THR C 66 27.74 34.23 -4.77
CA THR C 66 26.39 33.66 -4.78
C THR C 66 26.28 32.44 -3.89
N LEU C 67 27.29 31.58 -3.91
CA LEU C 67 27.29 30.38 -3.10
C LEU C 67 27.28 30.70 -1.61
N SER C 68 28.12 31.66 -1.19
CA SER C 68 28.12 32.03 0.22
C SER C 68 26.81 32.71 0.58
N GLU C 69 26.23 33.47 -0.35
CA GLU C 69 24.90 34.03 -0.13
C GLU C 69 23.94 32.89 0.25
N GLU C 70 23.87 31.85 -0.60
CA GLU C 70 22.99 30.70 -0.37
C GLU C 70 23.25 29.97 0.93
N LEU C 71 24.50 29.62 1.19
CA LEU C 71 24.86 28.89 2.39
C LEU C 71 24.47 29.61 3.69
N SER C 72 24.72 30.92 3.74
CA SER C 72 24.34 31.71 4.92
C SER C 72 22.83 31.84 4.97
N ARG C 73 22.21 31.95 3.79
CA ARG C 73 20.75 32.02 3.64
C ARG C 73 20.08 30.74 4.15
N ARG C 74 20.89 29.70 4.37
CA ARG C 74 20.44 28.43 4.87
C ARG C 74 21.01 28.16 6.25
N GLY C 75 21.83 29.09 6.73
CA GLY C 75 22.46 28.94 8.04
C GLY C 75 23.52 27.87 8.06
N GLN C 76 24.22 27.69 6.94
CA GLN C 76 25.25 26.67 6.85
C GLN C 76 26.59 27.10 6.24
N LEU C 77 26.78 28.40 6.04
CA LEU C 77 28.05 28.94 5.56
C LEU C 77 29.16 28.67 6.55
N GLU C 78 28.94 28.97 7.82
CA GLU C 78 29.95 28.72 8.83
C GLU C 78 30.12 27.21 8.98
N GLU C 79 29.00 26.50 9.06
CA GLU C 79 28.94 25.04 9.19
C GLU C 79 29.86 24.34 8.19
N VAL C 80 29.84 24.81 6.95
CA VAL C 80 30.62 24.25 5.85
C VAL C 80 32.13 24.56 5.92
N GLY C 81 32.49 25.62 6.63
CA GLY C 81 33.89 26.03 6.76
C GLY C 81 34.10 27.46 6.33
N GLY C 82 32.99 28.16 6.12
CA GLY C 82 32.99 29.55 5.72
C GLY C 82 33.68 29.85 4.40
N THR C 83 33.77 31.14 4.11
CA THR C 83 34.43 31.65 2.93
C THR C 83 35.87 31.15 2.88
N ALA C 84 36.48 30.98 4.05
CA ALA C 84 37.84 30.44 4.15
C ALA C 84 37.95 29.13 3.38
N TYR C 85 36.99 28.23 3.57
CA TYR C 85 37.00 26.95 2.90
C TYR C 85 36.58 27.07 1.44
N LEU C 86 35.58 27.89 1.17
CA LEU C 86 35.13 28.10 -0.20
C LEU C 86 36.27 28.64 -1.08
N LEU C 87 37.12 29.50 -0.52
CA LEU C 87 38.27 30.03 -1.24
C LEU C 87 39.31 28.93 -1.35
N GLN C 88 39.47 28.18 -0.28
CA GLN C 88 40.42 27.09 -0.24
C GLN C 88 40.10 26.06 -1.33
N LEU C 89 38.82 25.90 -1.64
CA LEU C 89 38.38 25.00 -2.70
C LEU C 89 38.76 25.55 -4.06
N SER C 90 38.62 26.86 -4.21
CA SER C 90 38.91 27.55 -5.47
C SER C 90 40.33 27.27 -5.92
N GLU C 91 41.30 27.65 -5.09
CA GLU C 91 42.71 27.48 -5.42
C GLU C 91 43.25 26.04 -5.27
N ALA C 92 42.37 25.08 -5.02
CA ALA C 92 42.81 23.69 -4.87
C ALA C 92 43.07 23.04 -6.24
N THR C 93 42.41 23.56 -7.26
CA THR C 93 42.62 23.12 -8.63
C THR C 93 43.02 24.33 -9.49
N PRO C 94 44.03 24.17 -10.36
CA PRO C 94 44.50 25.34 -11.13
C PRO C 94 43.52 25.82 -12.20
N THR C 95 42.74 24.91 -12.77
CA THR C 95 41.79 25.21 -13.85
C THR C 95 40.51 24.42 -13.63
N ALA C 96 39.54 24.58 -14.53
CA ALA C 96 38.31 23.77 -14.49
C ALA C 96 38.32 22.71 -15.58
N ALA C 97 39.35 22.73 -16.43
CA ALA C 97 39.50 21.83 -17.57
C ALA C 97 39.40 20.34 -17.26
N TYR C 98 39.42 19.98 -15.98
CA TYR C 98 39.36 18.58 -15.59
C TYR C 98 38.11 18.26 -14.75
N ALA C 99 37.21 19.23 -14.65
CA ALA C 99 35.98 19.09 -13.87
C ALA C 99 35.27 17.77 -14.10
N GLU C 100 34.96 17.50 -15.37
CA GLU C 100 34.22 16.31 -15.75
C GLU C 100 35.00 15.03 -15.42
N HIS C 101 36.33 15.11 -15.41
CA HIS C 101 37.18 13.98 -15.02
C HIS C 101 37.02 13.65 -13.53
N TYR C 102 37.09 14.67 -12.68
CA TYR C 102 36.93 14.46 -11.24
C TYR C 102 35.49 14.05 -10.94
N ALA C 103 34.54 14.60 -11.70
CA ALA C 103 33.13 14.27 -11.55
C ALA C 103 32.90 12.77 -11.76
N ARG C 104 33.62 12.17 -12.71
CA ARG C 104 33.50 10.73 -12.95
C ARG C 104 33.97 9.92 -11.74
N ILE C 105 35.10 10.31 -11.16
CA ILE C 105 35.63 9.62 -9.99
C ILE C 105 34.62 9.69 -8.84
N VAL C 106 34.10 10.88 -8.56
CA VAL C 106 33.11 11.06 -7.48
C VAL C 106 31.89 10.17 -7.74
N ALA C 107 31.48 10.12 -9.00
CA ALA C 107 30.32 9.33 -9.41
C ALA C 107 30.54 7.83 -9.20
N GLU C 108 31.71 7.35 -9.61
CA GLU C 108 32.04 5.93 -9.46
C GLU C 108 32.12 5.52 -8.00
N LYS C 109 32.85 6.28 -7.20
CA LYS C 109 32.92 6.03 -5.76
C LYS C 109 31.51 5.90 -5.18
N TRP C 110 30.61 6.78 -5.58
CA TRP C 110 29.24 6.71 -5.10
C TRP C 110 28.59 5.37 -5.44
N THR C 111 28.68 4.95 -6.71
CA THR C 111 28.14 3.66 -7.13
C THR C 111 28.63 2.53 -6.22
N LEU C 112 29.92 2.54 -5.91
CA LEU C 112 30.46 1.53 -4.99
C LEU C 112 29.76 1.62 -3.64
N ARG C 113 29.64 2.83 -3.10
CA ARG C 113 28.94 3.05 -1.83
C ARG C 113 27.50 2.55 -1.87
N ARG C 114 26.84 2.73 -3.01
CA ARG C 114 25.46 2.30 -3.16
C ARG C 114 25.38 0.78 -3.22
N LEU C 115 26.42 0.17 -3.79
CA LEU C 115 26.51 -1.28 -3.87
C LEU C 115 26.66 -1.85 -2.47
N ILE C 116 27.56 -1.26 -1.69
CA ILE C 116 27.77 -1.66 -0.31
C ILE C 116 26.46 -1.59 0.47
N GLN C 117 25.72 -0.51 0.27
CA GLN C 117 24.46 -0.34 0.97
C GLN C 117 23.43 -1.38 0.53
N ALA C 118 23.27 -1.56 -0.77
CA ALA C 118 22.28 -2.52 -1.28
C ALA C 118 22.57 -3.92 -0.81
N ALA C 119 23.85 -4.25 -0.65
CA ALA C 119 24.25 -5.56 -0.13
C ALA C 119 23.88 -5.61 1.35
N GLY C 120 24.25 -4.57 2.08
CA GLY C 120 23.90 -4.45 3.49
C GLY C 120 22.42 -4.69 3.76
N GLU C 121 21.55 -4.17 2.88
CA GLU C 121 20.11 -4.38 3.01
C GLU C 121 19.71 -5.83 2.76
N ALA C 122 20.38 -6.47 1.81
CA ALA C 122 20.13 -7.88 1.54
C ALA C 122 20.45 -8.73 2.76
N MET C 123 21.58 -8.42 3.41
CA MET C 123 21.97 -9.08 4.66
C MET C 123 20.92 -8.85 5.74
N ARG C 124 20.56 -7.59 5.94
CA ARG C 124 19.53 -7.20 6.89
C ARG C 124 18.23 -7.97 6.66
N LEU C 125 17.78 -8.05 5.41
CA LEU C 125 16.55 -8.77 5.08
C LEU C 125 16.60 -10.25 5.45
N ALA C 126 17.77 -10.87 5.29
CA ALA C 126 17.92 -12.30 5.58
C ALA C 126 18.03 -12.54 7.08
N TYR C 127 18.83 -11.74 7.77
CA TYR C 127 18.97 -11.87 9.23
C TYR C 127 17.64 -11.73 9.96
N GLU C 128 16.81 -10.81 9.48
CA GLU C 128 15.54 -10.51 10.10
C GLU C 128 14.36 -11.35 9.57
N GLU C 129 14.62 -12.21 8.59
CA GLU C 129 13.57 -13.01 7.92
C GLU C 129 12.34 -12.16 7.61
N ALA C 130 12.54 -11.19 6.71
CA ALA C 130 11.53 -10.18 6.34
C ALA C 130 10.33 -10.70 5.54
N GLY C 131 10.32 -11.99 5.21
CA GLY C 131 9.21 -12.57 4.48
C GLY C 131 9.53 -13.99 4.11
N SER C 132 8.85 -14.48 3.08
CA SER C 132 9.09 -15.81 2.55
C SER C 132 10.47 -15.83 1.89
N LEU C 133 11.02 -17.01 1.60
CA LEU C 133 12.28 -17.05 0.87
C LEU C 133 12.16 -16.26 -0.43
N ASP C 134 11.17 -16.65 -1.25
CA ASP C 134 10.88 -16.00 -2.52
C ASP C 134 10.94 -14.48 -2.41
N GLU C 135 10.19 -13.90 -1.46
CA GLU C 135 10.17 -12.45 -1.26
C GLU C 135 11.55 -11.90 -0.91
N ILE C 136 12.29 -12.63 -0.08
CA ILE C 136 13.59 -12.17 0.37
C ILE C 136 14.60 -12.19 -0.78
N LEU C 137 14.66 -13.31 -1.48
CA LEU C 137 15.58 -13.46 -2.61
C LEU C 137 15.26 -12.49 -3.72
N ASP C 138 13.98 -12.41 -4.07
CA ASP C 138 13.50 -11.47 -5.07
C ASP C 138 13.90 -10.02 -4.75
N THR C 139 13.66 -9.58 -3.52
CA THR C 139 14.00 -8.23 -3.10
C THR C 139 15.52 -8.02 -3.05
N ALA C 140 16.24 -8.98 -2.47
CA ALA C 140 17.70 -8.93 -2.39
C ALA C 140 18.29 -8.81 -3.80
N GLY C 141 17.73 -9.60 -4.72
CA GLY C 141 18.14 -9.59 -6.11
C GLY C 141 17.92 -8.24 -6.77
N LYS C 142 16.70 -7.71 -6.64
CA LYS C 142 16.36 -6.41 -7.24
C LYS C 142 17.22 -5.27 -6.72
N LYS C 143 17.53 -5.29 -5.42
CA LYS C 143 18.32 -4.23 -4.82
C LYS C 143 19.71 -4.12 -5.42
N ILE C 144 20.35 -5.26 -5.67
CA ILE C 144 21.69 -5.29 -6.27
C ILE C 144 21.56 -5.02 -7.76
N LEU C 145 20.44 -5.44 -8.32
CA LEU C 145 20.17 -5.23 -9.73
C LEU C 145 19.92 -3.75 -10.01
N GLU C 146 19.40 -3.01 -9.02
CA GLU C 146 19.20 -1.56 -9.17
C GLU C 146 20.52 -0.81 -9.24
N VAL C 147 21.54 -1.30 -8.55
CA VAL C 147 22.83 -0.62 -8.52
C VAL C 147 23.50 -0.69 -9.89
N ALA C 148 23.46 -1.86 -10.51
CA ALA C 148 24.09 -2.06 -11.82
C ALA C 148 23.41 -1.27 -12.95
N LEU C 149 22.11 -1.01 -12.79
CA LEU C 149 21.32 -0.37 -13.83
C LEU C 149 20.84 1.05 -13.50
N THR C 150 21.72 1.83 -12.89
CA THR C 150 21.45 3.23 -12.54
C THR C 150 22.76 4.02 -12.65
N LYS C 151 23.83 3.29 -12.90
CA LYS C 151 25.14 3.90 -13.08
C LYS C 151 25.31 4.34 -14.54
N THR C 152 26.02 5.45 -14.75
CA THR C 152 26.31 5.94 -16.09
C THR C 152 26.97 4.79 -16.83
N ASP C 153 26.30 4.33 -17.89
CA ASP C 153 26.79 3.20 -18.66
C ASP C 153 28.11 3.49 -19.34
N THR C 154 29.02 2.52 -19.24
CA THR C 154 30.34 2.62 -19.84
C THR C 154 30.16 2.52 -21.34
N GLU C 155 30.73 3.50 -22.05
CA GLU C 155 30.63 3.54 -23.50
C GLU C 155 31.86 2.88 -24.09
N ALA C 156 33.02 3.21 -23.54
CA ALA C 156 34.30 2.67 -24.00
C ALA C 156 34.89 1.80 -22.89
N ARG C 157 35.02 0.51 -23.15
CA ARG C 157 35.59 -0.43 -22.18
C ARG C 157 37.10 -0.27 -22.09
N PRO C 158 37.65 -0.23 -20.86
CA PRO C 158 39.09 -0.13 -20.61
C PRO C 158 39.82 -1.41 -21.02
N MET C 159 41.04 -1.26 -21.52
CA MET C 159 41.83 -2.39 -22.00
C MET C 159 42.00 -3.47 -20.93
N ARG C 160 42.26 -3.03 -19.69
CA ARG C 160 42.46 -3.93 -18.55
C ARG C 160 41.34 -4.95 -18.43
N GLU C 161 40.10 -4.45 -18.48
CA GLU C 161 38.88 -5.24 -18.38
C GLU C 161 38.75 -6.20 -19.57
N LEU C 162 39.12 -5.71 -20.76
CA LEU C 162 39.06 -6.51 -21.98
C LEU C 162 40.08 -7.64 -22.01
N VAL C 163 41.28 -7.37 -21.51
CA VAL C 163 42.32 -8.39 -21.43
C VAL C 163 41.88 -9.51 -20.50
N HIS C 164 41.27 -9.15 -19.37
CA HIS C 164 40.77 -10.11 -18.39
C HIS C 164 39.74 -11.08 -18.98
N GLU C 165 38.85 -10.57 -19.82
CA GLU C 165 37.88 -11.41 -20.52
C GLU C 165 38.59 -12.31 -21.51
N THR C 166 39.32 -11.67 -22.43
CA THR C 166 40.03 -12.34 -23.49
C THR C 166 40.99 -13.42 -22.95
N PHE C 167 41.64 -13.14 -21.83
CA PHE C 167 42.53 -14.11 -21.21
C PHE C 167 41.75 -15.33 -20.71
N GLU C 168 40.64 -15.09 -20.01
CA GLU C 168 39.78 -16.19 -19.54
C GLU C 168 39.15 -16.93 -20.70
N HIS C 169 39.10 -16.29 -21.86
CA HIS C 169 38.55 -16.89 -23.07
C HIS C 169 39.52 -17.91 -23.65
N ILE C 170 40.81 -17.69 -23.45
CA ILE C 170 41.86 -18.59 -23.95
C ILE C 170 42.44 -19.48 -22.86
N THR C 185 24.38 -28.55 -39.86
CA THR C 185 23.00 -28.11 -40.04
C THR C 185 22.02 -29.27 -40.26
N GLY C 186 21.79 -29.65 -41.51
CA GLY C 186 20.86 -30.74 -41.80
C GLY C 186 20.53 -30.99 -43.27
N PHE C 187 20.61 -29.95 -44.10
CA PHE C 187 20.34 -30.10 -45.54
C PHE C 187 21.61 -30.43 -46.33
N LYS C 188 21.74 -31.71 -46.71
CA LYS C 188 22.92 -32.25 -47.41
C LYS C 188 23.46 -31.40 -48.58
N GLU C 189 22.54 -30.83 -49.35
CA GLU C 189 22.89 -29.96 -50.47
C GLU C 189 23.42 -28.60 -49.99
N LEU C 190 22.76 -28.04 -48.98
CA LEU C 190 23.13 -26.75 -48.41
C LEU C 190 24.38 -26.87 -47.54
N ASP C 191 24.51 -27.99 -46.82
CA ASP C 191 25.64 -28.23 -45.93
C ASP C 191 26.95 -28.45 -46.68
N GLN C 192 26.85 -28.84 -47.95
CA GLN C 192 28.01 -28.99 -48.81
C GLN C 192 28.57 -27.59 -49.12
N LEU C 193 27.67 -26.65 -49.41
CA LEU C 193 28.06 -25.28 -49.71
C LEU C 193 28.45 -24.49 -48.47
N ILE C 194 27.68 -24.65 -47.40
CA ILE C 194 27.86 -23.91 -46.16
C ILE C 194 28.86 -24.57 -45.20
N GLY C 195 28.80 -25.89 -45.12
CA GLY C 195 29.60 -26.63 -44.14
C GLY C 195 28.90 -26.55 -42.79
N THR C 196 29.62 -26.93 -41.73
CA THR C 196 29.10 -26.86 -40.37
C THR C 196 28.81 -25.42 -39.95
N LEU C 197 27.79 -25.23 -39.12
CA LEU C 197 27.52 -23.91 -38.53
C LEU C 197 28.55 -23.74 -37.43
N GLY C 198 29.57 -22.94 -37.71
CA GLY C 198 30.73 -22.75 -36.85
C GLY C 198 30.48 -22.48 -35.37
N PRO C 199 31.41 -22.90 -34.50
CA PRO C 199 31.29 -22.59 -33.07
C PRO C 199 31.56 -21.11 -32.81
N GLY C 200 30.62 -20.45 -32.14
CA GLY C 200 30.74 -19.03 -31.84
C GLY C 200 30.41 -18.16 -33.05
N SER C 201 29.49 -18.64 -33.88
CA SER C 201 29.09 -17.91 -35.06
C SER C 201 27.69 -17.32 -34.89
N LEU C 202 27.45 -16.22 -35.60
CA LEU C 202 26.13 -15.64 -35.68
C LEU C 202 25.66 -15.90 -37.11
N ASN C 203 24.57 -16.63 -37.24
CA ASN C 203 24.03 -16.98 -38.53
C ASN C 203 22.63 -16.41 -38.66
N ILE C 204 22.35 -15.77 -39.78
CA ILE C 204 21.08 -15.09 -39.97
C ILE C 204 20.23 -15.67 -41.11
N ILE C 205 18.95 -15.92 -40.79
CA ILE C 205 17.97 -16.40 -41.74
C ILE C 205 16.92 -15.32 -41.92
N ALA C 206 17.03 -14.57 -43.01
CA ALA C 206 16.11 -13.47 -43.28
C ALA C 206 15.12 -13.83 -44.39
N ALA C 207 13.87 -13.40 -44.21
CA ALA C 207 12.83 -13.63 -45.22
C ALA C 207 11.65 -12.70 -44.99
N ARG C 208 10.86 -12.50 -46.04
CA ARG C 208 9.64 -11.71 -45.96
C ARG C 208 8.62 -12.53 -45.14
N PRO C 209 7.77 -11.87 -44.31
CA PRO C 209 6.74 -12.59 -43.54
C PRO C 209 6.06 -13.72 -44.30
N ALA C 210 5.89 -14.86 -43.63
CA ALA C 210 5.24 -16.07 -44.18
C ALA C 210 5.98 -16.69 -45.38
N MET C 211 7.31 -16.76 -45.29
CA MET C 211 8.12 -17.39 -46.34
C MET C 211 8.65 -18.75 -45.91
N GLY C 212 8.62 -19.00 -44.60
CA GLY C 212 9.05 -20.27 -44.05
C GLY C 212 10.23 -20.18 -43.10
N LYS C 213 10.51 -18.98 -42.60
CA LYS C 213 11.62 -18.77 -41.66
C LYS C 213 11.59 -19.77 -40.53
N THR C 214 10.50 -19.74 -39.76
CA THR C 214 10.32 -20.61 -38.60
C THR C 214 10.37 -22.09 -38.99
N ALA C 215 9.60 -22.44 -40.02
CA ALA C 215 9.58 -23.79 -40.55
C ALA C 215 10.99 -24.28 -40.87
N PHE C 216 11.75 -23.44 -41.58
CA PHE C 216 13.12 -23.72 -41.95
C PHE C 216 13.99 -23.91 -40.71
N ALA C 217 13.95 -22.92 -39.84
CA ALA C 217 14.71 -22.95 -38.59
C ALA C 217 14.44 -24.21 -37.77
N LEU C 218 13.16 -24.51 -37.55
CA LEU C 218 12.77 -25.69 -36.77
C LEU C 218 13.22 -27.02 -37.38
N THR C 219 13.35 -27.07 -38.71
CA THR C 219 13.84 -28.27 -39.37
C THR C 219 15.29 -28.51 -38.96
N ILE C 220 16.10 -27.45 -39.03
CA ILE C 220 17.50 -27.51 -38.63
C ILE C 220 17.59 -27.92 -37.16
N ALA C 221 16.74 -27.30 -36.34
CA ALA C 221 16.66 -27.59 -34.90
C ALA C 221 16.43 -29.07 -34.59
N GLN C 222 15.62 -29.72 -35.42
CA GLN C 222 15.30 -31.14 -35.24
C GLN C 222 16.45 -32.06 -35.61
N ASN C 223 16.98 -31.92 -36.83
CA ASN C 223 18.09 -32.80 -37.24
C ASN C 223 19.44 -32.41 -36.64
N ALA C 224 19.40 -31.49 -35.68
CA ALA C 224 20.57 -31.10 -34.91
C ALA C 224 20.44 -31.73 -33.52
N ALA C 225 19.19 -31.88 -33.08
CA ALA C 225 18.90 -32.47 -31.78
C ALA C 225 18.77 -34.00 -31.87
N LEU C 226 18.07 -34.45 -32.91
CA LEU C 226 17.83 -35.88 -33.11
C LEU C 226 18.96 -36.58 -33.86
N LYS C 227 19.42 -35.96 -34.94
CA LYS C 227 20.45 -36.57 -35.81
C LYS C 227 21.90 -36.31 -35.39
N GLU C 228 22.23 -35.05 -35.09
CA GLU C 228 23.57 -34.70 -34.61
C GLU C 228 23.76 -35.10 -33.14
N GLY C 229 22.72 -34.89 -32.33
CA GLY C 229 22.77 -35.23 -30.90
C GLY C 229 22.89 -34.03 -29.97
N VAL C 230 23.35 -32.89 -30.51
CA VAL C 230 23.52 -31.65 -29.73
C VAL C 230 22.19 -31.02 -29.34
N GLY C 231 22.13 -30.43 -28.15
CA GLY C 231 20.92 -29.79 -27.65
C GLY C 231 20.71 -28.42 -28.26
N VAL C 232 19.44 -28.06 -28.50
CA VAL C 232 19.13 -26.74 -29.05
C VAL C 232 18.18 -25.93 -28.14
N GLY C 233 18.44 -24.63 -28.05
CA GLY C 233 17.61 -23.72 -27.27
C GLY C 233 16.86 -22.80 -28.22
N ILE C 234 15.55 -22.68 -28.01
CA ILE C 234 14.72 -21.84 -28.87
C ILE C 234 14.07 -20.73 -28.08
N TYR C 235 14.40 -19.50 -28.42
CA TYR C 235 13.73 -18.36 -27.83
C TYR C 235 12.56 -17.97 -28.74
N SER C 236 11.38 -18.48 -28.40
CA SER C 236 10.18 -18.27 -29.19
C SER C 236 9.47 -16.99 -28.80
N LEU C 237 9.94 -15.88 -29.35
CA LEU C 237 9.40 -14.58 -29.06
C LEU C 237 8.10 -14.36 -29.82
N GLU C 238 7.86 -15.16 -30.85
CA GLU C 238 6.70 -14.98 -31.72
C GLU C 238 5.41 -15.64 -31.20
N MET C 239 5.53 -16.85 -30.68
CA MET C 239 4.36 -17.56 -30.16
C MET C 239 4.68 -18.48 -28.98
N PRO C 240 3.67 -18.76 -28.13
CA PRO C 240 3.82 -19.69 -27.00
C PRO C 240 4.45 -21.03 -27.43
N ALA C 241 5.22 -21.64 -26.53
CA ALA C 241 5.95 -22.89 -26.78
C ALA C 241 5.03 -24.04 -27.19
N ALA C 242 3.83 -24.05 -26.60
CA ALA C 242 2.82 -25.03 -26.94
C ALA C 242 2.42 -24.87 -28.42
N GLN C 243 2.21 -23.63 -28.85
CA GLN C 243 1.85 -23.33 -30.25
C GLN C 243 2.96 -23.65 -31.25
N LEU C 244 4.20 -23.46 -30.83
CA LEU C 244 5.33 -23.74 -31.70
C LEU C 244 5.51 -25.25 -31.86
N THR C 245 5.17 -25.99 -30.81
CA THR C 245 5.30 -27.45 -30.80
C THR C 245 4.25 -28.12 -31.68
N LEU C 246 2.98 -27.75 -31.48
CA LEU C 246 1.89 -28.26 -32.31
C LEU C 246 2.17 -27.95 -33.77
N ARG C 247 2.60 -26.71 -34.02
CA ARG C 247 3.00 -26.24 -35.33
C ARG C 247 4.04 -27.20 -35.93
N MET C 248 5.05 -27.53 -35.11
CA MET C 248 6.16 -28.40 -35.50
C MET C 248 5.76 -29.86 -35.75
N MET C 249 4.88 -30.39 -34.89
CA MET C 249 4.42 -31.77 -35.00
C MET C 249 3.56 -32.01 -36.23
N CYS C 250 2.72 -31.03 -36.57
CA CYS C 250 1.84 -31.09 -37.74
C CYS C 250 2.61 -31.08 -39.04
N SER C 251 3.73 -30.34 -39.05
CA SER C 251 4.62 -30.29 -40.19
C SER C 251 5.20 -31.69 -40.44
N GLU C 252 5.74 -32.28 -39.38
CA GLU C 252 6.36 -33.60 -39.42
C GLU C 252 5.38 -34.75 -39.66
N ALA C 253 4.17 -34.62 -39.13
CA ALA C 253 3.16 -35.66 -39.28
C ALA C 253 2.27 -35.44 -40.50
N ARG C 254 2.68 -34.53 -41.38
CA ARG C 254 1.95 -34.20 -42.61
C ARG C 254 0.46 -33.97 -42.36
N ILE C 255 0.16 -33.01 -41.49
CA ILE C 255 -1.20 -32.66 -41.11
C ILE C 255 -1.40 -31.16 -41.28
N ASP C 256 -2.49 -30.79 -41.94
CA ASP C 256 -2.85 -29.39 -42.10
C ASP C 256 -3.46 -28.87 -40.79
N MET C 257 -3.06 -27.67 -40.39
CA MET C 257 -3.45 -27.06 -39.11
C MET C 257 -4.92 -27.15 -38.67
N ASN C 258 -5.83 -27.45 -39.59
CA ASN C 258 -7.24 -27.59 -39.25
C ASN C 258 -7.73 -29.02 -39.43
N ASP C 269 -4.41 -41.97 -39.85
CA ASP C 269 -3.37 -40.94 -39.88
C ASP C 269 -3.15 -40.26 -38.53
N PHE C 270 -3.76 -40.81 -37.49
CA PHE C 270 -3.63 -40.33 -36.12
C PHE C 270 -2.38 -40.93 -35.47
N SER C 271 -2.03 -42.14 -35.90
CA SER C 271 -0.83 -42.81 -35.41
C SER C 271 0.42 -42.23 -36.06
N ARG C 272 0.23 -41.51 -37.15
CA ARG C 272 1.32 -40.78 -37.83
C ARG C 272 1.74 -39.62 -36.94
N LEU C 273 0.83 -39.19 -36.08
CA LEU C 273 1.10 -38.16 -35.10
C LEU C 273 1.75 -38.82 -33.89
N VAL C 274 1.27 -40.02 -33.54
CA VAL C 274 1.78 -40.78 -32.40
C VAL C 274 3.28 -41.08 -32.54
N ASP C 275 3.71 -41.46 -33.74
CA ASP C 275 5.11 -41.79 -33.99
C ASP C 275 6.05 -40.58 -33.99
N VAL C 276 5.50 -39.42 -34.35
CA VAL C 276 6.26 -38.17 -34.31
C VAL C 276 6.34 -37.71 -32.85
N ALA C 277 5.29 -37.98 -32.09
CA ALA C 277 5.20 -37.60 -30.68
C ALA C 277 6.25 -38.30 -29.81
N SER C 278 6.32 -39.62 -29.92
CA SER C 278 7.26 -40.41 -29.15
C SER C 278 8.68 -40.35 -29.73
N ARG C 279 8.81 -39.68 -30.87
CA ARG C 279 10.09 -39.51 -31.57
C ARG C 279 10.69 -38.16 -31.22
N LEU C 280 9.84 -37.12 -31.27
CA LEU C 280 10.24 -35.75 -30.99
C LEU C 280 10.45 -35.52 -29.49
N SER C 281 9.69 -36.23 -28.66
CA SER C 281 9.83 -36.10 -27.20
C SER C 281 11.18 -36.66 -26.69
N GLU C 282 11.91 -37.33 -27.58
CA GLU C 282 13.25 -37.84 -27.27
C GLU C 282 14.29 -36.74 -27.41
N ALA C 283 14.07 -35.83 -28.36
CA ALA C 283 15.00 -34.75 -28.69
C ALA C 283 15.32 -33.78 -27.54
N PRO C 284 16.61 -33.38 -27.40
CA PRO C 284 17.01 -32.42 -26.39
C PRO C 284 16.80 -30.96 -26.85
N ILE C 285 15.55 -30.59 -27.11
CA ILE C 285 15.21 -29.23 -27.50
C ILE C 285 14.53 -28.52 -26.31
N TYR C 286 14.88 -27.26 -26.09
CA TYR C 286 14.33 -26.49 -24.96
C TYR C 286 13.79 -25.16 -25.47
N ILE C 287 12.53 -24.87 -25.16
CA ILE C 287 11.89 -23.65 -25.66
C ILE C 287 11.58 -22.65 -24.53
N ASP C 288 11.88 -21.37 -24.80
CA ASP C 288 11.60 -20.31 -23.85
C ASP C 288 10.55 -19.37 -24.43
N ASP C 289 9.40 -19.31 -23.76
CA ASP C 289 8.27 -18.44 -24.15
C ASP C 289 8.47 -16.96 -23.94
N THR C 290 9.12 -16.60 -22.84
CA THR C 290 9.26 -15.21 -22.40
C THR C 290 9.25 -14.18 -23.53
N PRO C 291 8.23 -13.30 -23.54
CA PRO C 291 8.06 -12.25 -24.54
C PRO C 291 9.02 -11.06 -24.33
N ASP C 292 9.20 -10.29 -25.40
CA ASP C 292 10.19 -9.19 -25.46
C ASP C 292 11.36 -9.24 -24.49
N LEU C 293 12.26 -10.17 -24.81
CA LEU C 293 13.51 -10.36 -24.12
C LEU C 293 14.52 -9.36 -24.63
N THR C 294 15.29 -8.81 -23.69
CA THR C 294 16.36 -7.89 -24.02
C THR C 294 17.62 -8.69 -24.27
N LEU C 295 18.60 -8.06 -24.91
CA LEU C 295 19.91 -8.69 -25.12
C LEU C 295 20.42 -9.22 -23.78
N MET C 296 20.32 -8.36 -22.78
CA MET C 296 20.68 -8.65 -21.39
C MET C 296 20.10 -10.00 -20.94
N GLU C 297 18.78 -10.10 -20.97
CA GLU C 297 18.09 -11.32 -20.52
C GLU C 297 18.47 -12.54 -21.34
N VAL C 298 18.49 -12.42 -22.66
CA VAL C 298 18.86 -13.52 -23.54
C VAL C 298 20.26 -14.03 -23.18
N ARG C 299 21.18 -13.10 -22.94
CA ARG C 299 22.52 -13.45 -22.46
C ARG C 299 22.42 -14.32 -21.23
N ALA C 300 21.80 -13.80 -20.18
CA ALA C 300 21.70 -14.49 -18.90
C ALA C 300 21.05 -15.87 -19.02
N ARG C 301 19.89 -15.90 -19.69
CA ARG C 301 19.12 -17.13 -19.86
C ARG C 301 19.91 -18.19 -20.60
N ALA C 302 20.49 -17.81 -21.75
CA ALA C 302 21.30 -18.72 -22.55
C ALA C 302 22.55 -19.13 -21.79
N ARG C 303 23.24 -18.18 -21.16
CA ARG C 303 24.41 -18.50 -20.35
C ARG C 303 24.06 -19.69 -19.47
N ARG C 304 22.96 -19.56 -18.72
CA ARG C 304 22.55 -20.62 -17.79
C ARG C 304 21.79 -21.79 -18.43
N LEU C 305 21.70 -21.80 -19.75
CA LEU C 305 21.09 -22.91 -20.48
C LEU C 305 22.18 -23.82 -21.03
N VAL C 306 23.30 -23.23 -21.41
CA VAL C 306 24.48 -23.99 -21.82
C VAL C 306 25.15 -24.50 -20.54
N SER C 307 24.63 -24.01 -19.40
CA SER C 307 25.13 -24.36 -18.08
C SER C 307 24.40 -25.57 -17.48
N GLN C 308 23.07 -25.53 -17.50
CA GLN C 308 22.27 -26.63 -16.94
C GLN C 308 22.37 -27.86 -17.85
N ASN C 309 21.89 -27.71 -19.08
CA ASN C 309 21.90 -28.76 -20.08
C ASN C 309 23.07 -28.55 -21.03
N GLN C 310 23.36 -29.54 -21.86
CA GLN C 310 24.39 -29.35 -22.88
C GLN C 310 23.72 -28.89 -24.17
N VAL C 311 23.90 -27.61 -24.50
CA VAL C 311 23.26 -27.00 -25.66
C VAL C 311 24.34 -26.47 -26.60
N GLY C 312 24.24 -26.88 -27.87
CA GLY C 312 25.20 -26.48 -28.89
C GLY C 312 24.62 -25.64 -30.00
N LEU C 313 23.38 -25.18 -29.83
CA LEU C 313 22.71 -24.35 -30.84
C LEU C 313 21.59 -23.53 -30.21
N ILE C 314 21.48 -22.26 -30.60
CA ILE C 314 20.37 -21.41 -30.15
C ILE C 314 19.68 -20.68 -31.31
N ILE C 315 18.36 -20.85 -31.42
CA ILE C 315 17.57 -20.14 -32.42
C ILE C 315 16.75 -19.04 -31.74
N ILE C 316 16.78 -17.85 -32.33
CA ILE C 316 16.01 -16.73 -31.83
C ILE C 316 14.97 -16.31 -32.89
N ASP C 317 13.72 -16.64 -32.61
CA ASP C 317 12.59 -16.40 -33.51
C ASP C 317 11.60 -15.38 -32.92
N TYR C 318 11.70 -14.11 -33.33
CA TYR C 318 12.69 -13.63 -34.29
C TYR C 318 13.29 -12.32 -33.80
N LEU C 319 14.42 -11.94 -34.40
CA LEU C 319 15.21 -10.78 -34.00
C LEU C 319 14.43 -9.49 -33.70
N GLN C 320 13.60 -9.07 -34.64
CA GLN C 320 12.89 -7.79 -34.53
C GLN C 320 11.96 -7.72 -33.32
N LEU C 321 11.79 -8.85 -32.63
CA LEU C 321 10.92 -8.89 -31.45
C LEU C 321 11.64 -8.64 -30.12
N MET C 322 12.93 -8.36 -30.18
CA MET C 322 13.72 -8.10 -28.99
C MET C 322 13.71 -6.62 -28.59
N SER C 323 13.71 -6.38 -27.29
CA SER C 323 13.71 -5.02 -26.76
C SER C 323 15.12 -4.49 -26.48
N GLY C 324 15.30 -3.19 -26.67
CA GLY C 324 16.57 -2.54 -26.37
C GLY C 324 16.59 -2.10 -24.92
N PRO C 325 17.73 -1.52 -24.47
CA PRO C 325 17.86 -1.03 -23.10
C PRO C 325 16.94 0.15 -22.81
N ASN C 333 15.94 5.68 -34.88
CA ASN C 333 16.77 5.14 -33.81
C ASN C 333 16.60 3.63 -33.58
N ARG C 334 15.47 3.08 -34.02
CA ARG C 334 15.20 1.65 -33.92
C ARG C 334 16.24 0.84 -34.70
N GLN C 335 16.73 1.42 -35.79
CA GLN C 335 17.79 0.83 -36.61
C GLN C 335 19.04 0.56 -35.77
N GLN C 336 19.48 1.59 -35.04
CA GLN C 336 20.62 1.52 -34.14
C GLN C 336 20.44 0.49 -33.02
N GLU C 337 19.21 0.40 -32.51
CA GLU C 337 18.84 -0.53 -31.44
C GLU C 337 19.02 -2.00 -31.84
N ILE C 338 18.75 -2.32 -33.10
CA ILE C 338 18.84 -3.70 -33.60
C ILE C 338 20.28 -4.13 -33.94
N ALA C 339 21.07 -3.20 -34.48
CA ALA C 339 22.48 -3.46 -34.78
C ALA C 339 23.23 -3.80 -33.50
N ALA C 340 22.93 -3.07 -32.43
CA ALA C 340 23.49 -3.33 -31.11
C ALA C 340 23.14 -4.73 -30.58
N ILE C 341 21.87 -5.11 -30.74
CA ILE C 341 21.42 -6.45 -30.35
C ILE C 341 22.19 -7.49 -31.16
N SER C 342 22.28 -7.26 -32.47
CA SER C 342 22.95 -8.17 -33.37
C SER C 342 24.39 -8.44 -32.94
N ARG C 343 25.16 -7.36 -32.75
CA ARG C 343 26.54 -7.44 -32.27
C ARG C 343 26.62 -8.16 -30.94
N GLY C 344 25.66 -7.89 -30.05
CA GLY C 344 25.58 -8.54 -28.76
C GLY C 344 25.39 -10.03 -28.89
N LEU C 345 24.56 -10.44 -29.85
CA LEU C 345 24.31 -11.87 -30.10
C LEU C 345 25.56 -12.56 -30.62
N LYS C 346 26.30 -11.85 -31.47
CA LYS C 346 27.57 -12.35 -31.99
C LYS C 346 28.56 -12.49 -30.84
N ALA C 347 28.61 -11.48 -29.98
CA ALA C 347 29.48 -11.51 -28.83
C ALA C 347 29.13 -12.71 -27.94
N LEU C 348 27.83 -12.91 -27.73
CA LEU C 348 27.33 -14.01 -26.91
C LEU C 348 27.70 -15.36 -27.51
N ALA C 349 27.56 -15.47 -28.83
CA ALA C 349 27.93 -16.70 -29.54
C ALA C 349 29.37 -17.10 -29.17
N ARG C 350 30.28 -16.13 -29.24
CA ARG C 350 31.68 -16.36 -28.90
C ARG C 350 31.87 -16.78 -27.45
N GLU C 351 31.10 -16.17 -26.56
CA GLU C 351 31.22 -16.44 -25.14
C GLU C 351 30.83 -17.86 -24.76
N LEU C 352 29.86 -18.42 -25.48
CA LEU C 352 29.37 -19.77 -25.23
C LEU C 352 30.09 -20.80 -26.08
N GLY C 353 30.66 -20.33 -27.20
CA GLY C 353 31.38 -21.20 -28.13
C GLY C 353 30.47 -22.08 -28.96
N ILE C 354 29.26 -21.61 -29.20
CA ILE C 354 28.26 -22.34 -29.97
C ILE C 354 27.64 -21.44 -31.04
N PRO C 355 27.22 -22.03 -32.17
CA PRO C 355 26.55 -21.22 -33.19
C PRO C 355 25.20 -20.70 -32.71
N ILE C 356 24.81 -19.53 -33.21
CA ILE C 356 23.52 -18.95 -32.91
C ILE C 356 22.80 -18.62 -34.20
N ILE C 357 21.53 -19.00 -34.27
CA ILE C 357 20.71 -18.69 -35.43
C ILE C 357 19.70 -17.60 -35.06
N ALA C 358 19.72 -16.51 -35.81
CA ALA C 358 18.80 -15.41 -35.59
C ALA C 358 17.97 -15.17 -36.84
N LEU C 359 16.65 -15.34 -36.72
CA LEU C 359 15.73 -15.13 -37.83
C LEU C 359 15.37 -13.65 -37.92
N SER C 360 15.27 -13.12 -39.14
CA SER C 360 14.99 -11.71 -39.33
C SER C 360 13.91 -11.45 -40.37
N GLN C 361 13.02 -10.50 -40.05
CA GLN C 361 11.98 -10.08 -41.00
C GLN C 361 12.57 -9.09 -41.98
N LEU C 362 11.92 -8.92 -43.14
CA LEU C 362 12.37 -7.97 -44.15
C LEU C 362 11.27 -6.98 -44.51
N SER C 363 11.67 -5.74 -44.78
CA SER C 363 10.72 -4.68 -45.13
C SER C 363 10.08 -4.85 -46.50
N ARG C 364 9.06 -4.04 -46.77
CA ARG C 364 8.34 -4.05 -48.05
C ARG C 364 9.16 -3.41 -49.17
N ALA C 365 10.38 -2.99 -48.83
CA ALA C 365 11.31 -2.42 -49.82
C ALA C 365 11.72 -3.47 -50.84
N VAL C 366 11.71 -4.73 -50.41
CA VAL C 366 12.06 -5.89 -51.25
C VAL C 366 11.02 -6.10 -52.35
N GLU C 367 9.76 -5.76 -52.04
CA GLU C 367 8.64 -5.97 -52.95
C GLU C 367 8.33 -4.75 -53.83
N ALA C 368 9.16 -3.72 -53.73
CA ALA C 368 8.98 -2.48 -54.50
C ALA C 368 9.73 -2.46 -55.83
N ARG C 369 10.52 -3.51 -56.08
CA ARG C 369 11.29 -3.63 -57.31
C ARG C 369 10.90 -4.89 -58.09
N PRO C 370 11.10 -4.91 -59.42
CA PRO C 370 10.78 -6.10 -60.24
C PRO C 370 11.30 -7.39 -59.62
N ASN C 371 12.62 -7.51 -59.45
CA ASN C 371 13.21 -8.69 -58.84
C ASN C 371 13.00 -8.67 -57.33
N LYS C 372 12.05 -9.47 -56.86
CA LYS C 372 11.67 -9.49 -55.45
C LYS C 372 12.50 -10.44 -54.55
N ARG C 373 13.68 -10.82 -55.04
CA ARG C 373 14.61 -11.69 -54.30
C ARG C 373 15.53 -10.85 -53.42
N PRO C 374 15.60 -11.18 -52.12
CA PRO C 374 16.44 -10.46 -51.15
C PRO C 374 17.94 -10.55 -51.41
N MET C 375 18.68 -9.57 -50.88
CA MET C 375 20.14 -9.50 -50.96
C MET C 375 20.67 -8.78 -49.72
N LEU C 376 21.99 -8.76 -49.53
CA LEU C 376 22.59 -8.10 -48.36
C LEU C 376 22.15 -6.65 -48.18
N SER C 377 22.02 -5.94 -49.30
CA SER C 377 21.57 -4.55 -49.33
C SER C 377 20.28 -4.29 -48.56
N ASP C 378 19.40 -5.29 -48.54
CA ASP C 378 18.10 -5.20 -47.87
C ASP C 378 18.20 -5.29 -46.36
N LEU C 379 19.32 -5.83 -45.87
CA LEU C 379 19.55 -5.94 -44.44
C LEU C 379 20.10 -4.67 -43.80
N ARG C 380 20.75 -3.83 -44.61
CA ARG C 380 21.29 -2.55 -44.11
C ARG C 380 20.16 -1.54 -43.84
N GLU C 381 18.92 -2.00 -43.95
CA GLU C 381 17.73 -1.22 -43.61
C GLU C 381 17.73 -1.01 -42.10
N SER C 382 17.84 -2.12 -41.36
CA SER C 382 17.90 -2.07 -39.90
C SER C 382 19.35 -2.21 -39.38
N GLY C 383 20.17 -1.22 -39.71
CA GLY C 383 21.56 -1.14 -39.24
C GLY C 383 22.55 -2.08 -39.90
N SER C 384 23.48 -2.56 -39.09
CA SER C 384 24.56 -3.44 -39.55
C SER C 384 24.34 -4.88 -39.14
N ILE C 385 23.12 -5.39 -39.33
CA ILE C 385 22.80 -6.79 -38.97
C ILE C 385 23.79 -7.76 -39.63
N GLU C 386 24.16 -7.45 -40.86
CA GLU C 386 25.09 -8.27 -41.64
C GLU C 386 26.53 -8.24 -41.13
N GLN C 387 26.94 -7.08 -40.63
CA GLN C 387 28.34 -6.83 -40.20
C GLN C 387 28.91 -7.79 -39.18
N ASP C 388 28.07 -8.26 -38.28
CA ASP C 388 28.53 -9.14 -37.22
C ASP C 388 28.08 -10.56 -37.48
N ALA C 389 27.37 -10.75 -38.60
CA ALA C 389 26.92 -12.06 -39.02
C ALA C 389 28.00 -12.78 -39.81
N ASP C 390 28.17 -14.07 -39.54
CA ASP C 390 29.14 -14.90 -40.25
C ASP C 390 28.49 -15.59 -41.45
N LEU C 391 27.18 -15.81 -41.34
CA LEU C 391 26.40 -16.46 -42.38
C LEU C 391 25.06 -15.76 -42.55
N VAL C 392 24.67 -15.50 -43.81
CA VAL C 392 23.40 -14.86 -44.12
C VAL C 392 22.67 -15.63 -45.21
N MET C 393 21.44 -16.05 -44.89
CA MET C 393 20.62 -16.85 -45.78
C MET C 393 19.23 -16.27 -45.95
N PHE C 394 18.79 -16.17 -47.20
CA PHE C 394 17.45 -15.68 -47.50
C PHE C 394 16.53 -16.82 -47.92
N ILE C 395 15.22 -16.61 -47.78
CA ILE C 395 14.23 -17.56 -48.25
C ILE C 395 13.28 -16.84 -49.20
N TYR C 396 13.24 -17.33 -50.44
CA TYR C 396 12.39 -16.78 -51.49
C TYR C 396 11.65 -17.92 -52.17
N ARG C 397 10.35 -17.73 -52.40
CA ARG C 397 9.53 -18.74 -53.09
C ARG C 397 8.66 -18.09 -54.17
N ASP C 398 8.67 -18.66 -55.38
CA ASP C 398 7.87 -18.16 -56.50
C ASP C 398 6.42 -17.89 -56.11
N GLU C 399 5.72 -18.95 -55.70
CA GLU C 399 4.30 -18.92 -55.34
C GLU C 399 3.81 -17.64 -54.67
N TYR C 400 4.50 -17.25 -53.60
CA TYR C 400 4.16 -16.08 -52.79
C TYR C 400 3.93 -14.81 -53.62
N TYR C 401 4.78 -14.60 -54.62
CA TYR C 401 4.70 -13.42 -55.47
C TYR C 401 4.10 -13.72 -56.84
N ASN C 402 4.07 -15.00 -57.19
CA ASN C 402 3.54 -15.47 -58.47
C ASN C 402 2.77 -16.79 -58.36
N PRO C 403 1.52 -16.74 -57.85
CA PRO C 403 0.73 -17.97 -57.70
C PRO C 403 0.17 -18.44 -59.04
N HIS C 404 0.95 -18.29 -60.11
CA HIS C 404 0.53 -18.67 -61.45
C HIS C 404 1.53 -19.65 -62.06
N SER C 405 2.82 -19.30 -61.92
CA SER C 405 3.94 -20.05 -62.48
C SER C 405 5.20 -19.62 -61.73
N GLU C 406 6.28 -20.41 -61.78
CA GLU C 406 6.37 -21.69 -62.49
C GLU C 406 6.60 -22.81 -61.49
N LYS C 407 7.57 -22.59 -60.60
CA LYS C 407 7.95 -23.56 -59.57
C LYS C 407 6.80 -23.85 -58.62
N ALA C 408 6.38 -25.11 -58.60
CA ALA C 408 5.24 -25.57 -57.80
C ALA C 408 5.50 -25.54 -56.29
N GLY C 409 6.44 -26.36 -55.84
CA GLY C 409 6.76 -26.43 -54.41
C GLY C 409 8.25 -26.38 -54.14
N ILE C 410 8.92 -25.43 -54.79
CA ILE C 410 10.36 -25.27 -54.67
C ILE C 410 10.70 -23.97 -53.92
N ALA C 411 11.61 -24.08 -52.96
CA ALA C 411 12.05 -22.94 -52.15
C ALA C 411 13.54 -22.66 -52.33
N GLU C 412 13.87 -21.39 -52.54
CA GLU C 412 15.25 -20.97 -52.71
C GLU C 412 15.87 -20.53 -51.40
N ILE C 413 17.15 -20.84 -51.24
CA ILE C 413 17.92 -20.38 -50.09
C ILE C 413 19.15 -19.63 -50.62
N ILE C 414 18.98 -18.32 -50.76
CA ILE C 414 20.03 -17.44 -51.28
C ILE C 414 21.03 -17.16 -50.17
N VAL C 415 22.29 -17.55 -50.39
CA VAL C 415 23.35 -17.33 -49.42
C VAL C 415 24.08 -16.03 -49.75
N GLY C 416 23.98 -15.06 -48.85
CA GLY C 416 24.60 -13.75 -49.05
C GLY C 416 26.04 -13.69 -48.57
N LYS C 417 26.27 -14.14 -47.34
CA LYS C 417 27.61 -14.14 -46.74
C LYS C 417 27.94 -15.49 -46.11
N GLN C 418 29.21 -15.88 -46.22
CA GLN C 418 29.76 -17.05 -45.54
C GLN C 418 31.29 -16.95 -45.48
N ARG C 419 31.89 -17.52 -44.43
CA ARG C 419 33.34 -17.46 -44.24
C ARG C 419 34.08 -18.51 -45.07
N ASN C 420 33.54 -19.73 -45.05
CA ASN C 420 34.13 -20.87 -45.75
C ASN C 420 34.29 -20.72 -47.28
N GLY C 421 33.17 -20.70 -47.99
CA GLY C 421 33.17 -20.60 -49.46
C GLY C 421 32.57 -19.31 -50.01
N PRO C 422 32.20 -19.30 -51.31
CA PRO C 422 31.60 -18.14 -51.97
C PRO C 422 30.06 -18.09 -51.94
N THR C 423 29.49 -17.07 -52.56
CA THR C 423 28.03 -16.86 -52.62
C THR C 423 27.37 -17.81 -53.62
N GLY C 424 26.26 -18.42 -53.19
CA GLY C 424 25.51 -19.33 -54.05
C GLY C 424 24.14 -19.72 -53.52
N THR C 425 23.17 -19.84 -54.43
CA THR C 425 21.81 -20.24 -54.07
C THR C 425 21.64 -21.76 -54.19
N VAL C 426 21.07 -22.36 -53.14
CA VAL C 426 20.76 -23.79 -53.12
C VAL C 426 19.24 -23.93 -53.11
N GLU C 427 18.72 -24.88 -53.89
CA GLU C 427 17.26 -25.03 -54.06
C GLU C 427 16.66 -26.25 -53.38
N LEU C 428 15.58 -25.99 -52.63
CA LEU C 428 14.96 -26.97 -51.73
C LEU C 428 13.46 -27.14 -52.03
N GLN C 429 12.82 -28.11 -51.37
CA GLN C 429 11.37 -28.35 -51.54
C GLN C 429 10.54 -27.82 -50.37
N PHE C 430 9.39 -27.24 -50.70
CA PHE C 430 8.48 -26.67 -49.70
C PHE C 430 7.03 -27.04 -49.97
N HIS C 431 6.36 -27.57 -48.94
CA HIS C 431 4.95 -27.92 -49.04
C HIS C 431 4.14 -26.84 -48.34
N ALA C 432 3.40 -26.05 -49.14
CA ALA C 432 2.63 -24.90 -48.65
C ALA C 432 1.64 -25.21 -47.53
N SER C 433 0.95 -26.35 -47.65
CA SER C 433 -0.07 -26.74 -46.68
C SER C 433 0.49 -27.26 -45.35
N HIS C 434 1.54 -28.08 -45.42
CA HIS C 434 2.15 -28.65 -44.22
C HIS C 434 3.33 -27.83 -43.73
N VAL C 435 3.60 -26.72 -44.41
CA VAL C 435 4.70 -25.80 -44.08
C VAL C 435 5.96 -26.59 -43.73
N ARG C 436 6.47 -27.35 -44.70
CA ARG C 436 7.63 -28.21 -44.49
C ARG C 436 8.72 -28.06 -45.55
N PHE C 437 9.96 -28.31 -45.13
CA PHE C 437 11.12 -28.25 -46.03
C PHE C 437 11.76 -29.62 -46.23
N ASN C 438 12.19 -29.88 -47.46
CA ASN C 438 12.84 -31.14 -47.85
C ASN C 438 13.94 -30.92 -48.89
N ASP C 439 14.94 -31.80 -48.89
CA ASP C 439 16.01 -31.77 -49.91
C ASP C 439 15.41 -31.95 -51.31
N LEU C 440 16.09 -31.40 -52.31
CA LEU C 440 15.63 -31.46 -53.70
C LEU C 440 15.67 -32.87 -54.26
N PRO D 4 3.81 -31.44 16.40
CA PRO D 4 4.62 -30.37 15.82
C PRO D 4 5.18 -29.44 16.90
N ILE D 5 6.51 -29.40 17.04
CA ILE D 5 7.15 -28.59 18.07
C ILE D 5 6.78 -27.11 17.93
N PRO D 6 6.31 -26.48 19.03
CA PRO D 6 5.92 -25.06 18.98
C PRO D 6 7.12 -24.20 18.60
N PRO D 7 6.90 -23.18 17.76
CA PRO D 7 7.98 -22.29 17.34
C PRO D 7 8.66 -21.60 18.52
N HIS D 8 9.99 -21.74 18.58
CA HIS D 8 10.81 -21.13 19.61
C HIS D 8 12.25 -21.08 19.09
N SER D 9 13.15 -20.48 19.87
CA SER D 9 14.56 -20.41 19.50
C SER D 9 15.49 -20.42 20.73
N LEU D 10 15.90 -21.62 21.12
CA LEU D 10 16.79 -21.81 22.27
C LEU D 10 18.03 -20.92 22.14
N GLU D 11 18.57 -20.87 20.92
CA GLU D 11 19.77 -20.10 20.65
C GLU D 11 19.57 -18.60 20.68
N ALA D 12 18.38 -18.15 20.28
CA ALA D 12 18.06 -16.72 20.36
C ALA D 12 17.89 -16.31 21.82
N GLU D 13 17.24 -17.19 22.60
CA GLU D 13 17.03 -16.96 24.03
C GLU D 13 18.38 -16.86 24.73
N GLN D 14 19.23 -17.87 24.50
CA GLN D 14 20.58 -17.90 25.06
C GLN D 14 21.36 -16.64 24.72
N SER D 15 21.11 -16.11 23.52
CA SER D 15 21.79 -14.91 23.05
C SER D 15 21.29 -13.63 23.70
N VAL D 16 20.01 -13.60 24.07
CA VAL D 16 19.46 -12.41 24.72
C VAL D 16 19.99 -12.32 26.15
N LEU D 17 19.93 -13.44 26.87
CA LEU D 17 20.40 -13.49 28.25
C LEU D 17 21.91 -13.29 28.28
N GLY D 18 22.59 -13.83 27.27
CA GLY D 18 24.03 -13.64 27.14
C GLY D 18 24.35 -12.18 26.97
N SER D 19 23.51 -11.48 26.22
CA SER D 19 23.69 -10.05 25.95
C SER D 19 23.52 -9.16 27.18
N ILE D 20 22.64 -9.55 28.09
CA ILE D 20 22.43 -8.77 29.32
C ILE D 20 23.59 -9.04 30.30
N LEU D 21 24.20 -10.22 30.19
CA LEU D 21 25.32 -10.57 31.05
C LEU D 21 26.62 -9.87 30.61
N LEU D 22 26.82 -9.75 29.31
CA LEU D 22 27.99 -9.06 28.76
C LEU D 22 27.89 -7.55 28.95
N ASP D 23 26.65 -7.05 28.97
CA ASP D 23 26.38 -5.64 29.19
C ASP D 23 24.92 -5.49 29.61
N SER D 24 24.68 -5.30 30.90
CA SER D 24 23.33 -5.16 31.45
C SER D 24 22.58 -3.94 30.92
N ASP D 25 23.33 -3.01 30.33
CA ASP D 25 22.80 -1.74 29.85
C ASP D 25 21.82 -1.90 28.68
N VAL D 26 22.01 -2.94 27.87
CA VAL D 26 21.16 -3.22 26.69
C VAL D 26 19.73 -3.61 27.05
N MET D 27 19.54 -4.13 28.27
CA MET D 27 18.23 -4.58 28.77
C MET D 27 17.16 -3.49 28.69
N ASP D 28 17.64 -2.24 28.66
CA ASP D 28 16.80 -1.07 28.46
C ASP D 28 16.05 -1.24 27.14
N GLU D 29 16.80 -1.59 26.10
CA GLU D 29 16.26 -1.81 24.76
C GLU D 29 15.53 -3.15 24.65
N VAL D 30 15.99 -4.15 25.41
CA VAL D 30 15.41 -5.49 25.37
C VAL D 30 14.01 -5.56 25.98
N GLU D 31 13.84 -4.96 27.16
CA GLU D 31 12.54 -4.99 27.86
C GLU D 31 11.37 -4.44 27.07
N GLY D 32 11.64 -3.48 26.19
CA GLY D 32 10.62 -2.89 25.33
C GLY D 32 9.98 -3.92 24.43
N LEU D 33 10.75 -4.93 24.06
CA LEU D 33 10.28 -6.03 23.21
C LEU D 33 9.81 -7.23 24.02
N LEU D 34 10.44 -7.45 25.16
CA LEU D 34 10.08 -8.55 26.06
C LEU D 34 9.68 -7.99 27.41
N PRO D 35 8.40 -7.59 27.54
CA PRO D 35 7.93 -7.02 28.81
C PRO D 35 7.90 -8.07 29.92
N SER D 36 7.48 -9.30 29.58
CA SER D 36 7.37 -10.37 30.57
C SER D 36 8.13 -11.64 30.18
N PRO D 37 8.62 -12.40 31.18
CA PRO D 37 9.33 -13.67 31.01
C PRO D 37 8.56 -14.75 30.25
N GLU D 38 7.22 -14.60 30.20
CA GLU D 38 6.35 -15.53 29.50
C GLU D 38 6.77 -15.81 28.04
N ALA D 39 7.61 -14.94 27.51
CA ALA D 39 8.07 -15.06 26.12
C ALA D 39 9.06 -16.21 25.93
N PHE D 40 9.88 -16.47 26.94
CA PHE D 40 10.91 -17.52 26.87
C PHE D 40 10.28 -18.91 26.96
N TYR D 41 10.68 -19.78 26.05
CA TYR D 41 10.08 -21.12 25.93
C TYR D 41 10.46 -22.09 27.06
N ALA D 42 11.76 -22.25 27.34
CA ALA D 42 12.22 -23.20 28.35
C ALA D 42 12.04 -22.73 29.80
N GLU D 43 11.92 -23.70 30.71
CA GLU D 43 11.75 -23.44 32.16
C GLU D 43 12.79 -22.47 32.71
N ALA D 44 14.06 -22.84 32.57
CA ALA D 44 15.17 -22.06 33.10
C ALA D 44 15.11 -20.61 32.65
N HIS D 45 14.97 -20.40 31.34
CA HIS D 45 14.96 -19.05 30.75
C HIS D 45 13.90 -18.13 31.33
N ARG D 46 12.74 -18.67 31.65
CA ARG D 46 11.67 -17.89 32.29
C ARG D 46 12.09 -17.48 33.70
N LYS D 47 12.63 -18.43 34.47
CA LYS D 47 13.02 -18.17 35.86
C LYS D 47 14.29 -17.34 36.04
N ILE D 48 15.11 -17.25 35.00
CA ILE D 48 16.32 -16.42 35.05
C ILE D 48 16.02 -14.99 34.63
N TYR D 49 15.36 -14.82 33.49
CA TYR D 49 15.00 -13.49 32.98
C TYR D 49 14.15 -12.72 33.98
N ALA D 50 13.30 -13.45 34.70
CA ALA D 50 12.44 -12.86 35.73
C ALA D 50 13.27 -12.24 36.86
N ALA D 51 14.34 -12.94 37.26
CA ALA D 51 15.23 -12.48 38.33
C ALA D 51 16.14 -11.34 37.88
N MET D 52 16.31 -11.20 36.56
CA MET D 52 17.10 -10.13 35.98
C MET D 52 16.30 -8.83 36.02
N GLN D 53 14.98 -8.95 35.80
CA GLN D 53 14.05 -7.82 35.88
C GLN D 53 13.85 -7.41 37.35
N ALA D 54 13.98 -8.38 38.24
CA ALA D 54 13.88 -8.15 39.69
C ALA D 54 14.99 -7.21 40.13
N LEU D 55 16.18 -7.40 39.57
CA LEU D 55 17.32 -6.53 39.84
C LEU D 55 17.14 -5.17 39.18
N ARG D 56 16.35 -5.16 38.10
CA ARG D 56 16.05 -3.94 37.35
C ARG D 56 15.08 -3.03 38.10
N SER D 57 14.13 -3.64 38.83
CA SER D 57 13.14 -2.91 39.62
C SER D 57 13.78 -2.15 40.79
N GLN D 58 14.60 -2.85 41.56
CA GLN D 58 15.29 -2.27 42.70
C GLN D 58 16.45 -1.34 42.29
N GLY D 59 16.87 -1.44 41.04
CA GLY D 59 17.89 -0.55 40.48
C GLY D 59 19.35 -0.91 40.69
N ARG D 60 19.63 -2.18 41.01
CA ARG D 60 21.02 -2.63 41.16
C ARG D 60 21.47 -3.46 39.95
N PRO D 61 22.74 -3.25 39.52
CA PRO D 61 23.33 -3.88 38.33
C PRO D 61 23.10 -5.38 38.16
N VAL D 62 23.02 -5.84 36.91
CA VAL D 62 22.83 -7.25 36.60
C VAL D 62 24.17 -7.85 36.15
N ASP D 63 24.77 -8.65 37.04
CA ASP D 63 26.06 -9.28 36.78
C ASP D 63 25.97 -10.79 36.93
N LEU D 64 27.07 -11.47 36.61
CA LEU D 64 27.17 -12.93 36.79
C LEU D 64 27.19 -13.29 38.27
N VAL D 65 27.75 -12.41 39.09
CA VAL D 65 27.81 -12.61 40.53
C VAL D 65 26.51 -12.11 41.19
N THR D 66 25.83 -11.17 40.52
CA THR D 66 24.60 -10.59 41.07
C THR D 66 23.38 -11.48 40.77
N LEU D 67 23.25 -11.89 39.52
CA LEU D 67 22.15 -12.76 39.08
C LEU D 67 22.18 -14.11 39.79
N SER D 68 23.39 -14.63 39.98
CA SER D 68 23.60 -15.93 40.64
C SER D 68 23.24 -15.88 42.12
N GLU D 69 23.19 -14.66 42.67
CA GLU D 69 22.89 -14.43 44.08
C GLU D 69 21.38 -14.28 44.29
N GLU D 70 20.70 -13.70 43.30
CA GLU D 70 19.24 -13.52 43.32
C GLU D 70 18.50 -14.83 43.09
N LEU D 71 19.06 -15.67 42.21
CA LEU D 71 18.48 -16.97 41.88
C LEU D 71 18.50 -17.94 43.06
N SER D 72 19.61 -17.93 43.81
CA SER D 72 19.76 -18.78 45.00
C SER D 72 18.89 -18.26 46.14
N ARG D 73 18.68 -16.95 46.18
CA ARG D 73 17.80 -16.31 47.14
C ARG D 73 16.39 -16.87 46.95
N ARG D 74 16.02 -17.12 45.70
CA ARG D 74 14.75 -17.74 45.34
C ARG D 74 14.88 -19.26 45.40
N GLY D 75 16.11 -19.74 45.62
CA GLY D 75 16.42 -21.17 45.74
C GLY D 75 16.48 -21.96 44.44
N GLN D 76 16.19 -21.28 43.33
CA GLN D 76 16.11 -21.91 42.01
C GLN D 76 17.42 -21.98 41.21
N LEU D 77 18.45 -21.26 41.65
CA LEU D 77 19.77 -21.26 41.00
C LEU D 77 20.23 -22.65 40.54
N GLU D 78 20.22 -23.59 41.49
CA GLU D 78 20.63 -24.98 41.28
C GLU D 78 19.74 -25.69 40.26
N GLU D 79 18.44 -25.48 40.39
CA GLU D 79 17.44 -26.11 39.52
C GLU D 79 17.51 -25.57 38.08
N VAL D 80 18.08 -24.38 37.90
CA VAL D 80 18.26 -23.75 36.58
C VAL D 80 19.41 -24.39 35.79
N GLY D 81 20.57 -24.50 36.43
CA GLY D 81 21.76 -25.07 35.80
C GLY D 81 23.04 -24.68 36.52
N GLY D 82 22.87 -24.00 37.66
CA GLY D 82 23.99 -23.53 38.47
C GLY D 82 24.66 -22.30 37.87
N THR D 83 25.84 -21.97 38.39
CA THR D 83 26.62 -20.84 37.88
C THR D 83 27.35 -21.27 36.61
N ALA D 84 27.64 -22.58 36.52
CA ALA D 84 28.32 -23.17 35.37
C ALA D 84 27.57 -22.93 34.05
N TYR D 85 26.24 -22.97 34.12
CA TYR D 85 25.40 -22.69 32.95
C TYR D 85 25.30 -21.18 32.71
N LEU D 86 25.26 -20.41 33.78
CA LEU D 86 25.20 -18.95 33.70
C LEU D 86 26.43 -18.36 33.02
N LEU D 87 27.60 -18.89 33.37
CA LEU D 87 28.88 -18.46 32.78
C LEU D 87 29.00 -18.93 31.34
N GLN D 88 28.29 -20.01 31.01
CA GLN D 88 28.25 -20.57 29.67
C GLN D 88 27.47 -19.66 28.73
N LEU D 89 26.50 -18.92 29.29
CA LEU D 89 25.68 -17.98 28.50
C LEU D 89 26.41 -16.69 28.18
N SER D 90 27.35 -16.29 29.03
CA SER D 90 28.16 -15.09 28.80
C SER D 90 29.11 -15.27 27.62
N GLU D 91 29.77 -16.41 27.58
CA GLU D 91 30.71 -16.74 26.51
C GLU D 91 30.01 -17.15 25.21
N ALA D 92 28.70 -17.38 25.26
CA ALA D 92 27.93 -17.76 24.08
C ALA D 92 27.92 -16.67 23.01
N THR D 93 27.72 -15.41 23.43
CA THR D 93 27.68 -14.28 22.51
C THR D 93 29.02 -13.55 22.53
N PRO D 94 29.51 -13.14 21.35
CA PRO D 94 30.79 -12.42 21.31
C PRO D 94 30.71 -10.90 21.40
N THR D 95 29.55 -10.32 21.09
CA THR D 95 29.45 -8.85 21.02
C THR D 95 28.39 -8.22 21.91
N ALA D 96 27.21 -8.82 21.98
CA ALA D 96 26.08 -8.28 22.77
C ALA D 96 25.46 -7.01 22.16
N ALA D 97 25.99 -6.61 21.01
CA ALA D 97 25.50 -5.44 20.28
C ALA D 97 24.21 -5.74 19.53
N TYR D 98 23.86 -7.02 19.41
CA TYR D 98 22.67 -7.45 18.67
C TYR D 98 21.55 -7.90 19.60
N ALA D 99 21.59 -7.39 20.83
CA ALA D 99 20.60 -7.72 21.85
C ALA D 99 19.16 -7.60 21.34
N GLU D 100 18.86 -6.46 20.72
CA GLU D 100 17.53 -6.18 20.18
C GLU D 100 17.14 -7.15 19.06
N HIS D 101 18.11 -7.50 18.22
CA HIS D 101 17.88 -8.47 17.13
C HIS D 101 17.42 -9.82 17.68
N TYR D 102 18.17 -10.38 18.63
CA TYR D 102 17.83 -11.67 19.21
C TYR D 102 16.53 -11.60 20.01
N ALA D 103 16.27 -10.46 20.62
CA ALA D 103 15.02 -10.26 21.37
C ALA D 103 13.84 -10.24 20.41
N ARG D 104 14.02 -9.60 19.25
CA ARG D 104 12.99 -9.57 18.21
C ARG D 104 12.57 -10.99 17.85
N ILE D 105 13.53 -11.89 17.69
CA ILE D 105 13.27 -13.30 17.38
C ILE D 105 12.44 -13.95 18.48
N VAL D 106 12.87 -13.81 19.73
CA VAL D 106 12.20 -14.40 20.87
C VAL D 106 10.75 -13.93 21.00
N ALA D 107 10.55 -12.62 20.84
CA ALA D 107 9.23 -12.00 20.91
C ALA D 107 8.33 -12.47 19.77
N GLU D 108 8.92 -12.66 18.59
CA GLU D 108 8.14 -13.09 17.44
C GLU D 108 7.64 -14.51 17.59
N LYS D 109 8.52 -15.41 18.01
CA LYS D 109 8.12 -16.80 18.17
C LYS D 109 7.13 -16.97 19.33
N TRP D 110 7.16 -16.07 20.29
CA TRP D 110 6.18 -16.11 21.36
C TRP D 110 4.81 -15.75 20.81
N THR D 111 4.79 -14.78 19.89
CA THR D 111 3.56 -14.38 19.23
C THR D 111 2.96 -15.56 18.47
N LEU D 112 3.76 -16.19 17.62
CA LEU D 112 3.32 -17.38 16.88
C LEU D 112 2.73 -18.41 17.83
N ARG D 113 3.42 -18.65 18.94
CA ARG D 113 2.94 -19.60 19.93
C ARG D 113 1.56 -19.28 20.46
N ARG D 114 1.30 -18.01 20.79
CA ARG D 114 -0.06 -17.68 21.26
C ARG D 114 -1.09 -17.53 20.13
N LEU D 115 -0.65 -17.53 18.88
CA LEU D 115 -1.58 -17.63 17.77
C LEU D 115 -2.07 -19.07 17.69
N ILE D 116 -1.14 -20.02 17.71
CA ILE D 116 -1.46 -21.46 17.72
C ILE D 116 -2.50 -21.71 18.80
N GLN D 117 -2.20 -21.22 20.00
CA GLN D 117 -3.07 -21.39 21.15
C GLN D 117 -4.45 -20.77 20.91
N ALA D 118 -4.48 -19.54 20.42
CA ALA D 118 -5.77 -18.89 20.16
C ALA D 118 -6.60 -19.72 19.19
N ALA D 119 -5.97 -20.16 18.08
CA ALA D 119 -6.62 -21.00 17.08
C ALA D 119 -7.15 -22.30 17.68
N GLY D 120 -6.35 -22.92 18.55
CA GLY D 120 -6.76 -24.13 19.24
C GLY D 120 -8.01 -23.86 20.04
N GLU D 121 -8.02 -22.77 20.80
CA GLU D 121 -9.19 -22.39 21.60
C GLU D 121 -10.40 -22.11 20.70
N ALA D 122 -10.15 -21.45 19.59
CA ALA D 122 -11.18 -21.17 18.60
C ALA D 122 -11.80 -22.47 18.10
N MET D 123 -10.95 -23.39 17.64
CA MET D 123 -11.40 -24.71 17.20
C MET D 123 -12.15 -25.44 18.30
N ARG D 124 -11.59 -25.42 19.50
CA ARG D 124 -12.15 -26.13 20.63
C ARG D 124 -13.52 -25.56 21.03
N LEU D 125 -13.75 -24.27 20.79
CA LEU D 125 -15.07 -23.68 21.06
C LEU D 125 -16.10 -24.17 20.07
N ALA D 126 -15.74 -24.10 18.79
CA ALA D 126 -16.60 -24.54 17.70
C ALA D 126 -16.97 -26.04 17.79
N TYR D 127 -16.02 -26.91 18.13
CA TYR D 127 -16.34 -28.33 18.27
C TYR D 127 -17.38 -28.57 19.36
N GLU D 128 -17.28 -27.82 20.45
CA GLU D 128 -18.17 -27.98 21.59
C GLU D 128 -19.57 -27.44 21.36
N GLU D 129 -19.67 -26.34 20.62
CA GLU D 129 -20.93 -25.63 20.38
C GLU D 129 -21.60 -25.26 21.71
N ALA D 130 -20.90 -24.51 22.55
CA ALA D 130 -21.44 -24.13 23.86
C ALA D 130 -22.54 -23.08 23.73
N GLY D 131 -22.22 -21.94 23.15
CA GLY D 131 -23.19 -20.86 23.02
C GLY D 131 -23.86 -20.86 21.66
N SER D 132 -24.47 -19.73 21.32
CA SER D 132 -25.11 -19.54 20.03
C SER D 132 -24.04 -19.42 18.97
N LEU D 133 -24.43 -19.37 17.69
CA LEU D 133 -23.46 -19.20 16.63
C LEU D 133 -22.69 -17.89 16.85
N ASP D 134 -23.44 -16.80 17.06
CA ASP D 134 -22.85 -15.49 17.25
C ASP D 134 -21.85 -15.49 18.39
N GLU D 135 -22.23 -16.07 19.53
CA GLU D 135 -21.33 -16.16 20.67
C GLU D 135 -20.04 -16.92 20.33
N ILE D 136 -20.18 -18.03 19.62
CA ILE D 136 -19.01 -18.82 19.23
C ILE D 136 -18.19 -18.02 18.22
N LEU D 137 -18.84 -17.49 17.19
CA LEU D 137 -18.16 -16.67 16.20
C LEU D 137 -17.41 -15.51 16.84
N ASP D 138 -18.13 -14.75 17.67
CA ASP D 138 -17.57 -13.59 18.33
C ASP D 138 -16.34 -13.91 19.19
N THR D 139 -16.46 -14.88 20.10
CA THR D 139 -15.36 -15.22 21.00
C THR D 139 -14.19 -15.82 20.26
N ALA D 140 -14.46 -16.82 19.42
CA ALA D 140 -13.39 -17.46 18.64
C ALA D 140 -12.69 -16.45 17.75
N GLY D 141 -13.47 -15.61 17.07
CA GLY D 141 -12.92 -14.57 16.21
C GLY D 141 -11.96 -13.64 16.94
N LYS D 142 -12.46 -13.01 17.99
CA LYS D 142 -11.67 -12.06 18.78
C LYS D 142 -10.40 -12.65 19.36
N LYS D 143 -10.46 -13.89 19.86
CA LYS D 143 -9.25 -14.55 20.36
C LYS D 143 -8.09 -14.50 19.36
N ILE D 144 -8.34 -14.96 18.14
CA ILE D 144 -7.35 -14.93 17.06
C ILE D 144 -6.98 -13.51 16.62
N LEU D 145 -7.99 -12.66 16.43
CA LEU D 145 -7.74 -11.29 15.99
C LEU D 145 -6.94 -10.47 16.98
N GLU D 146 -6.97 -10.85 18.25
CA GLU D 146 -6.27 -10.10 19.30
C GLU D 146 -4.76 -10.31 19.36
N VAL D 147 -4.25 -11.36 18.72
CA VAL D 147 -2.83 -11.67 18.78
C VAL D 147 -2.00 -10.69 17.93
N ALA D 148 -0.96 -10.13 18.54
CA ALA D 148 -0.04 -9.19 17.89
C ALA D 148 1.33 -9.28 18.56
N LEU D 149 2.28 -8.47 18.09
CA LEU D 149 3.61 -8.40 18.70
C LEU D 149 3.53 -8.06 20.17
N THR D 150 2.82 -6.99 20.50
CA THR D 150 2.64 -6.57 21.89
C THR D 150 1.15 -6.44 22.21
N LYS D 151 0.87 -6.22 23.50
CA LYS D 151 -0.49 -6.03 24.03
C LYS D 151 -1.37 -5.22 23.08
N THR D 152 -2.52 -5.79 22.74
CA THR D 152 -3.45 -5.18 21.80
C THR D 152 -4.59 -4.50 22.56
N GLU D 155 -5.62 1.10 21.79
CA GLU D 155 -5.63 1.10 20.32
C GLU D 155 -6.57 2.19 19.78
N ALA D 156 -7.76 1.83 19.33
CA ALA D 156 -8.71 2.83 18.84
C ALA D 156 -9.64 3.23 19.98
N ARG D 157 -9.73 4.53 20.25
CA ARG D 157 -10.53 4.98 21.36
C ARG D 157 -11.81 5.64 20.87
N PRO D 158 -12.94 5.37 21.57
CA PRO D 158 -14.21 5.95 21.14
C PRO D 158 -14.33 7.42 21.54
N MET D 159 -14.95 8.20 20.65
CA MET D 159 -15.14 9.63 20.83
C MET D 159 -15.62 9.96 22.25
N ARG D 160 -16.52 9.14 22.78
CA ARG D 160 -17.04 9.27 24.13
C ARG D 160 -15.95 9.43 25.19
N GLU D 161 -14.95 8.56 25.17
CA GLU D 161 -13.85 8.61 26.13
C GLU D 161 -12.95 9.82 25.91
N LEU D 162 -12.67 10.11 24.65
CA LEU D 162 -11.80 11.23 24.30
C LEU D 162 -12.42 12.54 24.76
N VAL D 163 -13.72 12.70 24.51
CA VAL D 163 -14.42 13.88 24.96
C VAL D 163 -14.36 13.96 26.48
N HIS D 164 -14.50 12.82 27.16
CA HIS D 164 -14.38 12.78 28.62
C HIS D 164 -13.04 13.35 29.05
N GLU D 165 -11.96 12.84 28.46
CA GLU D 165 -10.61 13.26 28.83
C GLU D 165 -10.31 14.71 28.51
N THR D 166 -10.98 15.25 27.50
CA THR D 166 -10.80 16.64 27.14
C THR D 166 -11.20 17.49 28.34
N PHE D 167 -12.31 17.10 28.97
CA PHE D 167 -12.78 17.79 30.17
C PHE D 167 -11.98 17.47 31.43
N GLU D 168 -11.33 16.31 31.46
CA GLU D 168 -10.43 16.00 32.56
C GLU D 168 -9.24 16.95 32.56
N HIS D 169 -8.75 17.31 31.36
CA HIS D 169 -7.63 18.24 31.23
C HIS D 169 -8.08 19.64 31.67
N ILE D 170 -9.30 20.00 31.29
CA ILE D 170 -9.92 21.27 31.66
C ILE D 170 -10.16 21.32 33.18
N GLU D 171 -10.75 20.26 33.72
CA GLU D 171 -11.05 20.15 35.17
C GLU D 171 -9.79 20.28 36.03
N ALA D 172 -8.75 19.53 35.68
CA ALA D 172 -7.48 19.57 36.42
C ALA D 172 -6.82 20.95 36.37
N LEU D 173 -7.05 21.65 35.26
CA LEU D 173 -6.51 22.98 35.03
C LEU D 173 -7.37 24.06 35.72
N PHE D 174 -8.40 23.61 36.44
CA PHE D 174 -9.37 24.44 37.17
C PHE D 174 -10.04 25.51 36.31
N THR D 185 -14.24 40.96 42.78
CA THR D 185 -13.35 41.98 43.33
C THR D 185 -12.53 41.41 44.47
N GLY D 186 -12.85 41.79 45.70
CA GLY D 186 -12.15 41.31 46.88
C GLY D 186 -12.87 41.57 48.19
N PHE D 187 -13.96 42.33 48.13
CA PHE D 187 -14.77 42.66 49.31
C PHE D 187 -15.93 41.68 49.48
N LYS D 188 -15.98 41.02 50.63
CA LYS D 188 -16.96 39.97 50.92
C LYS D 188 -18.44 40.30 50.66
N GLU D 189 -18.91 41.42 51.22
CA GLU D 189 -20.31 41.81 51.07
C GLU D 189 -20.64 42.39 49.69
N LEU D 190 -19.66 43.02 49.05
CA LEU D 190 -19.86 43.58 47.71
C LEU D 190 -19.93 42.49 46.66
N ASP D 191 -19.04 41.51 46.76
CA ASP D 191 -18.98 40.40 45.80
C ASP D 191 -20.26 39.58 45.78
N GLN D 192 -20.91 39.44 46.93
CA GLN D 192 -22.17 38.70 47.03
C GLN D 192 -23.29 39.41 46.26
N LEU D 193 -23.12 40.70 46.00
CA LEU D 193 -24.12 41.48 45.27
C LEU D 193 -23.83 41.53 43.78
N ILE D 194 -22.58 41.77 43.42
CA ILE D 194 -22.20 41.93 42.02
C ILE D 194 -21.72 40.66 41.30
N GLY D 195 -21.29 39.67 42.06
CA GLY D 195 -20.82 38.40 41.49
C GLY D 195 -19.35 38.44 41.11
N THR D 196 -19.07 38.16 39.84
CA THR D 196 -17.71 38.13 39.33
C THR D 196 -17.57 39.03 38.11
N LEU D 197 -16.46 39.77 38.04
CA LEU D 197 -16.17 40.57 36.86
C LEU D 197 -15.64 39.61 35.81
N GLY D 198 -16.53 39.18 34.92
CA GLY D 198 -16.20 38.17 33.93
C GLY D 198 -15.73 38.64 32.56
N PRO D 199 -15.23 37.70 31.73
CA PRO D 199 -14.75 37.93 30.36
C PRO D 199 -15.72 38.72 29.49
N GLY D 200 -15.23 39.82 28.92
CA GLY D 200 -16.03 40.67 28.03
C GLY D 200 -16.74 41.85 28.69
N SER D 201 -16.74 41.86 30.02
CA SER D 201 -17.46 42.90 30.77
C SER D 201 -16.73 44.24 30.86
N LEU D 202 -17.49 45.32 30.70
CA LEU D 202 -17.00 46.67 30.95
C LEU D 202 -17.59 47.11 32.29
N ASN D 203 -16.70 47.32 33.24
CA ASN D 203 -17.06 47.70 34.60
C ASN D 203 -16.60 49.13 34.84
N ILE D 204 -17.52 49.99 35.28
CA ILE D 204 -17.21 51.39 35.48
C ILE D 204 -17.32 51.86 36.92
N ILE D 205 -16.25 52.48 37.40
CA ILE D 205 -16.23 53.09 38.73
C ILE D 205 -16.21 54.60 38.54
N ALA D 206 -17.36 55.23 38.80
CA ALA D 206 -17.52 56.67 38.61
C ALA D 206 -17.78 57.37 39.93
N ALA D 207 -17.12 58.51 40.12
CA ALA D 207 -17.30 59.35 41.31
C ALA D 207 -16.68 60.73 41.09
N ARG D 208 -17.00 61.65 42.01
CA ARG D 208 -16.47 63.01 42.01
C ARG D 208 -14.95 62.95 42.35
N PRO D 209 -14.17 63.95 41.87
CA PRO D 209 -12.76 64.08 42.27
C PRO D 209 -12.51 63.84 43.76
N ALA D 210 -11.45 63.09 44.07
CA ALA D 210 -11.03 62.77 45.45
C ALA D 210 -11.96 61.86 46.26
N MET D 211 -12.82 61.10 45.57
CA MET D 211 -13.74 60.17 46.24
C MET D 211 -13.08 58.84 46.67
N GLY D 212 -11.93 58.54 46.07
CA GLY D 212 -11.20 57.31 46.39
C GLY D 212 -11.18 56.30 45.27
N LYS D 213 -11.65 56.72 44.08
CA LYS D 213 -11.68 55.87 42.89
C LYS D 213 -10.42 55.04 42.68
N THR D 214 -9.29 55.73 42.59
CA THR D 214 -7.98 55.10 42.34
C THR D 214 -7.64 54.09 43.43
N ALA D 215 -7.76 54.52 44.69
CA ALA D 215 -7.47 53.67 45.84
C ALA D 215 -8.33 52.39 45.82
N PHE D 216 -9.62 52.56 45.55
CA PHE D 216 -10.58 51.45 45.47
C PHE D 216 -10.24 50.48 44.34
N ALA D 217 -9.84 51.02 43.19
CA ALA D 217 -9.49 50.21 42.03
C ALA D 217 -8.23 49.41 42.32
N LEU D 218 -7.28 50.02 43.01
CA LEU D 218 -6.03 49.34 43.32
C LEU D 218 -6.20 48.20 44.33
N THR D 219 -7.12 48.37 45.28
CA THR D 219 -7.41 47.29 46.23
C THR D 219 -7.88 46.08 45.42
N ILE D 220 -8.71 46.35 44.40
CA ILE D 220 -9.21 45.32 43.49
C ILE D 220 -8.07 44.63 42.77
N ALA D 221 -7.12 45.43 42.26
CA ALA D 221 -5.95 44.90 41.56
C ALA D 221 -5.07 44.05 42.47
N GLN D 222 -4.89 44.49 43.71
CA GLN D 222 -4.09 43.75 44.69
C GLN D 222 -4.78 42.45 45.07
N ASN D 223 -6.11 42.49 45.15
CA ASN D 223 -6.90 41.30 45.45
C ASN D 223 -6.91 40.29 44.32
N ALA D 224 -7.01 40.77 43.08
CA ALA D 224 -6.98 39.87 41.93
C ALA D 224 -5.61 39.23 41.75
N ALA D 225 -4.56 40.01 41.98
CA ALA D 225 -3.18 39.56 41.78
C ALA D 225 -2.66 38.60 42.84
N LEU D 226 -2.85 38.96 44.11
CA LEU D 226 -2.30 38.19 45.21
C LEU D 226 -3.29 37.17 45.76
N LYS D 227 -4.58 37.47 45.63
CA LYS D 227 -5.64 36.65 46.21
C LYS D 227 -6.17 35.62 45.21
N GLU D 228 -6.44 36.06 43.98
CA GLU D 228 -6.98 35.19 42.93
C GLU D 228 -5.94 34.71 41.93
N GLY D 229 -4.72 35.24 42.02
CA GLY D 229 -3.63 34.87 41.11
C GLY D 229 -3.79 35.38 39.69
N VAL D 230 -4.68 36.35 39.49
CA VAL D 230 -4.94 36.91 38.18
C VAL D 230 -4.09 38.16 37.95
N GLY D 231 -3.22 38.12 36.94
CA GLY D 231 -2.38 39.26 36.60
C GLY D 231 -3.18 40.44 36.09
N VAL D 232 -2.77 41.67 36.41
CA VAL D 232 -3.54 42.85 35.97
C VAL D 232 -2.68 43.97 35.39
N GLY D 233 -3.27 44.69 34.44
CA GLY D 233 -2.61 45.82 33.82
C GLY D 233 -3.30 47.09 34.23
N ILE D 234 -2.53 48.10 34.62
CA ILE D 234 -3.08 49.40 34.98
C ILE D 234 -2.59 50.41 33.96
N TYR D 235 -3.52 51.08 33.29
CA TYR D 235 -3.19 52.17 32.40
C TYR D 235 -3.30 53.45 33.19
N SER D 236 -2.21 53.78 33.88
CA SER D 236 -2.13 54.96 34.72
C SER D 236 -1.93 56.21 33.88
N LEU D 237 -3.04 56.77 33.40
CA LEU D 237 -3.01 58.00 32.61
C LEU D 237 -2.85 59.23 33.49
N GLU D 238 -3.23 59.09 34.76
CA GLU D 238 -3.25 60.22 35.69
C GLU D 238 -1.90 60.66 36.23
N MET D 239 -1.05 59.70 36.60
CA MET D 239 0.23 60.03 37.21
C MET D 239 1.30 59.00 36.90
N PRO D 240 2.59 59.41 36.94
CA PRO D 240 3.70 58.47 36.81
C PRO D 240 3.49 57.21 37.67
N ALA D 241 3.95 56.06 37.18
CA ALA D 241 3.79 54.78 37.88
C ALA D 241 4.44 54.76 39.25
N ALA D 242 5.64 55.33 39.35
CA ALA D 242 6.34 55.41 40.62
C ALA D 242 5.52 56.19 41.66
N GLN D 243 4.73 57.16 41.19
CA GLN D 243 3.84 57.91 42.07
C GLN D 243 2.65 57.06 42.50
N LEU D 244 2.03 56.39 41.53
CA LEU D 244 0.92 55.49 41.77
C LEU D 244 1.32 54.39 42.75
N THR D 245 2.57 53.94 42.67
CA THR D 245 3.09 52.89 43.53
C THR D 245 3.32 53.40 44.94
N LEU D 246 3.94 54.59 45.05
CA LEU D 246 4.24 55.18 46.36
C LEU D 246 2.99 55.43 47.17
N ARG D 247 1.97 55.99 46.53
CA ARG D 247 0.69 56.28 47.18
C ARG D 247 -0.03 54.99 47.61
N MET D 248 0.10 53.95 46.79
CA MET D 248 -0.48 52.66 47.10
C MET D 248 0.25 51.99 48.27
N MET D 249 1.58 52.01 48.21
CA MET D 249 2.43 51.43 49.26
C MET D 249 2.31 52.15 50.60
N CYS D 250 1.60 53.27 50.61
CA CYS D 250 1.32 54.00 51.84
C CYS D 250 0.01 53.51 52.46
N SER D 251 -1.02 53.41 51.62
CA SER D 251 -2.33 52.92 52.04
C SER D 251 -2.23 51.52 52.63
N GLU D 252 -1.34 50.71 52.08
CA GLU D 252 -1.17 49.33 52.53
C GLU D 252 -0.40 49.23 53.83
N ALA D 253 0.75 49.91 53.88
CA ALA D 253 1.62 49.86 55.05
C ALA D 253 1.17 50.82 56.15
N ARG D 254 -0.01 51.42 55.99
CA ARG D 254 -0.50 52.45 56.90
C ARG D 254 0.60 53.50 57.08
N PHE D 270 9.01 52.08 58.44
CA PHE D 270 10.03 51.34 57.69
C PHE D 270 9.79 49.84 57.81
N SER D 271 9.63 49.37 59.05
CA SER D 271 9.42 47.95 59.34
C SER D 271 8.07 47.42 58.85
N ARG D 272 7.13 48.33 58.61
CA ARG D 272 5.82 47.95 58.09
C ARG D 272 5.78 48.05 56.55
N LEU D 273 6.58 48.96 56.00
CA LEU D 273 6.66 49.14 54.56
C LEU D 273 7.39 47.98 53.88
N VAL D 274 8.44 47.47 54.54
CA VAL D 274 9.18 46.31 54.01
C VAL D 274 8.27 45.08 53.91
N ASP D 275 7.20 45.07 54.72
CA ASP D 275 6.26 43.96 54.76
C ASP D 275 5.31 43.96 53.55
N VAL D 276 4.83 45.14 53.16
CA VAL D 276 3.96 45.25 51.98
C VAL D 276 4.79 45.33 50.70
N ALA D 277 6.07 45.66 50.84
CA ALA D 277 6.98 45.75 49.70
C ALA D 277 7.41 44.36 49.26
N SER D 278 7.60 43.47 50.24
CA SER D 278 7.98 42.08 49.98
C SER D 278 6.79 41.23 49.53
N ARG D 279 5.59 41.73 49.79
CA ARG D 279 4.37 41.01 49.49
C ARG D 279 3.77 41.49 48.16
N LEU D 280 3.83 42.79 47.91
CA LEU D 280 3.33 43.39 46.68
C LEU D 280 4.31 43.17 45.54
N SER D 281 5.56 42.86 45.89
CA SER D 281 6.62 42.61 44.92
C SER D 281 6.42 41.24 44.25
N GLU D 282 5.45 40.49 44.75
CA GLU D 282 5.11 39.17 44.24
C GLU D 282 3.99 39.29 43.22
N ALA D 283 3.23 40.37 43.32
CA ALA D 283 2.05 40.60 42.49
C ALA D 283 2.35 40.68 41.00
N PRO D 284 1.54 40.00 40.18
CA PRO D 284 1.55 40.11 38.73
C PRO D 284 0.77 41.33 38.28
N ILE D 285 1.25 42.51 38.66
CA ILE D 285 0.60 43.76 38.26
C ILE D 285 1.53 44.54 37.36
N TYR D 286 0.99 45.08 36.27
CA TYR D 286 1.81 45.81 35.29
C TYR D 286 1.24 47.21 35.08
N ILE D 287 2.09 48.24 35.14
CA ILE D 287 1.61 49.61 35.01
C ILE D 287 2.19 50.28 33.77
N ASP D 288 1.31 50.95 33.01
CA ASP D 288 1.70 51.69 31.82
C ASP D 288 1.47 53.20 32.06
N ASP D 289 2.54 53.98 31.90
CA ASP D 289 2.53 55.43 32.10
C ASP D 289 2.09 56.29 30.93
N THR D 290 2.26 55.80 29.72
CA THR D 290 2.03 56.58 28.50
C THR D 290 0.84 57.53 28.64
N PRO D 291 1.11 58.85 28.60
CA PRO D 291 0.23 59.98 28.91
C PRO D 291 -1.18 59.96 28.34
N ASP D 292 -1.41 60.48 27.12
CA ASP D 292 -2.79 60.39 26.61
C ASP D 292 -2.99 59.47 25.42
N LEU D 293 -3.33 58.24 25.78
CA LEU D 293 -3.53 57.16 24.85
C LEU D 293 -4.86 57.26 24.12
N THR D 294 -4.84 56.90 22.85
CA THR D 294 -6.03 56.81 22.04
C THR D 294 -6.58 55.41 22.26
N LEU D 295 -7.89 55.24 22.08
CA LEU D 295 -8.50 53.92 22.12
C LEU D 295 -7.68 52.94 21.29
N MET D 296 -7.21 53.41 20.14
CA MET D 296 -6.39 52.63 19.23
C MET D 296 -5.10 52.17 19.91
N GLU D 297 -4.44 53.10 20.59
CA GLU D 297 -3.20 52.83 21.28
C GLU D 297 -3.39 51.91 22.48
N VAL D 298 -4.51 52.06 23.19
CA VAL D 298 -4.80 51.19 24.33
C VAL D 298 -5.08 49.77 23.85
N ARG D 299 -5.85 49.66 22.78
CA ARG D 299 -6.16 48.37 22.17
C ARG D 299 -4.87 47.65 21.75
N ALA D 300 -4.02 48.35 21.01
CA ALA D 300 -2.73 47.82 20.58
C ALA D 300 -1.92 47.30 21.75
N ARG D 301 -1.78 48.12 22.79
CA ARG D 301 -1.01 47.77 23.99
C ARG D 301 -1.69 46.68 24.81
N ALA D 302 -2.97 46.86 25.10
CA ALA D 302 -3.75 45.90 25.87
C ALA D 302 -3.63 44.51 25.27
N ARG D 303 -3.69 44.46 23.94
CA ARG D 303 -3.59 43.23 23.15
C ARG D 303 -2.33 42.46 23.51
N ARG D 304 -1.16 43.10 23.38
CA ARG D 304 0.07 42.39 23.71
C ARG D 304 0.32 42.26 25.21
N LEU D 305 -0.41 43.02 26.01
CA LEU D 305 -0.33 42.83 27.45
C LEU D 305 -1.05 41.54 27.84
N VAL D 306 -2.21 41.27 27.25
CA VAL D 306 -2.93 40.04 27.55
C VAL D 306 -2.16 38.86 26.98
N SER D 307 -1.82 38.93 25.69
CA SER D 307 -1.09 37.87 25.00
C SER D 307 0.17 37.41 25.72
N GLN D 308 1.06 38.36 26.00
CA GLN D 308 2.36 38.02 26.54
C GLN D 308 2.41 37.88 28.06
N ASN D 309 1.49 38.52 28.77
CA ASN D 309 1.51 38.50 30.24
C ASN D 309 0.36 37.76 30.94
N GLN D 310 -0.61 37.29 30.16
CA GLN D 310 -1.78 36.59 30.72
C GLN D 310 -2.50 37.43 31.78
N VAL D 311 -2.85 38.67 31.43
CA VAL D 311 -3.46 39.54 32.43
C VAL D 311 -4.89 39.14 32.85
N GLY D 312 -5.89 39.37 32.02
CA GLY D 312 -7.24 38.99 32.43
C GLY D 312 -8.02 40.05 33.19
N LEU D 313 -7.39 41.20 33.45
CA LEU D 313 -8.04 42.37 34.05
C LEU D 313 -7.28 43.63 33.70
N ILE D 314 -7.99 44.62 33.17
CA ILE D 314 -7.38 45.90 32.83
C ILE D 314 -8.11 47.04 33.52
N ILE D 315 -7.34 47.92 34.17
CA ILE D 315 -7.87 49.09 34.84
C ILE D 315 -7.36 50.34 34.14
N ILE D 316 -8.28 51.19 33.70
CA ILE D 316 -7.92 52.46 33.09
C ILE D 316 -8.21 53.59 34.07
N ASP D 317 -7.19 54.42 34.33
CA ASP D 317 -7.32 55.50 35.30
C ASP D 317 -6.71 56.82 34.81
N TYR D 318 -7.55 57.74 34.34
CA TYR D 318 -8.98 57.53 34.24
C TYR D 318 -9.49 57.89 32.85
N LEU D 319 -10.62 57.29 32.47
CA LEU D 319 -11.26 57.44 31.16
C LEU D 319 -11.17 58.83 30.49
N GLN D 320 -11.45 59.88 31.25
CA GLN D 320 -11.50 61.25 30.71
C GLN D 320 -10.18 61.72 30.11
N LEU D 321 -9.09 61.06 30.50
CA LEU D 321 -7.76 61.45 30.07
C LEU D 321 -7.33 60.89 28.70
N MET D 322 -8.19 60.11 28.07
CA MET D 322 -7.90 59.52 26.77
C MET D 322 -8.20 60.46 25.59
N SER D 323 -7.42 60.31 24.52
CA SER D 323 -7.54 61.15 23.34
C SER D 323 -8.32 60.45 22.21
N GLY D 324 -8.78 61.25 21.25
CA GLY D 324 -9.51 60.73 20.09
C GLY D 324 -8.80 61.03 18.78
N ASN D 333 -18.76 68.29 21.49
CA ASN D 333 -17.60 67.84 20.75
C ASN D 333 -16.84 66.77 21.50
N ARG D 334 -16.46 67.09 22.74
CA ARG D 334 -15.72 66.16 23.62
C ARG D 334 -16.63 65.07 24.20
N GLN D 335 -17.89 65.40 24.41
CA GLN D 335 -18.91 64.44 24.89
C GLN D 335 -19.25 63.37 23.85
N GLN D 336 -18.89 63.65 22.59
CA GLN D 336 -19.08 62.73 21.48
C GLN D 336 -17.92 61.72 21.47
N GLU D 337 -16.73 62.21 21.84
CA GLU D 337 -15.52 61.39 21.86
C GLU D 337 -15.52 60.36 22.99
N ILE D 338 -15.99 60.77 24.17
CA ILE D 338 -16.05 59.86 25.33
C ILE D 338 -16.95 58.65 25.04
N ALA D 339 -18.07 58.89 24.35
CA ALA D 339 -18.98 57.82 23.95
C ALA D 339 -18.30 56.87 22.96
N ALA D 340 -17.52 57.44 22.03
CA ALA D 340 -16.77 56.66 21.05
C ALA D 340 -15.70 55.80 21.72
N ILE D 341 -15.10 56.33 22.79
CA ILE D 341 -14.05 55.63 23.53
C ILE D 341 -14.64 54.50 24.39
N SER D 342 -15.77 54.75 25.04
CA SER D 342 -16.42 53.74 25.86
C SER D 342 -16.91 52.57 25.01
N ARG D 343 -17.36 52.89 23.80
CA ARG D 343 -17.87 51.90 22.84
C ARG D 343 -16.77 50.96 22.40
N GLY D 344 -15.56 51.49 22.31
CA GLY D 344 -14.41 50.71 21.93
C GLY D 344 -13.93 49.84 23.08
N LEU D 345 -14.02 50.37 24.30
CA LEU D 345 -13.59 49.64 25.48
C LEU D 345 -14.48 48.43 25.77
N LYS D 346 -15.75 48.56 25.43
CA LYS D 346 -16.68 47.45 25.53
C LYS D 346 -16.30 46.41 24.48
N ALA D 347 -15.97 46.89 23.28
CA ALA D 347 -15.54 46.03 22.19
C ALA D 347 -14.18 45.39 22.50
N LEU D 348 -13.30 46.17 23.14
CA LEU D 348 -11.97 45.69 23.52
C LEU D 348 -12.03 44.57 24.54
N ALA D 349 -12.83 44.75 25.60
CA ALA D 349 -13.05 43.73 26.61
C ALA D 349 -13.58 42.45 25.98
N ARG D 350 -14.47 42.62 25.01
CA ARG D 350 -15.14 41.52 24.33
C ARG D 350 -14.20 40.88 23.30
N GLU D 351 -13.16 41.61 22.89
CA GLU D 351 -12.18 41.11 21.95
C GLU D 351 -11.14 40.30 22.70
N LEU D 352 -10.56 40.91 23.73
CA LEU D 352 -9.53 40.29 24.57
C LEU D 352 -10.08 39.15 25.42
N GLY D 353 -11.37 39.19 25.72
CA GLY D 353 -12.01 38.18 26.54
C GLY D 353 -11.67 38.33 28.01
N ILE D 354 -11.52 39.57 28.47
CA ILE D 354 -11.25 39.85 29.88
C ILE D 354 -12.05 41.06 30.36
N PRO D 355 -12.30 41.16 31.69
CA PRO D 355 -13.00 42.33 32.20
C PRO D 355 -12.12 43.57 32.28
N ILE D 356 -12.69 44.70 31.88
CA ILE D 356 -12.02 45.99 31.97
C ILE D 356 -12.73 46.86 33.01
N ILE D 357 -11.94 47.45 33.89
CA ILE D 357 -12.44 48.40 34.86
C ILE D 357 -11.99 49.79 34.42
N ALA D 358 -12.94 50.59 33.94
CA ALA D 358 -12.65 51.95 33.54
C ALA D 358 -13.10 52.92 34.63
N LEU D 359 -12.19 53.73 35.13
CA LEU D 359 -12.54 54.74 36.12
C LEU D 359 -13.05 55.97 35.40
N SER D 360 -13.88 56.75 36.07
CA SER D 360 -14.50 57.92 35.46
C SER D 360 -14.78 59.01 36.48
N GLN D 361 -14.58 60.26 36.05
CA GLN D 361 -14.85 61.43 36.88
C GLN D 361 -16.31 61.85 36.70
N LEU D 362 -16.83 62.61 37.65
CA LEU D 362 -18.18 63.14 37.57
C LEU D 362 -18.20 64.66 37.50
N SER D 363 -19.24 65.19 36.88
CA SER D 363 -19.46 66.61 36.71
C SER D 363 -19.65 67.32 38.05
N ARG D 364 -19.59 68.66 38.01
CA ARG D 364 -19.90 69.50 39.16
C ARG D 364 -21.42 69.60 39.33
N ALA D 365 -22.15 68.98 38.40
CA ALA D 365 -23.61 68.92 38.44
C ALA D 365 -24.11 68.15 39.66
N VAL D 366 -23.31 67.20 40.12
CA VAL D 366 -23.60 66.38 41.29
C VAL D 366 -23.61 67.25 42.56
N GLU D 367 -22.86 68.35 42.51
CA GLU D 367 -22.76 69.31 43.62
C GLU D 367 -23.93 70.29 43.66
N ALA D 368 -24.70 70.34 42.57
CA ALA D 368 -25.78 71.31 42.40
C ALA D 368 -27.15 70.92 42.99
N ARG D 369 -27.18 69.82 43.74
CA ARG D 369 -28.44 69.33 44.33
C ARG D 369 -28.26 68.89 45.79
N PRO D 370 -29.36 68.92 46.59
CA PRO D 370 -29.29 68.45 47.98
C PRO D 370 -28.75 67.01 48.10
N ASN D 371 -29.26 66.10 47.27
CA ASN D 371 -28.78 64.71 47.27
C ASN D 371 -27.54 64.53 46.39
N LYS D 372 -26.38 64.68 47.02
CA LYS D 372 -25.09 64.64 46.31
C LYS D 372 -24.58 63.22 45.94
N ARG D 373 -25.46 62.22 46.08
CA ARG D 373 -25.13 60.85 45.69
C ARG D 373 -25.23 60.71 44.17
N PRO D 374 -24.26 60.05 43.54
CA PRO D 374 -24.30 59.87 42.09
C PRO D 374 -25.37 58.87 41.64
N MET D 375 -25.88 59.07 40.43
CA MET D 375 -26.87 58.18 39.82
C MET D 375 -26.67 58.15 38.30
N LEU D 376 -27.19 57.12 37.65
CA LEU D 376 -27.03 56.94 36.20
C LEU D 376 -27.17 58.22 35.37
N SER D 377 -28.10 59.08 35.79
CA SER D 377 -28.35 60.35 35.12
C SER D 377 -27.09 61.21 34.98
N ASP D 378 -26.17 61.08 35.93
CA ASP D 378 -24.97 61.91 35.96
C ASP D 378 -23.93 61.57 34.90
N LEU D 379 -24.11 60.42 34.23
CA LEU D 379 -23.21 60.00 33.15
C LEU D 379 -23.75 60.44 31.79
N ARG D 380 -24.98 60.98 31.78
CA ARG D 380 -25.62 61.55 30.58
C ARG D 380 -24.65 62.54 29.94
N GLU D 381 -23.93 63.25 30.81
CA GLU D 381 -22.92 64.25 30.43
C GLU D 381 -21.83 63.66 29.54
N SER D 382 -21.17 62.61 30.02
CA SER D 382 -20.08 61.96 29.28
C SER D 382 -20.58 60.99 28.19
N GLY D 383 -21.73 61.33 27.59
CA GLY D 383 -22.33 60.58 26.49
C GLY D 383 -22.87 59.21 26.80
N SER D 384 -22.64 58.28 25.87
CA SER D 384 -23.12 56.90 25.98
C SER D 384 -22.13 55.98 26.71
N ILE D 385 -21.90 56.26 27.99
CA ILE D 385 -21.06 55.41 28.82
C ILE D 385 -21.96 54.34 29.45
N GLU D 386 -23.06 54.79 30.04
CA GLU D 386 -24.05 53.93 30.66
C GLU D 386 -24.46 52.77 29.75
N GLN D 387 -24.90 53.12 28.54
CA GLN D 387 -25.50 52.16 27.59
C GLN D 387 -24.66 50.93 27.23
N ASP D 388 -23.36 51.10 27.10
CA ASP D 388 -22.47 49.97 26.79
C ASP D 388 -21.54 49.66 27.97
N ALA D 389 -22.14 49.35 29.11
CA ALA D 389 -21.40 48.97 30.33
C ALA D 389 -22.20 47.95 31.12
N ASP D 390 -21.54 46.87 31.54
CA ASP D 390 -22.20 45.80 32.28
C ASP D 390 -22.37 46.08 33.76
N LEU D 391 -21.52 46.96 34.31
CA LEU D 391 -21.56 47.30 35.72
C LEU D 391 -21.14 48.73 35.95
N VAL D 392 -22.04 49.50 36.57
CA VAL D 392 -21.74 50.89 36.93
C VAL D 392 -21.79 51.00 38.45
N MET D 393 -20.68 51.46 39.02
CA MET D 393 -20.55 51.61 40.46
C MET D 393 -20.10 53.00 40.82
N PHE D 394 -20.74 53.57 41.84
CA PHE D 394 -20.41 54.89 42.32
C PHE D 394 -19.87 54.84 43.74
N ILE D 395 -19.07 55.84 44.10
CA ILE D 395 -18.54 55.96 45.45
C ILE D 395 -19.06 57.23 46.10
N TYR D 396 -19.65 57.07 47.30
CA TYR D 396 -20.13 58.20 48.09
C TYR D 396 -19.69 58.04 49.54
N ARG D 397 -19.24 59.15 50.12
CA ARG D 397 -18.80 59.21 51.52
C ARG D 397 -19.14 60.55 52.17
N ASP D 398 -19.97 60.51 53.22
CA ASP D 398 -20.41 61.70 53.95
C ASP D 398 -19.35 62.79 54.13
N GLU D 399 -18.27 62.44 54.83
CA GLU D 399 -17.17 63.37 55.18
C GLU D 399 -16.80 64.41 54.13
N TYR D 400 -16.59 63.94 52.90
CA TYR D 400 -16.24 64.79 51.76
C TYR D 400 -17.17 66.01 51.64
N TYR D 401 -18.39 65.88 52.14
CA TYR D 401 -19.36 66.97 52.15
C TYR D 401 -19.73 67.40 53.56
N ASN D 402 -19.74 66.45 54.49
CA ASN D 402 -20.10 66.70 55.88
C ASN D 402 -19.01 66.30 56.89
N PRO D 403 -18.11 67.23 57.25
CA PRO D 403 -17.08 66.95 58.24
C PRO D 403 -17.61 66.93 59.67
N HIS D 404 -18.83 67.44 59.86
CA HIS D 404 -19.45 67.51 61.19
C HIS D 404 -20.21 66.25 61.61
N SER D 405 -20.83 65.56 60.64
CA SER D 405 -21.66 64.38 60.93
C SER D 405 -21.97 63.56 59.67
N GLU D 406 -22.21 62.25 59.80
CA GLU D 406 -22.19 61.54 61.08
C GLU D 406 -21.35 60.27 61.01
N LYS D 407 -21.52 59.49 59.95
CA LYS D 407 -20.75 58.26 59.75
C LYS D 407 -19.34 58.56 59.25
N ALA D 408 -18.43 58.78 60.20
CA ALA D 408 -17.03 59.13 59.95
C ALA D 408 -16.34 58.31 58.86
N GLY D 409 -15.87 57.11 59.20
CA GLY D 409 -15.12 56.29 58.24
C GLY D 409 -15.94 55.32 57.44
N ILE D 410 -17.00 55.82 56.79
CA ILE D 410 -17.92 54.96 56.03
C ILE D 410 -18.07 55.40 54.57
N ALA D 411 -17.82 54.47 53.66
CA ALA D 411 -17.96 54.71 52.22
C ALA D 411 -19.04 53.83 51.62
N GLU D 412 -19.87 54.42 50.77
CA GLU D 412 -20.95 53.72 50.09
C GLU D 412 -20.57 53.37 48.67
N ILE D 413 -20.85 52.14 48.26
CA ILE D 413 -20.64 51.74 46.87
C ILE D 413 -22.01 51.47 46.24
N ILE D 414 -22.48 52.46 45.48
CA ILE D 414 -23.80 52.38 44.84
C ILE D 414 -23.69 51.74 43.47
N VAL D 415 -24.32 50.58 43.32
CA VAL D 415 -24.37 49.88 42.04
C VAL D 415 -25.55 50.41 41.23
N GLY D 416 -25.25 51.27 40.26
CA GLY D 416 -26.27 51.91 39.44
C GLY D 416 -26.79 51.04 38.30
N LYS D 417 -26.04 49.98 37.98
CA LYS D 417 -26.38 49.08 36.89
C LYS D 417 -25.62 47.77 37.08
N GLN D 418 -26.23 46.66 36.70
CA GLN D 418 -25.60 45.35 36.77
C GLN D 418 -26.23 44.37 35.78
N ARG D 419 -25.62 43.19 35.65
CA ARG D 419 -26.13 42.14 34.77
C ARG D 419 -26.73 40.94 35.53
N ASN D 420 -25.93 40.33 36.42
CA ASN D 420 -26.32 39.15 37.20
C ASN D 420 -27.48 39.39 38.17
N GLY D 421 -27.27 40.27 39.15
CA GLY D 421 -28.29 40.59 40.15
C GLY D 421 -28.88 41.97 39.96
N PRO D 422 -29.49 42.53 41.02
CA PRO D 422 -30.11 43.84 40.95
C PRO D 422 -29.19 44.97 41.41
N THR D 423 -29.76 46.17 41.54
CA THR D 423 -29.05 47.34 42.05
C THR D 423 -28.98 47.26 43.57
N GLY D 424 -28.15 48.12 44.18
CA GLY D 424 -28.02 48.15 45.62
C GLY D 424 -26.83 48.95 46.11
N THR D 425 -26.82 49.24 47.40
CA THR D 425 -25.76 50.02 48.02
C THR D 425 -25.05 49.19 49.09
N VAL D 426 -23.74 49.08 48.98
CA VAL D 426 -22.93 48.36 49.96
C VAL D 426 -22.07 49.39 50.70
N GLU D 427 -21.79 49.10 51.97
CA GLU D 427 -21.11 50.04 52.86
C GLU D 427 -19.73 49.51 53.27
N LEU D 428 -18.69 50.32 53.10
CA LEU D 428 -17.32 49.92 53.46
C LEU D 428 -16.58 50.92 54.35
N GLN D 429 -15.45 50.50 54.90
CA GLN D 429 -14.62 51.36 55.74
C GLN D 429 -13.64 52.19 54.90
N PHE D 430 -13.73 53.50 55.04
CA PHE D 430 -12.83 54.42 54.36
C PHE D 430 -12.04 55.23 55.39
N HIS D 431 -10.72 55.06 55.36
CA HIS D 431 -9.83 55.78 56.28
C HIS D 431 -9.13 56.89 55.52
N ALA D 432 -9.65 58.12 55.64
CA ALA D 432 -9.08 59.29 54.99
C ALA D 432 -7.63 59.54 55.42
N SER D 433 -7.28 59.04 56.61
CA SER D 433 -5.93 59.14 57.17
C SER D 433 -4.89 58.55 56.21
N HIS D 434 -5.19 57.36 55.68
CA HIS D 434 -4.31 56.65 54.76
C HIS D 434 -4.90 56.41 53.37
N VAL D 435 -6.07 57.01 53.11
CA VAL D 435 -6.82 56.85 51.85
C VAL D 435 -6.93 55.35 51.49
N ARG D 436 -7.48 54.59 52.43
CA ARG D 436 -7.53 53.12 52.37
C ARG D 436 -8.96 52.57 52.44
N PHE D 437 -9.16 51.40 51.83
CA PHE D 437 -10.43 50.70 51.86
C PHE D 437 -10.34 49.36 52.59
N ASN D 438 -11.28 49.11 53.50
CA ASN D 438 -11.39 47.85 54.25
C ASN D 438 -12.83 47.33 54.28
N ASP D 439 -13.01 46.12 54.79
CA ASP D 439 -14.34 45.58 55.02
C ASP D 439 -14.93 46.18 56.28
N LEU D 440 -16.25 46.00 56.44
CA LEU D 440 -16.97 46.57 57.58
C LEU D 440 -17.08 45.54 58.70
#